data_1PPQ
#
_entry.id   1PPQ
#
_entity_poly.entity_id   1
_entity_poly.type   'polypeptide(L)'
_entity_poly.pdbx_seq_one_letter_code
;EAEAKSCKTPPDPVNGMVHVITDIQVGSRITYSCTTGHRLIGHSSAECILSGNTAHWSTKPPICQRIP
;
_entity_poly.pdbx_strand_id   A
#
# COMPACT_ATOMS: atom_id res chain seq x y z
N GLU A 1 2.39 -13.46 -15.10
CA GLU A 1 3.23 -14.23 -14.15
C GLU A 1 4.69 -14.28 -14.64
N ALA A 2 5.09 -13.27 -15.38
CA ALA A 2 6.44 -13.20 -15.91
C ALA A 2 7.05 -11.83 -15.68
N GLU A 3 8.36 -11.80 -15.41
CA GLU A 3 9.10 -10.55 -15.20
C GLU A 3 8.67 -9.87 -13.90
N ALA A 4 7.62 -10.39 -13.27
CA ALA A 4 7.13 -9.85 -12.02
C ALA A 4 6.69 -8.40 -12.17
N LYS A 5 6.27 -7.79 -11.06
CA LYS A 5 5.81 -6.40 -11.06
C LYS A 5 4.60 -6.22 -11.96
N SER A 6 3.47 -5.85 -11.36
CA SER A 6 2.23 -5.67 -12.10
C SER A 6 1.25 -4.79 -11.34
N CYS A 7 1.57 -4.49 -10.08
CA CYS A 7 0.72 -3.66 -9.24
C CYS A 7 1.18 -2.20 -9.28
N LYS A 8 0.24 -1.31 -9.60
CA LYS A 8 0.53 0.12 -9.65
C LYS A 8 0.67 0.70 -8.25
N THR A 9 1.75 1.44 -8.02
CA THR A 9 2.03 2.01 -6.70
C THR A 9 0.92 2.95 -6.26
N PRO A 10 0.47 2.82 -5.00
CA PRO A 10 -0.62 3.66 -4.46
C PRO A 10 -0.18 5.09 -4.20
N PRO A 11 -1.11 6.05 -4.33
CA PRO A 11 -0.81 7.47 -4.11
C PRO A 11 -0.49 7.77 -2.65
N ASP A 12 0.39 8.73 -2.43
CA ASP A 12 0.82 9.08 -1.07
C ASP A 12 -0.36 9.52 -0.22
N PRO A 13 -0.69 8.75 0.84
CA PRO A 13 -1.80 9.07 1.74
C PRO A 13 -1.67 10.46 2.35
N VAL A 14 -2.80 11.03 2.76
CA VAL A 14 -2.81 12.36 3.36
C VAL A 14 -1.96 12.39 4.63
N ASN A 15 -1.10 13.41 4.73
CA ASN A 15 -0.22 13.54 5.89
C ASN A 15 0.57 12.26 6.15
N GLY A 16 0.85 11.53 5.08
CA GLY A 16 1.59 10.28 5.20
C GLY A 16 2.40 9.97 3.96
N MET A 17 2.95 8.75 3.91
CA MET A 17 3.75 8.32 2.78
C MET A 17 3.88 6.80 2.76
N VAL A 18 3.85 6.23 1.55
CA VAL A 18 3.98 4.79 1.39
C VAL A 18 5.44 4.39 1.27
N HIS A 19 5.78 3.23 1.83
CA HIS A 19 7.16 2.74 1.82
C HIS A 19 7.27 1.38 1.15
N VAL A 20 8.21 1.26 0.23
CA VAL A 20 8.47 -0.01 -0.45
C VAL A 20 9.53 -0.83 0.30
N ILE A 21 9.22 -2.09 0.54
CA ILE A 21 10.11 -2.95 1.33
C ILE A 21 11.31 -3.40 0.50
N THR A 22 11.05 -3.87 -0.72
CA THR A 22 12.11 -4.33 -1.61
C THR A 22 11.82 -3.95 -3.05
N ASP A 23 10.73 -4.49 -3.60
CA ASP A 23 10.37 -4.25 -4.99
C ASP A 23 8.85 -4.28 -5.16
N ILE A 24 8.39 -3.89 -6.34
CA ILE A 24 6.96 -3.87 -6.64
C ILE A 24 6.53 -5.13 -7.37
N GLN A 25 7.21 -6.25 -7.06
CA GLN A 25 6.91 -7.53 -7.69
C GLN A 25 5.77 -8.24 -6.97
N VAL A 26 4.94 -8.94 -7.73
CA VAL A 26 3.83 -9.68 -7.16
C VAL A 26 4.31 -10.71 -6.13
N GLY A 27 3.64 -10.73 -4.98
CA GLY A 27 4.05 -11.62 -3.91
C GLY A 27 4.75 -10.90 -2.78
N SER A 28 5.00 -9.61 -2.99
CA SER A 28 5.67 -8.79 -1.97
C SER A 28 4.64 -8.21 -1.00
N ARG A 29 5.13 -7.47 -0.01
CA ARG A 29 4.26 -6.87 1.00
C ARG A 29 4.84 -5.56 1.52
N ILE A 30 4.47 -4.46 0.86
CA ILE A 30 4.91 -3.14 1.29
C ILE A 30 4.13 -2.67 2.52
N THR A 31 4.46 -1.48 3.01
CA THR A 31 3.82 -0.94 4.21
C THR A 31 3.48 0.54 4.03
N TYR A 32 2.62 1.05 4.90
CA TYR A 32 2.21 2.45 4.84
C TYR A 32 2.50 3.15 6.15
N SER A 33 2.63 4.48 6.10
CA SER A 33 2.92 5.27 7.29
C SER A 33 2.15 6.58 7.28
N CYS A 34 2.24 7.32 8.39
CA CYS A 34 1.55 8.59 8.51
C CYS A 34 2.21 9.45 9.59
N THR A 35 1.79 10.71 9.69
CA THR A 35 2.32 11.61 10.70
C THR A 35 2.14 11.05 12.10
N THR A 36 3.08 11.35 12.99
CA THR A 36 3.06 10.82 14.34
C THR A 36 1.80 11.28 15.09
N GLY A 37 0.98 10.31 15.49
CA GLY A 37 -0.26 10.64 16.19
C GLY A 37 -1.49 10.21 15.41
N HIS A 38 -1.28 9.81 14.15
CA HIS A 38 -2.38 9.38 13.31
C HIS A 38 -2.37 7.87 13.11
N ARG A 39 -3.44 7.20 13.52
CA ARG A 39 -3.54 5.75 13.37
C ARG A 39 -3.99 5.38 11.97
N LEU A 40 -3.40 4.32 11.42
CA LEU A 40 -3.72 3.88 10.07
C LEU A 40 -5.12 3.27 10.02
N ILE A 41 -6.02 3.93 9.30
CA ILE A 41 -7.39 3.44 9.15
C ILE A 41 -7.46 2.40 8.03
N GLY A 42 -6.88 1.23 8.28
CA GLY A 42 -6.86 0.17 7.28
C GLY A 42 -6.18 -1.09 7.77
N HIS A 43 -5.14 -1.50 7.08
CA HIS A 43 -4.42 -2.73 7.41
C HIS A 43 -2.96 -2.45 7.70
N SER A 44 -2.52 -1.24 7.38
CA SER A 44 -1.11 -0.85 7.56
C SER A 44 -0.20 -1.76 6.74
N SER A 45 -0.75 -2.31 5.66
CA SER A 45 0.00 -3.26 4.83
C SER A 45 -0.68 -3.43 3.47
N ALA A 46 -0.01 -4.14 2.57
CA ALA A 46 -0.54 -4.38 1.24
C ALA A 46 -0.01 -5.69 0.67
N GLU A 47 -0.71 -6.21 -0.34
CA GLU A 47 -0.30 -7.45 -1.01
C GLU A 47 -0.62 -7.40 -2.50
N CYS A 48 0.42 -7.37 -3.32
CA CYS A 48 0.24 -7.32 -4.77
C CYS A 48 -0.47 -8.57 -5.28
N ILE A 49 -1.77 -8.46 -5.52
CA ILE A 49 -2.56 -9.58 -6.00
C ILE A 49 -3.29 -9.24 -7.30
N LEU A 50 -3.32 -10.19 -8.21
CA LEU A 50 -3.98 -10.00 -9.50
C LEU A 50 -5.48 -10.31 -9.40
N SER A 51 -6.30 -9.35 -9.79
CA SER A 51 -7.75 -9.52 -9.75
C SER A 51 -8.28 -10.01 -11.09
N GLY A 52 -7.38 -10.55 -11.91
CA GLY A 52 -7.76 -11.04 -13.22
C GLY A 52 -6.86 -10.53 -14.33
N ASN A 53 -7.21 -9.37 -14.90
CA ASN A 53 -6.40 -8.77 -15.95
C ASN A 53 -5.74 -7.49 -15.47
N THR A 54 -5.84 -7.24 -14.16
CA THR A 54 -5.25 -6.05 -13.57
C THR A 54 -4.79 -6.31 -12.14
N ALA A 55 -3.50 -6.15 -11.89
CA ALA A 55 -2.94 -6.38 -10.57
C ALA A 55 -2.94 -5.10 -9.74
N HIS A 56 -3.41 -5.20 -8.50
CA HIS A 56 -3.45 -4.04 -7.61
C HIS A 56 -3.24 -4.47 -6.16
N TRP A 57 -3.11 -3.50 -5.26
CA TRP A 57 -2.89 -3.77 -3.85
C TRP A 57 -4.20 -4.02 -3.12
N SER A 58 -4.23 -5.07 -2.32
CA SER A 58 -5.46 -5.53 -1.70
C SER A 58 -6.00 -4.51 -0.71
N THR A 59 -5.14 -3.57 -0.30
CA THR A 59 -5.53 -2.57 0.69
C THR A 59 -6.08 -1.31 0.02
N LYS A 60 -7.16 -0.77 0.59
CA LYS A 60 -7.72 0.48 0.12
C LYS A 60 -6.86 1.67 0.57
N PRO A 61 -6.96 2.81 -0.13
CA PRO A 61 -6.16 4.01 0.18
C PRO A 61 -6.25 4.38 1.66
N PRO A 62 -5.17 4.16 2.42
CA PRO A 62 -5.15 4.39 3.88
C PRO A 62 -5.48 5.83 4.23
N ILE A 63 -6.08 6.02 5.41
CA ILE A 63 -6.42 7.35 5.89
C ILE A 63 -5.79 7.62 7.25
N CYS A 64 -5.77 8.89 7.66
CA CYS A 64 -5.24 9.27 8.96
C CYS A 64 -6.28 10.04 9.76
N GLN A 65 -6.70 9.47 10.89
CA GLN A 65 -7.83 9.99 11.65
C GLN A 65 -7.39 11.12 12.57
N ARG A 66 -6.08 11.21 12.82
CA ARG A 66 -5.53 12.20 13.75
C ARG A 66 -6.04 11.96 15.17
N ILE A 67 -5.13 11.59 16.06
CA ILE A 67 -5.49 11.27 17.43
C ILE A 67 -4.89 12.27 18.42
N PRO A 68 -5.73 12.88 19.28
CA PRO A 68 -5.27 13.85 20.28
C PRO A 68 -4.18 13.28 21.18
N GLU A 1 1.18 -13.01 -23.70
CA GLU A 1 0.91 -13.61 -22.37
C GLU A 1 -0.15 -12.80 -21.62
N ALA A 2 -1.03 -13.51 -20.92
CA ALA A 2 -2.10 -12.87 -20.16
C ALA A 2 -1.67 -12.62 -18.71
N GLU A 3 -0.36 -12.58 -18.49
CA GLU A 3 0.18 -12.35 -17.15
C GLU A 3 0.58 -10.88 -16.97
N ALA A 4 0.27 -10.33 -15.80
CA ALA A 4 0.58 -8.94 -15.50
C ALA A 4 0.92 -8.76 -14.02
N LYS A 5 2.21 -8.76 -13.72
CA LYS A 5 2.67 -8.59 -12.34
C LYS A 5 3.14 -7.16 -12.11
N SER A 6 3.88 -6.96 -11.02
CA SER A 6 4.47 -5.66 -10.71
C SER A 6 3.37 -4.61 -10.51
N CYS A 7 2.81 -4.59 -9.32
CA CYS A 7 1.75 -3.62 -8.99
C CYS A 7 2.26 -2.19 -9.11
N LYS A 8 1.33 -1.25 -9.14
CA LYS A 8 1.68 0.17 -9.09
C LYS A 8 2.15 0.55 -7.68
N THR A 9 2.27 1.85 -7.44
CA THR A 9 2.66 2.34 -6.13
C THR A 9 1.53 3.12 -5.46
N PRO A 10 1.26 2.83 -4.18
CA PRO A 10 0.16 3.49 -3.44
C PRO A 10 0.37 5.00 -3.31
N PRO A 11 -0.73 5.77 -3.29
CA PRO A 11 -0.67 7.23 -3.16
C PRO A 11 -0.14 7.66 -1.79
N ASP A 12 0.74 8.66 -1.80
CA ASP A 12 1.35 9.14 -0.57
C ASP A 12 0.29 9.62 0.42
N PRO A 13 0.15 8.92 1.56
CA PRO A 13 -0.83 9.29 2.59
C PRO A 13 -0.65 10.72 3.09
N VAL A 14 -1.75 11.39 3.40
CA VAL A 14 -1.72 12.75 3.91
C VAL A 14 -1.00 12.80 5.26
N ASN A 15 -0.14 13.79 5.43
CA ASN A 15 0.69 13.90 6.64
C ASN A 15 1.46 12.61 6.89
N GLY A 16 1.65 11.82 5.83
CA GLY A 16 2.37 10.56 5.97
C GLY A 16 3.18 10.22 4.74
N MET A 17 3.57 8.95 4.62
CA MET A 17 4.37 8.49 3.50
C MET A 17 4.38 6.97 3.42
N VAL A 18 4.47 6.45 2.20
CA VAL A 18 4.54 5.00 1.99
C VAL A 18 5.98 4.53 1.88
N HIS A 19 6.26 3.35 2.42
CA HIS A 19 7.62 2.82 2.43
C HIS A 19 7.76 1.66 1.45
N VAL A 20 8.53 1.88 0.40
CA VAL A 20 8.88 0.80 -0.53
C VAL A 20 10.08 0.01 -0.01
N ILE A 21 9.80 -1.07 0.69
CA ILE A 21 10.84 -1.84 1.38
C ILE A 21 11.88 -2.37 0.39
N THR A 22 11.48 -3.35 -0.42
CA THR A 22 12.40 -3.99 -1.35
C THR A 22 12.04 -3.68 -2.79
N ASP A 23 11.22 -4.54 -3.39
CA ASP A 23 10.76 -4.33 -4.76
C ASP A 23 9.24 -4.28 -4.83
N ILE A 24 8.71 -4.10 -6.03
CA ILE A 24 7.27 -4.02 -6.23
C ILE A 24 6.78 -5.12 -7.16
N GLN A 25 6.92 -6.35 -6.71
CA GLN A 25 6.46 -7.51 -7.49
C GLN A 25 5.41 -8.30 -6.72
N VAL A 26 4.91 -9.36 -7.35
CA VAL A 26 3.90 -10.21 -6.72
C VAL A 26 4.47 -10.94 -5.51
N GLY A 27 3.70 -10.97 -4.42
CA GLY A 27 4.14 -11.65 -3.22
C GLY A 27 4.79 -10.72 -2.22
N SER A 28 5.38 -9.63 -2.72
CA SER A 28 6.06 -8.67 -1.87
C SER A 28 5.05 -7.92 -0.98
N ARG A 29 5.53 -7.38 0.13
CA ARG A 29 4.68 -6.68 1.07
C ARG A 29 5.36 -5.43 1.60
N ILE A 30 4.84 -4.27 1.22
CA ILE A 30 5.34 -3.00 1.73
C ILE A 30 4.57 -2.56 2.96
N THR A 31 5.04 -1.49 3.60
CA THR A 31 4.42 -0.99 4.82
C THR A 31 4.11 0.49 4.73
N TYR A 32 2.97 0.90 5.31
CA TYR A 32 2.56 2.29 5.29
C TYR A 32 2.90 2.98 6.61
N SER A 33 2.75 4.31 6.64
CA SER A 33 3.01 5.08 7.85
C SER A 33 2.35 6.45 7.76
N CYS A 34 2.24 7.11 8.91
CA CYS A 34 1.67 8.46 8.96
C CYS A 34 2.28 9.26 10.10
N THR A 35 1.97 10.55 10.15
CA THR A 35 2.44 11.41 11.24
C THR A 35 2.05 10.84 12.59
N THR A 36 2.97 10.95 13.56
CA THR A 36 2.76 10.36 14.88
C THR A 36 1.47 10.87 15.52
N GLY A 37 0.62 9.93 15.92
CA GLY A 37 -0.65 10.30 16.52
C GLY A 37 -1.84 9.75 15.75
N HIS A 38 -1.98 10.20 14.51
CA HIS A 38 -3.10 9.79 13.67
C HIS A 38 -3.17 8.28 13.53
N ARG A 39 -4.37 7.73 13.63
CA ARG A 39 -4.57 6.29 13.53
C ARG A 39 -4.68 5.85 12.07
N LEU A 40 -4.04 4.74 11.74
CA LEU A 40 -4.05 4.22 10.38
C LEU A 40 -5.38 3.51 10.09
N ILE A 41 -6.08 3.98 9.08
CA ILE A 41 -7.34 3.36 8.67
C ILE A 41 -7.09 2.26 7.64
N GLY A 42 -6.71 1.08 8.13
CA GLY A 42 -6.42 -0.04 7.25
C GLY A 42 -5.67 -1.15 7.95
N HIS A 43 -4.42 -1.36 7.53
CA HIS A 43 -3.59 -2.41 8.12
C HIS A 43 -2.12 -2.04 8.05
N SER A 44 -1.86 -0.79 7.69
CA SER A 44 -0.48 -0.28 7.59
C SER A 44 0.41 -1.23 6.80
N SER A 45 -0.20 -1.96 5.86
CA SER A 45 0.54 -2.91 5.04
C SER A 45 -0.28 -3.33 3.82
N ALA A 46 0.39 -3.87 2.81
CA ALA A 46 -0.28 -4.31 1.59
C ALA A 46 0.54 -5.37 0.86
N GLU A 47 -0.12 -6.13 0.01
CA GLU A 47 0.54 -7.20 -0.74
C GLU A 47 0.11 -7.17 -2.21
N CYS A 48 1.08 -7.18 -3.11
CA CYS A 48 0.80 -7.16 -4.54
C CYS A 48 0.17 -8.47 -4.99
N ILE A 49 -1.14 -8.44 -5.23
CA ILE A 49 -1.87 -9.64 -5.64
C ILE A 49 -2.81 -9.34 -6.81
N LEU A 50 -3.07 -10.36 -7.62
CA LEU A 50 -3.99 -10.22 -8.74
C LEU A 50 -5.43 -10.53 -8.31
N SER A 51 -6.20 -9.48 -8.06
CA SER A 51 -7.59 -9.64 -7.65
C SER A 51 -8.55 -9.34 -8.80
N GLY A 52 -8.00 -9.28 -10.01
CA GLY A 52 -8.81 -9.00 -11.18
C GLY A 52 -8.01 -9.01 -12.46
N ASN A 53 -8.18 -7.98 -13.28
CA ASN A 53 -7.48 -7.88 -14.56
C ASN A 53 -6.17 -7.12 -14.40
N THR A 54 -5.97 -6.54 -13.22
CA THR A 54 -4.77 -5.77 -12.94
C THR A 54 -4.26 -6.02 -11.53
N ALA A 55 -2.95 -6.09 -11.38
CA ALA A 55 -2.34 -6.34 -10.07
C ALA A 55 -2.37 -5.09 -9.21
N HIS A 56 -3.11 -5.16 -8.10
CA HIS A 56 -3.16 -4.07 -7.14
C HIS A 56 -2.89 -4.57 -5.73
N TRP A 57 -2.76 -3.65 -4.78
CA TRP A 57 -2.49 -4.01 -3.39
C TRP A 57 -3.77 -4.39 -2.67
N SER A 58 -3.67 -5.37 -1.78
CA SER A 58 -4.84 -5.90 -1.08
C SER A 58 -5.61 -4.79 -0.36
N THR A 59 -4.99 -4.24 0.69
CA THR A 59 -5.64 -3.23 1.52
C THR A 59 -5.93 -1.96 0.72
N LYS A 60 -7.11 -1.39 0.96
CA LYS A 60 -7.48 -0.12 0.33
C LYS A 60 -6.55 1.00 0.77
N PRO A 61 -6.43 2.07 -0.04
CA PRO A 61 -5.57 3.21 0.28
C PRO A 61 -5.78 3.72 1.70
N PRO A 62 -4.80 3.49 2.60
CA PRO A 62 -4.91 3.86 4.01
C PRO A 62 -5.15 5.35 4.21
N ILE A 63 -5.83 5.70 5.30
CA ILE A 63 -6.07 7.10 5.64
C ILE A 63 -5.50 7.43 7.01
N CYS A 64 -5.37 8.73 7.29
CA CYS A 64 -4.81 9.17 8.56
C CYS A 64 -5.89 9.78 9.45
N GLN A 65 -6.49 8.96 10.30
CA GLN A 65 -7.51 9.44 11.23
C GLN A 65 -6.90 10.38 12.27
N ARG A 66 -7.07 11.68 12.04
CA ARG A 66 -6.55 12.69 12.95
C ARG A 66 -7.09 12.49 14.36
N ILE A 67 -6.23 12.67 15.35
CA ILE A 67 -6.61 12.44 16.74
C ILE A 67 -6.76 13.75 17.52
N PRO A 68 -5.75 14.64 17.47
CA PRO A 68 -5.81 15.93 18.17
C PRO A 68 -7.02 16.77 17.74
N GLU A 1 2.52 -15.99 -17.51
CA GLU A 1 3.54 -16.92 -16.96
C GLU A 1 4.70 -16.15 -16.34
N ALA A 2 5.05 -16.49 -15.10
CA ALA A 2 6.13 -15.83 -14.39
C ALA A 2 5.91 -14.32 -14.31
N GLU A 3 5.17 -13.89 -13.29
CA GLU A 3 4.87 -12.48 -13.10
C GLU A 3 6.03 -11.76 -12.40
N ALA A 4 6.71 -10.90 -13.14
CA ALA A 4 7.83 -10.15 -12.58
C ALA A 4 7.36 -8.89 -11.86
N LYS A 5 6.77 -7.97 -12.62
CA LYS A 5 6.25 -6.73 -12.05
C LYS A 5 4.87 -6.43 -12.61
N SER A 6 3.99 -5.90 -11.75
CA SER A 6 2.60 -5.65 -12.15
C SER A 6 1.99 -4.51 -11.34
N CYS A 7 2.36 -4.43 -10.06
CA CYS A 7 1.74 -3.48 -9.15
C CYS A 7 2.50 -2.15 -9.13
N LYS A 8 1.78 -1.06 -9.29
CA LYS A 8 2.36 0.28 -9.25
C LYS A 8 1.29 1.31 -8.91
N THR A 9 0.84 1.30 -7.66
CA THR A 9 -0.37 2.02 -7.27
C THR A 9 -0.10 3.05 -6.18
N PRO A 10 0.44 2.62 -5.03
CA PRO A 10 0.49 3.44 -3.82
C PRO A 10 1.08 4.82 -4.05
N PRO A 11 0.24 5.87 -4.05
CA PRO A 11 0.69 7.26 -4.16
C PRO A 11 1.09 7.84 -2.80
N ASP A 12 1.17 9.16 -2.74
CA ASP A 12 1.45 9.85 -1.49
C ASP A 12 0.20 9.93 -0.61
N PRO A 13 0.20 9.24 0.54
CA PRO A 13 -0.95 9.22 1.46
C PRO A 13 -1.19 10.57 2.11
N VAL A 14 -2.44 10.83 2.47
CA VAL A 14 -2.80 12.10 3.12
C VAL A 14 -2.07 12.26 4.45
N ASN A 15 -1.44 13.43 4.63
CA ASN A 15 -0.68 13.72 5.83
C ASN A 15 0.23 12.54 6.18
N GLY A 16 1.22 12.29 5.33
CA GLY A 16 2.15 11.19 5.57
C GLY A 16 2.91 10.78 4.32
N MET A 17 3.46 9.57 4.35
CA MET A 17 4.22 9.07 3.21
C MET A 17 4.19 7.55 3.16
N VAL A 18 4.09 7.00 1.96
CA VAL A 18 4.12 5.55 1.78
C VAL A 18 5.55 5.02 1.76
N HIS A 19 5.76 3.87 2.38
CA HIS A 19 7.11 3.30 2.50
C HIS A 19 7.21 1.97 1.78
N VAL A 20 7.84 1.98 0.61
CA VAL A 20 8.14 0.74 -0.11
C VAL A 20 9.39 0.08 0.46
N ILE A 21 9.19 -1.07 1.11
CA ILE A 21 10.27 -1.73 1.85
C ILE A 21 11.43 -2.08 0.93
N THR A 22 11.12 -2.52 -0.29
CA THR A 22 12.16 -2.90 -1.25
C THR A 22 11.62 -2.82 -2.68
N ASP A 23 10.47 -3.44 -2.91
CA ASP A 23 9.85 -3.44 -4.24
C ASP A 23 8.34 -3.43 -4.12
N ILE A 24 7.67 -3.69 -5.24
CA ILE A 24 6.21 -3.66 -5.27
C ILE A 24 5.69 -4.69 -6.27
N GLN A 25 6.38 -5.81 -6.38
CA GLN A 25 6.00 -6.86 -7.31
C GLN A 25 5.14 -7.92 -6.62
N VAL A 26 4.76 -8.95 -7.38
CA VAL A 26 3.95 -10.04 -6.84
C VAL A 26 4.67 -10.73 -5.69
N GLY A 27 3.92 -11.04 -4.63
CA GLY A 27 4.50 -11.71 -3.48
C GLY A 27 5.17 -10.73 -2.53
N SER A 28 5.39 -9.50 -2.99
CA SER A 28 6.03 -8.48 -2.17
C SER A 28 5.00 -7.69 -1.37
N ARG A 29 5.41 -7.21 -0.20
CA ARG A 29 4.52 -6.45 0.67
C ARG A 29 5.17 -5.14 1.11
N ILE A 30 4.42 -4.06 1.01
CA ILE A 30 4.91 -2.75 1.44
C ILE A 30 4.30 -2.34 2.77
N THR A 31 4.62 -1.14 3.23
CA THR A 31 4.10 -0.64 4.51
C THR A 31 3.71 0.83 4.40
N TYR A 32 2.57 1.17 4.99
CA TYR A 32 2.09 2.56 4.99
C TYR A 32 2.31 3.21 6.35
N SER A 33 2.50 4.52 6.34
CA SER A 33 2.73 5.26 7.58
C SER A 33 2.32 6.72 7.43
N CYS A 34 1.65 7.25 8.45
CA CYS A 34 1.24 8.65 8.44
C CYS A 34 2.43 9.57 8.68
N THR A 35 2.16 10.87 8.73
CA THR A 35 3.21 11.86 8.90
C THR A 35 3.71 11.90 10.35
N THR A 36 2.96 11.25 11.24
CA THR A 36 3.32 11.21 12.65
C THR A 36 3.15 9.81 13.22
N GLY A 37 2.08 9.14 12.81
CA GLY A 37 1.79 7.81 13.31
C GLY A 37 0.34 7.61 13.66
N HIS A 38 -0.53 8.35 12.98
CA HIS A 38 -1.97 8.28 13.24
C HIS A 38 -2.52 6.89 12.89
N ARG A 39 -3.72 6.59 13.39
CA ARG A 39 -4.35 5.30 13.14
C ARG A 39 -4.61 5.11 11.64
N LEU A 40 -4.28 3.93 11.14
CA LEU A 40 -4.49 3.61 9.74
C LEU A 40 -5.90 3.07 9.52
N ILE A 41 -6.69 3.78 8.73
CA ILE A 41 -8.04 3.36 8.40
C ILE A 41 -8.02 2.30 7.32
N GLY A 42 -7.66 1.08 7.69
CA GLY A 42 -7.55 0.00 6.74
C GLY A 42 -6.53 -1.04 7.14
N HIS A 43 -5.42 -1.10 6.42
CA HIS A 43 -4.35 -2.04 6.73
C HIS A 43 -2.99 -1.45 6.35
N SER A 44 -2.05 -1.49 7.29
CA SER A 44 -0.74 -0.87 7.09
C SER A 44 0.21 -1.80 6.33
N SER A 45 -0.36 -2.64 5.47
CA SER A 45 0.45 -3.54 4.65
C SER A 45 -0.40 -4.15 3.54
N ALA A 46 0.06 -4.00 2.29
CA ALA A 46 -0.69 -4.48 1.14
C ALA A 46 0.04 -5.62 0.44
N GLU A 47 -0.70 -6.41 -0.33
CA GLU A 47 -0.13 -7.54 -1.05
C GLU A 47 -0.47 -7.48 -2.53
N CYS A 48 0.55 -7.51 -3.38
CA CYS A 48 0.35 -7.46 -4.83
C CYS A 48 -0.32 -8.74 -5.32
N ILE A 49 -1.62 -8.65 -5.58
CA ILE A 49 -2.39 -9.82 -5.99
C ILE A 49 -2.98 -9.64 -7.38
N LEU A 50 -3.51 -10.75 -7.93
CA LEU A 50 -4.14 -10.71 -9.25
C LEU A 50 -5.57 -11.24 -9.18
N SER A 51 -6.48 -10.52 -9.82
CA SER A 51 -7.89 -10.92 -9.85
C SER A 51 -8.56 -10.45 -11.12
N GLY A 52 -8.39 -9.17 -11.45
CA GLY A 52 -9.00 -8.62 -12.66
C GLY A 52 -8.04 -8.65 -13.84
N ASN A 53 -7.90 -7.50 -14.51
CA ASN A 53 -7.02 -7.40 -15.66
C ASN A 53 -5.68 -6.77 -15.25
N THR A 54 -5.64 -6.23 -14.04
CA THR A 54 -4.43 -5.59 -13.53
C THR A 54 -4.25 -5.86 -12.04
N ALA A 55 -3.02 -6.15 -11.64
CA ALA A 55 -2.71 -6.43 -10.25
C ALA A 55 -2.94 -5.19 -9.38
N HIS A 56 -3.74 -5.35 -8.34
CA HIS A 56 -4.03 -4.25 -7.41
C HIS A 56 -3.88 -4.72 -5.97
N TRP A 57 -3.39 -3.82 -5.11
CA TRP A 57 -3.12 -4.16 -3.73
C TRP A 57 -4.42 -4.43 -2.97
N SER A 58 -4.37 -5.36 -2.03
CA SER A 58 -5.56 -5.78 -1.30
C SER A 58 -5.85 -4.85 -0.14
N THR A 59 -5.50 -3.57 -0.29
CA THR A 59 -5.75 -2.58 0.75
C THR A 59 -6.31 -1.29 0.15
N LYS A 60 -7.43 -0.83 0.70
CA LYS A 60 -8.02 0.43 0.29
C LYS A 60 -7.08 1.59 0.60
N PRO A 61 -7.29 2.76 -0.05
CA PRO A 61 -6.47 3.95 0.18
C PRO A 61 -6.33 4.27 1.67
N PRO A 62 -5.10 4.19 2.21
CA PRO A 62 -4.85 4.38 3.65
C PRO A 62 -5.19 5.79 4.11
N ILE A 63 -5.71 5.91 5.34
CA ILE A 63 -6.08 7.20 5.89
C ILE A 63 -5.50 7.36 7.31
N CYS A 64 -5.48 8.59 7.80
CA CYS A 64 -4.99 8.88 9.13
C CYS A 64 -6.11 9.43 10.02
N GLN A 65 -6.50 8.66 11.03
CA GLN A 65 -7.62 9.02 11.89
C GLN A 65 -7.24 10.18 12.81
N ARG A 66 -5.95 10.46 12.91
CA ARG A 66 -5.44 11.52 13.77
C ARG A 66 -5.73 11.21 15.24
N ILE A 67 -4.67 10.99 16.00
CA ILE A 67 -4.79 10.67 17.41
C ILE A 67 -4.44 11.87 18.29
N PRO A 68 -5.33 12.25 19.21
CA PRO A 68 -5.09 13.38 20.13
C PRO A 68 -3.98 13.10 21.13
N GLU A 1 0.84 -12.82 -23.16
CA GLU A 1 0.38 -11.44 -23.49
C GLU A 1 1.30 -10.39 -22.88
N ALA A 2 1.43 -10.43 -21.55
CA ALA A 2 2.27 -9.48 -20.84
C ALA A 2 3.36 -10.19 -20.04
N GLU A 3 4.58 -9.66 -20.10
CA GLU A 3 5.70 -10.24 -19.38
C GLU A 3 5.91 -9.56 -18.04
N ALA A 4 6.39 -10.32 -17.06
CA ALA A 4 6.64 -9.78 -15.71
C ALA A 4 5.35 -9.25 -15.09
N LYS A 5 5.48 -8.71 -13.87
CA LYS A 5 4.33 -8.19 -13.15
C LYS A 5 4.76 -7.12 -12.15
N SER A 6 3.89 -6.13 -11.96
CA SER A 6 4.18 -5.04 -11.03
C SER A 6 2.93 -4.20 -10.76
N CYS A 7 2.51 -4.17 -9.50
CA CYS A 7 1.36 -3.36 -9.10
C CYS A 7 1.69 -1.87 -9.20
N LYS A 8 0.66 -1.05 -9.32
CA LYS A 8 0.83 0.40 -9.40
C LYS A 8 1.00 1.00 -8.01
N THR A 9 2.16 1.64 -7.79
CA THR A 9 2.48 2.20 -6.49
C THR A 9 1.39 3.15 -6.01
N PRO A 10 0.97 3.03 -4.73
CA PRO A 10 -0.07 3.88 -4.15
C PRO A 10 0.40 5.31 -3.91
N PRO A 11 -0.33 6.30 -4.45
CA PRO A 11 -0.01 7.72 -4.25
C PRO A 11 0.09 8.08 -2.77
N ASP A 12 0.98 9.02 -2.46
CA ASP A 12 1.21 9.44 -1.08
C ASP A 12 -0.09 9.94 -0.44
N PRO A 13 -0.53 9.29 0.65
CA PRO A 13 -1.77 9.67 1.35
C PRO A 13 -1.62 10.97 2.13
N VAL A 14 -2.73 11.43 2.71
CA VAL A 14 -2.71 12.67 3.49
C VAL A 14 -1.99 12.48 4.81
N ASN A 15 -1.03 13.36 5.08
CA ASN A 15 -0.25 13.30 6.32
C ASN A 15 0.42 11.94 6.48
N GLY A 16 0.60 11.24 5.38
CA GLY A 16 1.20 9.91 5.42
C GLY A 16 2.17 9.67 4.29
N MET A 17 2.79 8.48 4.29
CA MET A 17 3.74 8.13 3.26
C MET A 17 3.78 6.62 3.05
N VAL A 18 4.52 6.18 2.03
CA VAL A 18 4.62 4.76 1.71
C VAL A 18 6.06 4.38 1.38
N HIS A 19 6.44 3.16 1.76
CA HIS A 19 7.82 2.69 1.56
C HIS A 19 7.84 1.35 0.83
N VAL A 20 8.87 1.15 0.01
CA VAL A 20 9.05 -0.11 -0.70
C VAL A 20 10.05 -0.99 0.04
N ILE A 21 9.57 -2.10 0.58
CA ILE A 21 10.38 -2.98 1.41
C ILE A 21 11.38 -3.77 0.57
N THR A 22 10.89 -4.33 -0.54
CA THR A 22 11.74 -5.15 -1.41
C THR A 22 11.52 -4.80 -2.88
N ASP A 23 10.34 -5.15 -3.40
CA ASP A 23 9.99 -4.83 -4.78
C ASP A 23 8.52 -4.44 -4.88
N ILE A 24 8.07 -4.18 -6.10
CA ILE A 24 6.69 -3.77 -6.34
C ILE A 24 5.91 -4.87 -7.05
N GLN A 25 6.62 -5.89 -7.49
CA GLN A 25 6.00 -7.02 -8.19
C GLN A 25 5.14 -7.83 -7.24
N VAL A 26 4.44 -8.83 -7.78
CA VAL A 26 3.58 -9.69 -6.97
C VAL A 26 4.42 -10.54 -6.02
N GLY A 27 3.89 -10.72 -4.80
CA GLY A 27 4.64 -11.46 -3.79
C GLY A 27 5.41 -10.54 -2.87
N SER A 28 5.54 -9.28 -3.27
CA SER A 28 6.24 -8.29 -2.46
C SER A 28 5.27 -7.54 -1.55
N ARG A 29 5.66 -7.35 -0.30
CA ARG A 29 4.80 -6.69 0.69
C ARG A 29 5.42 -5.39 1.19
N ILE A 30 4.78 -4.28 0.88
CA ILE A 30 5.21 -2.98 1.37
C ILE A 30 4.45 -2.59 2.63
N THR A 31 4.85 -1.48 3.23
CA THR A 31 4.20 -1.00 4.45
C THR A 31 3.48 0.31 4.21
N TYR A 32 2.57 0.67 5.11
CA TYR A 32 1.73 1.84 4.95
C TYR A 32 1.36 2.44 6.30
N SER A 33 1.67 3.71 6.49
CA SER A 33 1.45 4.38 7.77
C SER A 33 1.16 5.86 7.58
N CYS A 34 0.83 6.54 8.68
CA CYS A 34 0.56 7.97 8.65
C CYS A 34 1.53 8.71 9.56
N THR A 35 1.27 9.99 9.79
CA THR A 35 2.11 10.81 10.65
C THR A 35 2.19 10.23 12.06
N THR A 36 2.94 10.91 12.93
CA THR A 36 3.20 10.41 14.28
C THR A 36 1.89 10.13 15.02
N GLY A 37 1.15 11.19 15.33
CA GLY A 37 -0.09 11.04 16.08
C GLY A 37 -1.26 10.70 15.18
N HIS A 38 -1.05 9.80 14.23
CA HIS A 38 -2.09 9.39 13.31
C HIS A 38 -1.99 7.90 12.98
N ARG A 39 -3.01 7.15 13.37
CA ARG A 39 -3.05 5.72 13.11
C ARG A 39 -3.64 5.43 11.73
N LEU A 40 -3.05 4.48 11.02
CA LEU A 40 -3.54 4.08 9.70
C LEU A 40 -4.87 3.35 9.83
N ILE A 41 -5.94 4.02 9.41
CA ILE A 41 -7.27 3.42 9.44
C ILE A 41 -7.44 2.41 8.30
N GLY A 42 -6.80 1.25 8.45
CA GLY A 42 -6.83 0.25 7.41
C GLY A 42 -6.02 -0.98 7.76
N HIS A 43 -5.09 -1.34 6.88
CA HIS A 43 -4.30 -2.55 7.05
C HIS A 43 -2.89 -2.24 7.52
N SER A 44 -2.51 -0.96 7.43
CA SER A 44 -1.17 -0.52 7.80
C SER A 44 -0.11 -1.24 6.97
N SER A 45 -0.53 -1.81 5.85
CA SER A 45 0.37 -2.55 4.97
C SER A 45 -0.34 -2.95 3.69
N ALA A 46 0.44 -3.24 2.65
CA ALA A 46 -0.13 -3.59 1.35
C ALA A 46 0.53 -4.84 0.78
N GLU A 47 -0.12 -5.44 -0.21
CA GLU A 47 0.42 -6.64 -0.84
C GLU A 47 0.00 -6.71 -2.32
N CYS A 48 0.99 -6.70 -3.20
CA CYS A 48 0.74 -6.76 -4.64
C CYS A 48 0.04 -8.08 -5.00
N ILE A 49 -1.27 -8.01 -5.19
CA ILE A 49 -2.06 -9.22 -5.43
C ILE A 49 -2.84 -9.13 -6.74
N LEU A 50 -3.10 -10.29 -7.33
CA LEU A 50 -3.92 -10.36 -8.54
C LEU A 50 -5.31 -10.87 -8.23
N SER A 51 -6.33 -10.10 -8.60
CA SER A 51 -7.72 -10.49 -8.36
C SER A 51 -8.59 -10.15 -9.55
N GLY A 52 -8.05 -10.33 -10.75
CA GLY A 52 -8.81 -10.06 -11.96
C GLY A 52 -7.94 -10.09 -13.21
N ASN A 53 -7.30 -8.96 -13.51
CA ASN A 53 -6.42 -8.86 -14.67
C ASN A 53 -5.43 -7.73 -14.50
N THR A 54 -5.61 -6.93 -13.45
CA THR A 54 -4.72 -5.80 -13.18
C THR A 54 -4.17 -5.86 -11.77
N ALA A 55 -2.87 -6.10 -11.65
CA ALA A 55 -2.22 -6.18 -10.35
C ALA A 55 -2.37 -4.88 -9.58
N HIS A 56 -2.81 -4.97 -8.34
CA HIS A 56 -2.96 -3.80 -7.48
C HIS A 56 -2.76 -4.16 -6.01
N TRP A 57 -2.66 -3.14 -5.17
CA TRP A 57 -2.45 -3.36 -3.74
C TRP A 57 -3.78 -3.56 -3.03
N SER A 58 -3.77 -4.35 -1.96
CA SER A 58 -4.99 -4.73 -1.27
C SER A 58 -5.46 -3.61 -0.34
N THR A 59 -4.78 -2.47 -0.39
CA THR A 59 -5.12 -1.32 0.45
C THR A 59 -6.20 -0.46 -0.19
N LYS A 60 -7.16 -0.03 0.61
CA LYS A 60 -8.18 0.92 0.17
C LYS A 60 -7.80 2.34 0.58
N PRO A 61 -8.46 3.37 0.00
CA PRO A 61 -8.23 4.76 0.37
C PRO A 61 -8.04 4.95 1.88
N PRO A 62 -6.78 5.12 2.31
CA PRO A 62 -6.43 5.12 3.75
C PRO A 62 -6.87 6.39 4.46
N ILE A 63 -7.08 6.29 5.76
CA ILE A 63 -7.44 7.45 6.57
C ILE A 63 -6.46 7.61 7.73
N CYS A 64 -6.48 8.78 8.37
CA CYS A 64 -5.61 9.05 9.50
C CYS A 64 -6.42 9.59 10.68
N GLN A 65 -6.28 8.95 11.84
CA GLN A 65 -7.04 9.32 13.02
C GLN A 65 -6.11 9.57 14.20
N ARG A 66 -6.30 10.71 14.87
CA ARG A 66 -5.49 11.06 16.04
C ARG A 66 -5.62 10.00 17.13
N ILE A 67 -4.49 9.36 17.46
CA ILE A 67 -4.48 8.28 18.44
C ILE A 67 -4.84 8.80 19.85
N PRO A 68 -4.18 9.88 20.32
CA PRO A 68 -4.47 10.46 21.64
C PRO A 68 -5.95 10.83 21.79
N GLU A 1 3.90 -10.39 -19.32
CA GLU A 1 5.15 -10.15 -20.07
C GLU A 1 5.43 -8.66 -20.21
N ALA A 2 4.36 -7.88 -20.33
CA ALA A 2 4.48 -6.43 -20.48
C ALA A 2 3.23 -5.72 -19.97
N GLU A 3 2.43 -6.44 -19.19
CA GLU A 3 1.19 -5.87 -18.64
C GLU A 3 1.02 -6.26 -17.18
N ALA A 4 1.44 -7.48 -16.83
CA ALA A 4 1.34 -7.95 -15.46
C ALA A 4 2.51 -7.45 -14.62
N LYS A 5 2.59 -7.92 -13.37
CA LYS A 5 3.66 -7.53 -12.47
C LYS A 5 3.60 -6.05 -12.14
N SER A 6 4.25 -5.66 -11.04
CA SER A 6 4.28 -4.26 -10.61
C SER A 6 2.87 -3.73 -10.34
N CYS A 7 2.43 -3.87 -9.09
CA CYS A 7 1.14 -3.35 -8.67
C CYS A 7 1.13 -1.83 -8.69
N LYS A 8 -0.01 -1.26 -9.08
CA LYS A 8 -0.17 0.19 -9.11
C LYS A 8 0.03 0.79 -7.72
N THR A 9 1.10 1.55 -7.56
CA THR A 9 1.43 2.13 -6.27
C THR A 9 0.30 3.00 -5.74
N PRO A 10 -0.05 2.86 -4.45
CA PRO A 10 -1.15 3.62 -3.84
C PRO A 10 -0.81 5.10 -3.68
N PRO A 11 -1.84 5.97 -3.73
CA PRO A 11 -1.65 7.43 -3.59
C PRO A 11 -1.06 7.79 -2.24
N ASP A 12 -0.24 8.84 -2.22
CA ASP A 12 0.44 9.27 -1.01
C ASP A 12 -0.57 9.56 0.10
N PRO A 13 -0.46 8.85 1.24
CA PRO A 13 -1.37 9.02 2.37
C PRO A 13 -1.22 10.39 3.03
N VAL A 14 -2.34 10.96 3.46
CA VAL A 14 -2.33 12.22 4.19
C VAL A 14 -1.56 12.08 5.51
N ASN A 15 -0.65 13.01 5.76
CA ASN A 15 0.25 12.91 6.91
C ASN A 15 0.92 11.54 6.95
N GLY A 16 1.89 11.33 6.06
CA GLY A 16 2.60 10.07 6.03
C GLY A 16 3.13 9.74 4.65
N MET A 17 3.67 8.54 4.50
CA MET A 17 4.24 8.09 3.22
C MET A 17 4.36 6.58 3.18
N VAL A 18 4.01 5.99 2.03
CA VAL A 18 4.11 4.55 1.86
C VAL A 18 5.54 4.13 1.56
N HIS A 19 6.00 3.06 2.20
CA HIS A 19 7.38 2.62 2.07
C HIS A 19 7.45 1.35 1.23
N VAL A 20 8.41 1.31 0.31
CA VAL A 20 8.66 0.13 -0.50
C VAL A 20 9.79 -0.70 0.09
N ILE A 21 9.43 -1.64 0.98
CA ILE A 21 10.42 -2.44 1.69
C ILE A 21 11.25 -3.27 0.72
N THR A 22 10.61 -4.22 0.04
CA THR A 22 11.31 -5.09 -0.89
C THR A 22 11.17 -4.58 -2.32
N ASP A 23 9.95 -4.65 -2.85
CA ASP A 23 9.68 -4.21 -4.21
C ASP A 23 8.18 -4.04 -4.44
N ILE A 24 7.82 -3.46 -5.57
CA ILE A 24 6.41 -3.23 -5.90
C ILE A 24 5.87 -4.35 -6.79
N GLN A 25 6.48 -5.52 -6.68
CA GLN A 25 6.06 -6.67 -7.46
C GLN A 25 5.25 -7.64 -6.61
N VAL A 26 4.81 -8.74 -7.21
CA VAL A 26 4.02 -9.74 -6.51
C VAL A 26 4.89 -10.58 -5.58
N GLY A 27 4.34 -10.90 -4.41
CA GLY A 27 5.10 -11.68 -3.44
C GLY A 27 5.73 -10.79 -2.37
N SER A 28 5.63 -9.48 -2.56
CA SER A 28 6.19 -8.53 -1.61
C SER A 28 5.14 -8.08 -0.59
N ARG A 29 5.59 -7.37 0.43
CA ARG A 29 4.69 -6.88 1.48
C ARG A 29 5.19 -5.57 2.06
N ILE A 30 4.67 -4.46 1.56
CA ILE A 30 5.06 -3.14 2.05
C ILE A 30 4.24 -2.75 3.29
N THR A 31 4.63 -1.64 3.91
CA THR A 31 3.95 -1.18 5.12
C THR A 31 3.68 0.32 5.06
N TYR A 32 2.47 0.71 5.47
CA TYR A 32 2.10 2.12 5.49
C TYR A 32 2.44 2.75 6.83
N SER A 33 2.95 3.98 6.79
CA SER A 33 3.32 4.69 8.01
C SER A 33 2.98 6.18 7.89
N CYS A 34 2.25 6.68 8.88
CA CYS A 34 1.85 8.09 8.88
C CYS A 34 3.01 8.98 9.28
N THR A 35 2.75 10.29 9.38
CA THR A 35 3.79 11.26 9.68
C THR A 35 4.41 11.01 11.05
N THR A 36 3.59 10.53 11.97
CA THR A 36 4.03 10.26 13.33
C THR A 36 3.54 8.90 13.81
N GLY A 37 2.24 8.66 13.66
CA GLY A 37 1.67 7.40 14.09
C GLY A 37 0.15 7.47 14.22
N HIS A 38 -0.47 8.26 13.36
CA HIS A 38 -1.92 8.41 13.37
C HIS A 38 -2.60 7.07 13.14
N ARG A 39 -3.74 6.87 13.79
CA ARG A 39 -4.49 5.63 13.68
C ARG A 39 -4.98 5.41 12.26
N LEU A 40 -4.38 4.45 11.55
CA LEU A 40 -4.68 4.22 10.16
C LEU A 40 -6.14 3.77 9.98
N ILE A 41 -6.68 4.02 8.79
CA ILE A 41 -7.98 3.47 8.42
C ILE A 41 -7.82 2.38 7.37
N GLY A 42 -8.30 1.19 7.70
CA GLY A 42 -8.08 0.04 6.84
C GLY A 42 -7.03 -0.90 7.39
N HIS A 43 -5.89 -0.97 6.72
CA HIS A 43 -4.82 -1.88 7.10
C HIS A 43 -3.46 -1.24 6.94
N SER A 44 -2.64 -1.31 7.99
CA SER A 44 -1.23 -0.91 7.90
C SER A 44 -0.40 -1.98 7.19
N SER A 45 -0.94 -2.50 6.09
CA SER A 45 -0.25 -3.52 5.31
C SER A 45 -0.92 -3.70 3.96
N ALA A 46 -0.20 -4.31 3.01
CA ALA A 46 -0.72 -4.53 1.67
C ALA A 46 -0.01 -5.68 0.97
N GLU A 47 -0.68 -6.28 -0.01
CA GLU A 47 -0.10 -7.37 -0.77
C GLU A 47 -0.35 -7.19 -2.26
N CYS A 48 0.69 -7.36 -3.07
CA CYS A 48 0.59 -7.16 -4.51
C CYS A 48 -0.07 -8.36 -5.17
N ILE A 49 -1.38 -8.28 -5.37
CA ILE A 49 -2.14 -9.34 -6.03
C ILE A 49 -2.89 -8.82 -7.25
N LEU A 50 -2.85 -9.57 -8.33
CA LEU A 50 -3.50 -9.17 -9.57
C LEU A 50 -5.01 -9.42 -9.49
N SER A 51 -5.42 -10.23 -8.52
CA SER A 51 -6.83 -10.52 -8.28
C SER A 51 -7.53 -10.96 -9.56
N GLY A 52 -6.75 -11.45 -10.52
CA GLY A 52 -7.32 -11.88 -11.78
C GLY A 52 -6.48 -11.48 -12.97
N ASN A 53 -6.46 -10.18 -13.26
CA ASN A 53 -5.69 -9.65 -14.38
C ASN A 53 -5.34 -8.18 -14.18
N THR A 54 -5.52 -7.70 -12.94
CA THR A 54 -5.21 -6.32 -12.61
C THR A 54 -4.36 -6.23 -11.35
N ALA A 55 -3.08 -5.92 -11.54
CA ALA A 55 -2.14 -5.87 -10.42
C ALA A 55 -2.44 -4.68 -9.51
N HIS A 56 -2.86 -4.98 -8.28
CA HIS A 56 -3.10 -3.95 -7.29
C HIS A 56 -2.83 -4.48 -5.88
N TRP A 57 -3.00 -3.62 -4.88
CA TRP A 57 -2.78 -4.01 -3.49
C TRP A 57 -4.08 -4.43 -2.83
N SER A 58 -4.01 -5.46 -1.99
CA SER A 58 -5.20 -6.06 -1.41
C SER A 58 -5.89 -5.11 -0.42
N THR A 59 -5.27 -3.96 -0.19
CA THR A 59 -5.82 -2.98 0.74
C THR A 59 -5.94 -1.60 0.09
N LYS A 60 -7.16 -1.05 0.09
CA LYS A 60 -7.41 0.26 -0.47
C LYS A 60 -6.57 1.33 0.22
N PRO A 61 -6.26 2.44 -0.48
CA PRO A 61 -5.47 3.54 0.08
C PRO A 61 -5.97 3.99 1.44
N PRO A 62 -5.22 3.67 2.51
CA PRO A 62 -5.63 3.99 3.88
C PRO A 62 -5.45 5.47 4.22
N ILE A 63 -6.03 5.88 5.34
CA ILE A 63 -5.93 7.27 5.79
C ILE A 63 -5.37 7.35 7.20
N CYS A 64 -4.90 8.54 7.58
CA CYS A 64 -4.30 8.73 8.90
C CYS A 64 -5.20 9.58 9.79
N GLN A 65 -5.61 9.02 10.92
CA GLN A 65 -6.44 9.74 11.88
C GLN A 65 -5.63 10.10 13.12
N ARG A 66 -5.34 11.38 13.30
CA ARG A 66 -4.55 11.85 14.43
C ARG A 66 -5.17 11.43 15.75
N ILE A 67 -4.35 10.89 16.64
CA ILE A 67 -4.83 10.42 17.94
C ILE A 67 -5.00 11.58 18.91
N PRO A 68 -6.19 11.70 19.53
CA PRO A 68 -6.47 12.78 20.49
C PRO A 68 -5.47 12.80 21.65
N GLU A 1 -2.62 -8.05 -21.98
CA GLU A 1 -3.54 -8.97 -21.27
C GLU A 1 -2.77 -10.08 -20.57
N ALA A 2 -1.45 -9.99 -20.60
CA ALA A 2 -0.59 -10.99 -19.96
C ALA A 2 0.67 -10.34 -19.40
N GLU A 3 0.55 -9.68 -18.25
CA GLU A 3 1.67 -9.01 -17.61
C GLU A 3 1.45 -8.87 -16.11
N ALA A 4 1.97 -9.82 -15.35
CA ALA A 4 1.86 -9.78 -13.89
C ALA A 4 3.11 -9.18 -13.27
N LYS A 5 3.19 -7.85 -13.28
CA LYS A 5 4.36 -7.14 -12.77
C LYS A 5 4.05 -5.66 -12.56
N SER A 6 4.97 -4.95 -11.92
CA SER A 6 4.82 -3.52 -11.67
C SER A 6 3.46 -3.21 -11.03
N CYS A 7 3.41 -3.29 -9.71
CA CYS A 7 2.17 -3.05 -8.97
C CYS A 7 1.89 -1.56 -8.85
N LYS A 8 0.62 -1.19 -9.05
CA LYS A 8 0.21 0.21 -8.93
C LYS A 8 0.38 0.69 -7.50
N THR A 9 1.44 1.44 -7.26
CA THR A 9 1.76 1.93 -5.93
C THR A 9 0.61 2.75 -5.34
N PRO A 10 0.27 2.53 -4.06
CA PRO A 10 -0.81 3.24 -3.39
C PRO A 10 -0.42 4.68 -3.05
N PRO A 11 -1.41 5.59 -3.01
CA PRO A 11 -1.16 7.00 -2.69
C PRO A 11 -0.68 7.20 -1.26
N ASP A 12 0.42 7.93 -1.10
CA ASP A 12 1.00 8.17 0.21
C ASP A 12 0.00 8.83 1.16
N PRO A 13 -0.20 8.23 2.35
CA PRO A 13 -1.13 8.78 3.35
C PRO A 13 -0.82 10.24 3.69
N VAL A 14 -1.86 11.01 3.95
CA VAL A 14 -1.70 12.42 4.26
C VAL A 14 -0.85 12.61 5.51
N ASN A 15 -0.06 13.69 5.53
CA ASN A 15 0.84 13.99 6.64
C ASN A 15 2.04 13.04 6.66
N GLY A 16 1.85 11.82 6.17
CA GLY A 16 2.94 10.85 6.16
C GLY A 16 3.23 10.32 4.77
N MET A 17 3.68 9.06 4.71
CA MET A 17 4.00 8.43 3.44
C MET A 17 4.15 6.92 3.60
N VAL A 18 4.52 6.24 2.53
CA VAL A 18 4.71 4.80 2.56
C VAL A 18 6.15 4.44 2.92
N HIS A 19 6.45 3.15 2.86
CA HIS A 19 7.79 2.67 3.16
C HIS A 19 8.11 1.40 2.36
N VAL A 20 8.63 1.58 1.16
CA VAL A 20 9.02 0.46 0.31
C VAL A 20 10.16 -0.32 0.94
N ILE A 21 9.83 -1.45 1.56
CA ILE A 21 10.81 -2.26 2.29
C ILE A 21 11.92 -2.73 1.36
N THR A 22 11.56 -3.08 0.13
CA THR A 22 12.53 -3.56 -0.84
C THR A 22 12.09 -3.25 -2.27
N ASP A 23 10.92 -3.76 -2.65
CA ASP A 23 10.41 -3.56 -3.99
C ASP A 23 8.89 -3.43 -3.97
N ILE A 24 8.27 -3.50 -5.15
CA ILE A 24 6.84 -3.32 -5.28
C ILE A 24 6.28 -4.18 -6.40
N GLN A 25 6.85 -5.36 -6.58
CA GLN A 25 6.39 -6.30 -7.59
C GLN A 25 5.36 -7.26 -7.02
N VAL A 26 4.99 -8.27 -7.79
CA VAL A 26 4.02 -9.26 -7.34
C VAL A 26 4.59 -10.12 -6.20
N GLY A 27 3.82 -10.26 -5.14
CA GLY A 27 4.27 -11.04 -4.00
C GLY A 27 4.94 -10.18 -2.95
N SER A 28 5.20 -8.92 -3.28
CA SER A 28 5.84 -7.99 -2.36
C SER A 28 4.88 -7.57 -1.25
N ARG A 29 5.41 -6.92 -0.23
CA ARG A 29 4.59 -6.46 0.89
C ARG A 29 5.22 -5.25 1.56
N ILE A 30 4.92 -4.07 1.04
CA ILE A 30 5.40 -2.82 1.63
C ILE A 30 4.60 -2.47 2.88
N THR A 31 4.91 -1.33 3.49
CA THR A 31 4.28 -0.92 4.73
C THR A 31 4.03 0.58 4.77
N TYR A 32 2.99 0.98 5.50
CA TYR A 32 2.64 2.39 5.62
C TYR A 32 3.20 2.96 6.92
N SER A 33 3.85 4.12 6.82
CA SER A 33 4.58 4.68 7.95
C SER A 33 3.73 5.72 8.69
N CYS A 34 3.06 6.58 7.93
CA CYS A 34 2.34 7.71 8.52
C CYS A 34 3.27 8.60 9.33
N THR A 35 2.70 9.61 9.97
CA THR A 35 3.48 10.52 10.80
C THR A 35 3.99 9.84 12.06
N THR A 36 3.25 9.98 13.15
CA THR A 36 3.64 9.40 14.42
C THR A 36 2.45 8.79 15.16
N GLY A 37 1.59 9.66 15.69
CA GLY A 37 0.43 9.19 16.44
C GLY A 37 -0.84 9.23 15.62
N HIS A 38 -0.80 8.63 14.45
CA HIS A 38 -1.96 8.59 13.56
C HIS A 38 -2.29 7.16 13.15
N ARG A 39 -3.58 6.82 13.17
CA ARG A 39 -4.01 5.47 12.82
C ARG A 39 -4.45 5.40 11.36
N LEU A 40 -4.18 4.28 10.71
CA LEU A 40 -4.51 4.10 9.30
C LEU A 40 -5.90 3.53 9.15
N ILE A 41 -6.73 4.19 8.35
CA ILE A 41 -8.07 3.68 8.03
C ILE A 41 -7.98 2.52 7.06
N GLY A 42 -7.70 1.32 7.59
CA GLY A 42 -7.47 0.18 6.74
C GLY A 42 -6.88 -0.99 7.51
N HIS A 43 -5.56 -1.09 7.48
CA HIS A 43 -4.86 -2.19 8.16
C HIS A 43 -3.53 -1.71 8.72
N SER A 44 -2.49 -1.73 7.89
CA SER A 44 -1.15 -1.34 8.31
C SER A 44 -0.15 -1.46 7.16
N SER A 45 -0.33 -2.49 6.34
CA SER A 45 0.57 -2.75 5.23
C SER A 45 -0.21 -3.13 3.97
N ALA A 46 0.51 -3.48 2.92
CA ALA A 46 -0.12 -3.83 1.64
C ALA A 46 0.61 -4.98 0.97
N GLU A 47 -0.15 -5.93 0.44
CA GLU A 47 0.42 -7.05 -0.30
C GLU A 47 -0.15 -7.12 -1.72
N CYS A 48 0.73 -7.05 -2.71
CA CYS A 48 0.30 -7.01 -4.10
C CYS A 48 -0.14 -8.38 -4.58
N ILE A 49 -1.46 -8.57 -4.66
CA ILE A 49 -2.02 -9.83 -5.15
C ILE A 49 -2.97 -9.59 -6.32
N LEU A 50 -2.96 -10.51 -7.27
CA LEU A 50 -3.85 -10.43 -8.43
C LEU A 50 -5.29 -10.77 -8.03
N SER A 51 -6.09 -9.73 -7.83
CA SER A 51 -7.49 -9.91 -7.43
C SER A 51 -8.40 -9.94 -8.66
N GLY A 52 -7.84 -10.38 -9.79
CA GLY A 52 -8.62 -10.45 -11.01
C GLY A 52 -7.75 -10.60 -12.24
N ASN A 53 -7.39 -9.47 -12.84
CA ASN A 53 -6.55 -9.48 -14.04
C ASN A 53 -5.49 -8.38 -13.97
N THR A 54 -5.36 -7.77 -12.80
CA THR A 54 -4.38 -6.71 -12.61
C THR A 54 -3.80 -6.75 -11.20
N ALA A 55 -2.49 -6.54 -11.09
CA ALA A 55 -1.82 -6.57 -9.80
C ALA A 55 -2.17 -5.34 -8.97
N HIS A 56 -2.86 -5.56 -7.85
CA HIS A 56 -3.19 -4.49 -6.93
C HIS A 56 -2.84 -4.88 -5.50
N TRP A 57 -2.94 -3.92 -4.58
CA TRP A 57 -2.64 -4.16 -3.18
C TRP A 57 -3.89 -4.56 -2.41
N SER A 58 -3.72 -5.48 -1.46
CA SER A 58 -4.86 -6.09 -0.78
C SER A 58 -5.63 -5.06 0.05
N THR A 59 -5.00 -3.92 0.30
CA THR A 59 -5.62 -2.88 1.11
C THR A 59 -6.11 -1.72 0.25
N LYS A 60 -7.31 -1.23 0.55
CA LYS A 60 -7.87 -0.07 -0.15
C LYS A 60 -6.98 1.15 0.03
N PRO A 61 -7.16 2.19 -0.82
CA PRO A 61 -6.40 3.44 -0.70
C PRO A 61 -6.21 3.89 0.74
N PRO A 62 -4.94 4.02 1.18
CA PRO A 62 -4.61 4.26 2.59
C PRO A 62 -4.89 5.70 3.01
N ILE A 63 -5.36 5.87 4.25
CA ILE A 63 -5.54 7.19 4.83
C ILE A 63 -4.84 7.26 6.19
N CYS A 64 -4.62 8.48 6.66
CA CYS A 64 -3.90 8.69 7.93
C CYS A 64 -4.64 9.69 8.81
N GLN A 65 -5.38 9.18 9.79
CA GLN A 65 -6.18 10.03 10.66
C GLN A 65 -5.59 10.07 12.07
N ARG A 66 -5.52 11.27 12.63
CA ARG A 66 -5.01 11.46 13.99
C ARG A 66 -5.91 10.75 15.00
N ILE A 67 -5.29 10.18 16.03
CA ILE A 67 -6.03 9.45 17.06
C ILE A 67 -6.55 10.39 18.15
N PRO A 68 -5.67 11.25 18.72
CA PRO A 68 -6.08 12.19 19.77
C PRO A 68 -7.01 13.28 19.24
N GLU A 1 2.38 -4.36 -20.29
CA GLU A 1 2.94 -3.54 -19.18
C GLU A 1 2.33 -3.93 -17.84
N ALA A 2 1.16 -4.56 -17.89
CA ALA A 2 0.48 -5.02 -16.69
C ALA A 2 -0.43 -6.20 -16.97
N GLU A 3 -0.12 -6.93 -18.04
CA GLU A 3 -0.92 -8.08 -18.44
C GLU A 3 -0.24 -9.38 -18.03
N ALA A 4 0.69 -9.29 -17.08
CA ALA A 4 1.41 -10.46 -16.60
C ALA A 4 1.43 -10.50 -15.07
N LYS A 5 2.22 -9.59 -14.49
CA LYS A 5 2.32 -9.50 -13.03
C LYS A 5 3.03 -8.22 -12.62
N SER A 6 2.29 -7.32 -11.98
CA SER A 6 2.82 -6.03 -11.55
C SER A 6 1.75 -5.18 -10.89
N CYS A 7 2.07 -4.63 -9.72
CA CYS A 7 1.18 -3.68 -9.05
C CYS A 7 1.63 -2.24 -9.31
N LYS A 8 0.65 -1.34 -9.45
CA LYS A 8 0.93 0.03 -9.85
C LYS A 8 1.29 0.90 -8.65
N THR A 9 1.69 0.25 -7.56
CA THR A 9 2.13 0.94 -6.34
C THR A 9 1.00 1.80 -5.75
N PRO A 10 0.86 1.76 -4.41
CA PRO A 10 -0.16 2.56 -3.72
C PRO A 10 0.24 4.03 -3.62
N PRO A 11 -0.73 4.96 -3.81
CA PRO A 11 -0.48 6.40 -3.72
C PRO A 11 -0.13 6.85 -2.31
N ASP A 12 0.85 7.73 -2.21
CA ASP A 12 1.30 8.23 -0.91
C ASP A 12 0.15 8.90 -0.17
N PRO A 13 -0.27 8.33 0.98
CA PRO A 13 -1.37 8.88 1.77
C PRO A 13 -1.00 10.21 2.42
N VAL A 14 -2.02 10.94 2.88
CA VAL A 14 -1.80 12.23 3.51
C VAL A 14 -1.01 12.09 4.81
N ASN A 15 -0.01 12.96 4.98
CA ASN A 15 0.83 12.93 6.17
C ASN A 15 1.50 11.56 6.32
N GLY A 16 1.52 10.78 5.25
CA GLY A 16 2.07 9.44 5.30
C GLY A 16 3.09 9.19 4.21
N MET A 17 3.93 8.18 4.41
CA MET A 17 4.95 7.81 3.42
C MET A 17 5.26 6.33 3.49
N VAL A 18 4.70 5.57 2.56
CA VAL A 18 4.86 4.12 2.55
C VAL A 18 6.34 3.74 2.49
N HIS A 19 6.63 2.47 2.80
CA HIS A 19 8.01 2.00 2.84
C HIS A 19 8.23 0.93 1.77
N VAL A 20 8.74 1.36 0.61
CA VAL A 20 9.09 0.44 -0.45
C VAL A 20 10.27 -0.44 -0.05
N ILE A 21 9.99 -1.73 0.13
CA ILE A 21 11.03 -2.67 0.55
C ILE A 21 12.14 -2.77 -0.50
N THR A 22 11.78 -3.23 -1.69
CA THR A 22 12.75 -3.38 -2.77
C THR A 22 12.06 -3.36 -4.13
N ASP A 23 10.82 -3.85 -4.17
CA ASP A 23 10.06 -3.90 -5.40
C ASP A 23 8.58 -3.66 -5.13
N ILE A 24 7.76 -3.86 -6.14
CA ILE A 24 6.32 -3.62 -6.02
C ILE A 24 5.52 -4.66 -6.79
N GLN A 25 6.08 -5.86 -6.92
CA GLN A 25 5.38 -6.97 -7.56
C GLN A 25 4.96 -8.01 -6.52
N VAL A 26 4.46 -9.14 -7.00
CA VAL A 26 4.04 -10.22 -6.11
C VAL A 26 5.24 -10.79 -5.34
N GLY A 27 5.05 -10.96 -4.05
CA GLY A 27 6.15 -11.41 -3.20
C GLY A 27 6.72 -10.30 -2.34
N SER A 28 6.40 -9.06 -2.70
CA SER A 28 6.85 -7.91 -1.94
C SER A 28 5.75 -7.38 -1.03
N ARG A 29 6.08 -7.15 0.23
CA ARG A 29 5.11 -6.69 1.22
C ARG A 29 5.51 -5.35 1.80
N ILE A 30 4.98 -4.27 1.21
CA ILE A 30 5.20 -2.93 1.73
C ILE A 30 4.12 -2.56 2.74
N THR A 31 4.30 -1.43 3.41
CA THR A 31 3.39 -1.03 4.48
C THR A 31 3.14 0.49 4.46
N TYR A 32 1.96 0.89 4.90
CA TYR A 32 1.63 2.31 5.02
C TYR A 32 2.12 2.87 6.36
N SER A 33 2.87 3.96 6.30
CA SER A 33 3.54 4.50 7.47
C SER A 33 2.58 5.34 8.31
N CYS A 34 2.09 6.43 7.72
CA CYS A 34 1.35 7.46 8.47
C CYS A 34 2.22 8.07 9.56
N THR A 35 2.33 9.39 9.54
CA THR A 35 3.20 10.10 10.48
C THR A 35 2.83 9.78 11.92
N THR A 36 3.83 9.77 12.80
CA THR A 36 3.63 9.43 14.20
C THR A 36 2.54 10.28 14.83
N GLY A 37 1.59 9.63 15.50
CA GLY A 37 0.47 10.35 16.09
C GLY A 37 -0.81 10.15 15.31
N HIS A 38 -0.77 9.25 14.31
CA HIS A 38 -1.92 8.99 13.47
C HIS A 38 -2.16 7.50 13.32
N ARG A 39 -3.42 7.11 13.18
CA ARG A 39 -3.77 5.70 13.03
C ARG A 39 -4.11 5.38 11.57
N LEU A 40 -4.20 4.09 11.27
CA LEU A 40 -4.55 3.65 9.93
C LEU A 40 -6.03 3.34 9.81
N ILE A 41 -6.69 3.98 8.86
CA ILE A 41 -8.06 3.62 8.48
C ILE A 41 -8.04 2.52 7.43
N GLY A 42 -7.21 1.51 7.65
CA GLY A 42 -7.03 0.46 6.67
C GLY A 42 -6.48 -0.82 7.27
N HIS A 43 -5.16 -0.96 7.20
CA HIS A 43 -4.50 -2.17 7.69
C HIS A 43 -3.01 -1.94 7.89
N SER A 44 -2.52 -0.80 7.38
CA SER A 44 -1.11 -0.44 7.51
C SER A 44 -0.23 -1.46 6.79
N SER A 45 -0.83 -2.29 5.96
CA SER A 45 -0.11 -3.33 5.24
C SER A 45 -0.88 -3.78 4.01
N ALA A 46 -0.16 -4.12 2.95
CA ALA A 46 -0.77 -4.57 1.71
C ALA A 46 0.05 -5.67 1.05
N GLU A 47 -0.56 -6.35 0.08
CA GLU A 47 0.11 -7.44 -0.63
C GLU A 47 -0.23 -7.39 -2.12
N CYS A 48 0.80 -7.44 -2.95
CA CYS A 48 0.62 -7.37 -4.40
C CYS A 48 0.03 -8.67 -4.94
N ILE A 49 -1.25 -8.64 -5.26
CA ILE A 49 -1.94 -9.82 -5.77
C ILE A 49 -2.72 -9.51 -7.04
N LEU A 50 -2.78 -10.47 -7.95
CA LEU A 50 -3.52 -10.32 -9.20
C LEU A 50 -5.01 -10.59 -8.97
N SER A 51 -5.85 -9.75 -9.58
CA SER A 51 -7.30 -9.91 -9.45
C SER A 51 -7.93 -10.26 -10.79
N GLY A 52 -7.18 -10.97 -11.63
CA GLY A 52 -7.68 -11.37 -12.93
C GLY A 52 -6.80 -10.86 -14.07
N ASN A 53 -7.18 -9.71 -14.62
CA ASN A 53 -6.42 -9.11 -15.71
C ASN A 53 -5.71 -7.83 -15.25
N THR A 54 -5.73 -7.60 -13.94
CA THR A 54 -5.08 -6.43 -13.37
C THR A 54 -4.59 -6.72 -11.95
N ALA A 55 -3.28 -6.55 -11.74
CA ALA A 55 -2.67 -6.80 -10.44
C ALA A 55 -2.55 -5.52 -9.63
N HIS A 56 -3.09 -5.53 -8.41
CA HIS A 56 -3.01 -4.38 -7.53
C HIS A 56 -2.84 -4.83 -6.07
N TRP A 57 -2.71 -3.86 -5.17
CA TRP A 57 -2.50 -4.16 -3.76
C TRP A 57 -3.82 -4.40 -3.04
N SER A 58 -3.83 -5.39 -2.16
CA SER A 58 -5.07 -5.83 -1.51
C SER A 58 -5.77 -4.67 -0.82
N THR A 59 -5.23 -4.25 0.32
CA THR A 59 -5.86 -3.23 1.14
C THR A 59 -5.92 -1.89 0.42
N LYS A 60 -7.05 -1.20 0.54
CA LYS A 60 -7.21 0.13 -0.01
C LYS A 60 -6.23 1.11 0.64
N PRO A 61 -5.87 2.19 -0.06
CA PRO A 61 -4.98 3.23 0.48
C PRO A 61 -5.59 3.92 1.69
N PRO A 62 -5.11 3.57 2.91
CA PRO A 62 -5.71 4.04 4.16
C PRO A 62 -5.34 5.49 4.47
N ILE A 63 -6.22 6.16 5.22
CA ILE A 63 -5.94 7.52 5.67
C ILE A 63 -5.30 7.51 7.06
N CYS A 64 -4.67 8.62 7.43
CA CYS A 64 -3.99 8.73 8.71
C CYS A 64 -4.85 9.50 9.71
N GLN A 65 -5.58 8.77 10.55
CA GLN A 65 -6.49 9.38 11.50
C GLN A 65 -5.73 10.25 12.50
N ARG A 66 -6.13 11.52 12.59
CA ARG A 66 -5.49 12.46 13.51
C ARG A 66 -6.16 12.42 14.88
N ILE A 67 -5.75 11.45 15.70
CA ILE A 67 -6.35 11.27 17.02
C ILE A 67 -6.09 12.49 17.91
N PRO A 68 -7.08 12.84 18.75
CA PRO A 68 -6.96 14.00 19.65
C PRO A 68 -5.95 13.76 20.77
N GLU A 1 5.71 -16.29 -21.36
CA GLU A 1 4.43 -16.11 -20.63
C GLU A 1 4.55 -15.03 -19.56
N ALA A 2 5.50 -15.23 -18.65
CA ALA A 2 5.73 -14.28 -17.56
C ALA A 2 7.03 -13.51 -17.77
N GLU A 3 6.91 -12.21 -18.02
CA GLU A 3 8.08 -11.37 -18.24
C GLU A 3 8.44 -10.61 -16.98
N ALA A 4 7.61 -9.63 -16.60
CA ALA A 4 7.84 -8.83 -15.41
C ALA A 4 6.61 -8.03 -15.04
N LYS A 5 6.05 -8.31 -13.86
CA LYS A 5 4.88 -7.59 -13.38
C LYS A 5 5.23 -6.72 -12.18
N SER A 6 4.68 -5.51 -12.14
CA SER A 6 4.96 -4.57 -11.06
C SER A 6 3.68 -3.91 -10.58
N CYS A 7 3.59 -3.66 -9.28
CA CYS A 7 2.41 -3.02 -8.69
C CYS A 7 2.58 -1.52 -8.63
N LYS A 8 1.53 -0.79 -9.01
CA LYS A 8 1.57 0.67 -9.01
C LYS A 8 0.23 1.25 -8.54
N THR A 9 0.21 1.75 -7.32
CA THR A 9 -1.04 2.24 -6.72
C THR A 9 -0.77 3.16 -5.53
N PRO A 10 0.02 2.70 -4.54
CA PRO A 10 0.26 3.44 -3.28
C PRO A 10 0.77 4.86 -3.54
N PRO A 11 -0.09 5.87 -3.30
CA PRO A 11 0.30 7.28 -3.42
C PRO A 11 1.12 7.74 -2.22
N ASP A 12 1.29 9.06 -2.10
CA ASP A 12 1.99 9.65 -0.97
C ASP A 12 0.98 10.08 0.11
N PRO A 13 0.89 9.33 1.22
CA PRO A 13 -0.08 9.60 2.28
C PRO A 13 0.17 10.93 2.98
N VAL A 14 -0.90 11.69 3.17
CA VAL A 14 -0.82 12.97 3.87
C VAL A 14 -0.39 12.78 5.32
N ASN A 15 0.44 13.69 5.82
CA ASN A 15 0.95 13.60 7.18
C ASN A 15 1.58 12.24 7.44
N GLY A 16 2.60 11.91 6.66
CA GLY A 16 3.28 10.63 6.80
C GLY A 16 4.11 10.28 5.59
N MET A 17 4.33 8.98 5.39
CA MET A 17 5.15 8.51 4.27
C MET A 17 4.97 7.01 4.06
N VAL A 18 4.85 6.60 2.80
CA VAL A 18 4.72 5.19 2.46
C VAL A 18 6.08 4.50 2.48
N HIS A 19 6.09 3.24 2.90
CA HIS A 19 7.33 2.49 3.06
C HIS A 19 8.00 2.25 1.70
N VAL A 20 7.29 1.53 0.83
CA VAL A 20 7.83 1.18 -0.49
C VAL A 20 9.13 0.41 -0.35
N ILE A 21 9.05 -0.91 -0.52
CA ILE A 21 10.23 -1.77 -0.41
C ILE A 21 11.32 -1.34 -1.39
N THR A 22 11.14 -1.68 -2.66
CA THR A 22 12.11 -1.34 -3.69
C THR A 22 11.47 -1.35 -5.08
N ASP A 23 11.05 -2.53 -5.53
CA ASP A 23 10.43 -2.68 -6.84
C ASP A 23 8.93 -2.89 -6.69
N ILE A 24 8.48 -3.05 -5.45
CA ILE A 24 7.05 -3.17 -5.15
C ILE A 24 6.29 -3.93 -6.22
N GLN A 25 6.84 -5.07 -6.64
CA GLN A 25 6.22 -5.90 -7.65
C GLN A 25 5.29 -6.94 -7.01
N VAL A 26 4.78 -7.85 -7.83
CA VAL A 26 3.90 -8.91 -7.34
C VAL A 26 4.61 -9.75 -6.28
N GLY A 27 3.91 -10.02 -5.18
CA GLY A 27 4.48 -10.80 -4.11
C GLY A 27 5.07 -9.95 -3.00
N SER A 28 5.43 -8.71 -3.34
CA SER A 28 6.02 -7.80 -2.38
C SER A 28 4.97 -7.26 -1.42
N ARG A 29 5.41 -6.80 -0.26
CA ARG A 29 4.51 -6.29 0.76
C ARG A 29 5.05 -5.00 1.39
N ILE A 30 4.38 -3.89 1.09
CA ILE A 30 4.75 -2.61 1.68
C ILE A 30 3.89 -2.29 2.89
N THR A 31 4.24 -1.23 3.62
CA THR A 31 3.51 -0.84 4.81
C THR A 31 3.24 0.66 4.83
N TYR A 32 1.97 1.03 5.04
CA TYR A 32 1.58 2.43 5.10
C TYR A 32 1.64 2.93 6.54
N SER A 33 2.39 4.01 6.75
CA SER A 33 2.56 4.57 8.08
C SER A 33 2.36 6.08 8.07
N CYS A 34 1.50 6.57 8.97
CA CYS A 34 1.26 7.99 9.10
C CYS A 34 2.22 8.62 10.11
N THR A 35 2.01 9.90 10.41
CA THR A 35 2.82 10.58 11.41
C THR A 35 2.35 10.24 12.82
N THR A 36 3.25 10.38 13.79
CA THR A 36 2.95 10.04 15.17
C THR A 36 1.73 10.80 15.68
N GLY A 37 0.70 10.06 16.09
CA GLY A 37 -0.51 10.68 16.58
C GLY A 37 -1.69 10.49 15.64
N HIS A 38 -1.55 9.57 14.70
CA HIS A 38 -2.60 9.31 13.72
C HIS A 38 -2.80 7.81 13.51
N ARG A 39 -4.04 7.40 13.29
CA ARG A 39 -4.36 5.99 13.10
C ARG A 39 -4.67 5.69 11.63
N LEU A 40 -4.43 4.45 11.22
CA LEU A 40 -4.63 4.05 9.83
C LEU A 40 -6.11 3.88 9.51
N ILE A 41 -6.56 4.59 8.47
CA ILE A 41 -7.92 4.41 7.97
C ILE A 41 -7.99 3.23 7.02
N GLY A 42 -8.11 2.04 7.59
CA GLY A 42 -8.07 0.82 6.80
C GLY A 42 -7.59 -0.38 7.58
N HIS A 43 -6.30 -0.64 7.50
CA HIS A 43 -5.70 -1.74 8.25
C HIS A 43 -4.29 -1.38 8.72
N SER A 44 -3.31 -1.50 7.82
CA SER A 44 -1.94 -1.11 8.10
C SER A 44 -1.05 -1.26 6.87
N SER A 45 -1.15 -2.42 6.23
CA SER A 45 -0.32 -2.72 5.07
C SER A 45 -1.13 -3.42 3.98
N ALA A 46 -0.48 -3.72 2.86
CA ALA A 46 -1.15 -4.38 1.75
C ALA A 46 -0.24 -5.41 1.08
N GLU A 47 -0.80 -6.17 0.16
CA GLU A 47 -0.04 -7.19 -0.56
C GLU A 47 -0.51 -7.30 -2.00
N CYS A 48 0.44 -7.41 -2.93
CA CYS A 48 0.13 -7.54 -4.34
C CYS A 48 -0.66 -8.81 -4.62
N ILE A 49 -1.98 -8.70 -4.58
CA ILE A 49 -2.85 -9.84 -4.88
C ILE A 49 -3.51 -9.69 -6.26
N LEU A 50 -3.86 -10.82 -6.85
CA LEU A 50 -4.52 -10.83 -8.15
C LEU A 50 -6.01 -11.13 -8.01
N SER A 51 -6.85 -10.26 -8.57
CA SER A 51 -8.29 -10.44 -8.52
C SER A 51 -8.84 -10.85 -9.89
N GLY A 52 -8.09 -10.53 -10.93
CA GLY A 52 -8.50 -10.88 -12.29
C GLY A 52 -7.33 -11.07 -13.22
N ASN A 53 -6.79 -9.97 -13.74
CA ASN A 53 -5.65 -10.03 -14.66
C ASN A 53 -4.66 -8.91 -14.36
N THR A 54 -4.81 -8.29 -13.20
CA THR A 54 -3.92 -7.21 -12.79
C THR A 54 -3.73 -7.19 -11.28
N ALA A 55 -2.49 -7.06 -10.83
CA ALA A 55 -2.17 -7.05 -9.41
C ALA A 55 -2.56 -5.73 -8.75
N HIS A 56 -3.52 -5.80 -7.84
CA HIS A 56 -3.93 -4.63 -7.07
C HIS A 56 -3.87 -4.93 -5.58
N TRP A 57 -3.47 -3.93 -4.79
CA TRP A 57 -3.29 -4.11 -3.36
C TRP A 57 -4.63 -4.34 -2.66
N SER A 58 -4.62 -5.16 -1.61
CA SER A 58 -5.86 -5.52 -0.91
C SER A 58 -6.57 -4.30 -0.37
N THR A 59 -5.95 -3.65 0.62
CA THR A 59 -6.57 -2.52 1.30
C THR A 59 -6.65 -1.30 0.39
N LYS A 60 -7.63 -0.44 0.65
CA LYS A 60 -7.82 0.78 -0.13
C LYS A 60 -6.85 1.87 0.35
N PRO A 61 -6.61 2.89 -0.51
CA PRO A 61 -5.74 4.02 -0.15
C PRO A 61 -6.02 4.54 1.26
N PRO A 62 -5.10 4.26 2.21
CA PRO A 62 -5.32 4.58 3.62
C PRO A 62 -5.24 6.08 3.92
N ILE A 63 -6.00 6.52 4.91
CA ILE A 63 -5.97 7.91 5.34
C ILE A 63 -5.44 8.01 6.77
N CYS A 64 -5.07 9.21 7.18
CA CYS A 64 -4.51 9.43 8.51
C CYS A 64 -5.48 10.23 9.39
N GLN A 65 -6.11 9.54 10.35
CA GLN A 65 -7.04 10.19 11.26
C GLN A 65 -6.33 10.66 12.53
N ARG A 66 -6.80 11.78 13.07
CA ARG A 66 -6.22 12.34 14.29
C ARG A 66 -6.78 11.62 15.52
N ILE A 67 -5.95 10.81 16.14
CA ILE A 67 -6.36 10.03 17.31
C ILE A 67 -6.66 10.95 18.50
N PRO A 68 -7.86 10.80 19.11
CA PRO A 68 -8.25 11.62 20.25
C PRO A 68 -7.43 11.31 21.50
N GLU A 1 10.49 -6.79 -20.45
CA GLU A 1 9.76 -8.05 -20.15
C GLU A 1 8.37 -7.75 -19.61
N ALA A 2 7.36 -7.99 -20.43
CA ALA A 2 5.97 -7.75 -20.04
C ALA A 2 5.36 -9.00 -19.41
N GLU A 3 6.20 -9.99 -19.14
CA GLU A 3 5.74 -11.23 -18.54
C GLU A 3 5.46 -11.04 -17.06
N ALA A 4 6.38 -10.41 -16.36
CA ALA A 4 6.23 -10.14 -14.93
C ALA A 4 5.56 -8.80 -14.69
N LYS A 5 4.28 -8.82 -14.37
CA LYS A 5 3.51 -7.60 -14.14
C LYS A 5 3.72 -7.09 -12.72
N SER A 6 3.69 -5.76 -12.55
CA SER A 6 3.90 -5.14 -11.26
C SER A 6 2.73 -4.24 -10.89
N CYS A 7 2.70 -3.81 -9.63
CA CYS A 7 1.63 -2.94 -9.15
C CYS A 7 1.99 -1.47 -9.34
N LYS A 8 0.98 -0.61 -9.32
CA LYS A 8 1.18 0.82 -9.52
C LYS A 8 0.14 1.64 -8.77
N THR A 9 -0.16 1.23 -7.55
CA THR A 9 -1.27 1.79 -6.79
C THR A 9 -0.80 2.77 -5.71
N PRO A 10 0.15 2.36 -4.86
CA PRO A 10 0.50 3.10 -3.64
C PRO A 10 0.76 4.58 -3.91
N PRO A 11 -0.18 5.46 -3.52
CA PRO A 11 -0.02 6.90 -3.65
C PRO A 11 0.72 7.50 -2.46
N ASP A 12 0.64 8.83 -2.33
CA ASP A 12 1.22 9.51 -1.19
C ASP A 12 0.13 9.94 -0.20
N PRO A 13 0.09 9.30 0.98
CA PRO A 13 -0.95 9.56 1.99
C PRO A 13 -0.88 10.97 2.54
N VAL A 14 -1.93 11.37 3.26
CA VAL A 14 -1.96 12.68 3.90
C VAL A 14 -1.21 12.64 5.24
N ASN A 15 -0.30 13.58 5.42
CA ASN A 15 0.49 13.65 6.64
C ASN A 15 1.28 12.36 6.87
N GLY A 16 1.31 11.50 5.84
CA GLY A 16 2.02 10.24 5.95
C GLY A 16 2.96 10.01 4.78
N MET A 17 3.41 8.77 4.64
CA MET A 17 4.33 8.41 3.56
C MET A 17 4.38 6.90 3.37
N VAL A 18 4.33 6.47 2.10
CA VAL A 18 4.35 5.05 1.78
C VAL A 18 5.80 4.53 1.72
N HIS A 19 5.99 3.28 2.13
CA HIS A 19 7.31 2.66 2.12
C HIS A 19 7.29 1.31 1.43
N VAL A 20 8.37 0.99 0.74
CA VAL A 20 8.49 -0.30 0.07
C VAL A 20 9.52 -1.19 0.77
N ILE A 21 9.07 -2.33 1.26
CA ILE A 21 9.93 -3.26 1.99
C ILE A 21 10.86 -4.01 1.05
N THR A 22 10.36 -4.33 -0.13
CA THR A 22 11.14 -5.07 -1.12
C THR A 22 10.94 -4.50 -2.52
N ASP A 23 9.73 -4.68 -3.06
CA ASP A 23 9.42 -4.22 -4.41
C ASP A 23 7.94 -3.87 -4.53
N ILE A 24 7.49 -3.63 -5.76
CA ILE A 24 6.10 -3.31 -6.02
C ILE A 24 5.48 -4.35 -6.95
N GLN A 25 6.31 -5.25 -7.47
CA GLN A 25 5.84 -6.29 -8.37
C GLN A 25 4.95 -7.29 -7.64
N VAL A 26 4.59 -8.36 -8.33
CA VAL A 26 3.73 -9.38 -7.75
C VAL A 26 4.46 -10.17 -6.66
N GLY A 27 3.80 -10.35 -5.52
CA GLY A 27 4.38 -11.11 -4.44
C GLY A 27 5.18 -10.24 -3.48
N SER A 28 5.08 -8.93 -3.66
CA SER A 28 5.80 -7.99 -2.80
C SER A 28 4.88 -7.46 -1.70
N ARG A 29 5.46 -7.19 -0.53
CA ARG A 29 4.70 -6.67 0.60
C ARG A 29 5.26 -5.34 1.07
N ILE A 30 4.37 -4.36 1.25
CA ILE A 30 4.77 -3.05 1.74
C ILE A 30 3.91 -2.62 2.92
N THR A 31 4.32 -1.54 3.58
CA THR A 31 3.59 -1.04 4.74
C THR A 31 3.43 0.48 4.68
N TYR A 32 2.20 0.94 4.88
CA TYR A 32 1.92 2.37 4.87
C TYR A 32 2.12 2.98 6.26
N SER A 33 2.75 4.15 6.29
CA SER A 33 3.01 4.83 7.56
C SER A 33 2.36 6.21 7.57
N CYS A 34 2.34 6.84 8.75
CA CYS A 34 1.74 8.15 8.91
C CYS A 34 2.38 8.90 10.07
N THR A 35 2.20 10.22 10.10
CA THR A 35 2.79 11.06 11.14
C THR A 35 2.28 10.65 12.52
N THR A 36 3.11 10.89 13.53
CA THR A 36 2.75 10.54 14.91
C THR A 36 1.50 11.28 15.35
N GLY A 37 0.62 10.57 16.05
CA GLY A 37 -0.64 11.16 16.47
C GLY A 37 -1.77 10.89 15.49
N HIS A 38 -1.50 10.03 14.52
CA HIS A 38 -2.49 9.68 13.51
C HIS A 38 -2.51 8.18 13.27
N ARG A 39 -3.63 7.54 13.61
CA ARG A 39 -3.76 6.10 13.44
C ARG A 39 -4.34 5.76 12.08
N LEU A 40 -3.76 4.74 11.44
CA LEU A 40 -4.19 4.33 10.10
C LEU A 40 -5.52 3.57 10.17
N ILE A 41 -6.48 4.02 9.38
CA ILE A 41 -7.78 3.37 9.32
C ILE A 41 -7.78 2.25 8.28
N GLY A 42 -7.22 1.10 8.67
CA GLY A 42 -7.14 -0.02 7.76
C GLY A 42 -6.32 -1.16 8.33
N HIS A 43 -5.19 -1.47 7.70
CA HIS A 43 -4.34 -2.55 8.13
C HIS A 43 -2.86 -2.18 8.01
N SER A 44 -2.61 -0.96 7.54
CA SER A 44 -1.25 -0.45 7.39
C SER A 44 -0.36 -1.45 6.65
N SER A 45 -0.97 -2.27 5.81
CA SER A 45 -0.24 -3.27 5.04
C SER A 45 -1.07 -3.80 3.88
N ALA A 46 -0.40 -4.41 2.90
CA ALA A 46 -1.08 -4.94 1.73
C ALA A 46 -0.18 -5.90 0.96
N GLU A 47 -0.75 -6.56 -0.05
CA GLU A 47 0.00 -7.51 -0.87
C GLU A 47 -0.48 -7.48 -2.31
N CYS A 48 0.48 -7.49 -3.24
CA CYS A 48 0.15 -7.47 -4.66
C CYS A 48 -0.51 -8.77 -5.10
N ILE A 49 -1.83 -8.82 -4.99
CA ILE A 49 -2.59 -9.98 -5.42
C ILE A 49 -3.21 -9.75 -6.81
N LEU A 50 -2.98 -10.70 -7.71
CA LEU A 50 -3.54 -10.64 -9.05
C LEU A 50 -4.95 -11.23 -9.09
N SER A 51 -5.93 -10.40 -9.43
CA SER A 51 -7.31 -10.84 -9.52
C SER A 51 -8.04 -10.14 -10.66
N GLY A 52 -8.01 -10.75 -11.84
CA GLY A 52 -8.64 -10.17 -13.00
C GLY A 52 -7.63 -9.59 -13.98
N ASN A 53 -6.52 -10.29 -14.15
CA ASN A 53 -5.46 -9.85 -15.06
C ASN A 53 -4.95 -8.47 -14.66
N THR A 54 -5.11 -8.12 -13.38
CA THR A 54 -4.65 -6.84 -12.86
C THR A 54 -4.08 -6.98 -11.46
N ALA A 55 -2.91 -6.42 -11.24
CA ALA A 55 -2.27 -6.44 -9.92
C ALA A 55 -2.76 -5.29 -9.06
N HIS A 56 -3.47 -5.63 -7.98
CA HIS A 56 -3.97 -4.62 -7.06
C HIS A 56 -3.84 -5.10 -5.61
N TRP A 57 -3.50 -4.18 -4.71
CA TRP A 57 -3.31 -4.53 -3.31
C TRP A 57 -4.63 -4.88 -2.65
N SER A 58 -4.59 -5.79 -1.68
CA SER A 58 -5.80 -6.25 -1.00
C SER A 58 -6.50 -5.10 -0.29
N THR A 59 -5.81 -4.51 0.68
CA THR A 59 -6.40 -3.47 1.51
C THR A 59 -6.65 -2.20 0.70
N LYS A 60 -7.78 -1.53 0.99
CA LYS A 60 -8.10 -0.27 0.36
C LYS A 60 -7.09 0.81 0.74
N PRO A 61 -6.97 1.88 -0.07
CA PRO A 61 -6.04 2.98 0.20
C PRO A 61 -6.19 3.55 1.60
N PRO A 62 -5.21 3.27 2.48
CA PRO A 62 -5.27 3.68 3.89
C PRO A 62 -5.42 5.19 4.05
N ILE A 63 -5.92 5.60 5.22
CA ILE A 63 -6.07 7.02 5.53
C ILE A 63 -5.50 7.34 6.91
N CYS A 64 -5.28 8.62 7.17
CA CYS A 64 -4.74 9.06 8.46
C CYS A 64 -5.82 9.71 9.31
N GLN A 65 -6.07 9.13 10.48
CA GLN A 65 -7.08 9.66 11.40
C GLN A 65 -6.43 10.22 12.66
N ARG A 66 -6.35 11.55 12.76
CA ARG A 66 -5.78 12.20 13.93
C ARG A 66 -6.50 11.76 15.20
N ILE A 67 -5.73 11.65 16.29
CA ILE A 67 -6.27 11.17 17.55
C ILE A 67 -6.53 12.32 18.52
N PRO A 68 -7.76 12.39 19.06
CA PRO A 68 -8.14 13.44 20.02
C PRO A 68 -7.19 13.50 21.22
N GLU A 1 10.89 -13.30 -19.18
CA GLU A 1 11.98 -12.53 -18.53
C GLU A 1 11.93 -12.68 -17.02
N ALA A 2 10.94 -13.41 -16.53
CA ALA A 2 10.77 -13.65 -15.10
C ALA A 2 10.56 -12.34 -14.35
N GLU A 3 10.53 -12.42 -13.03
CA GLU A 3 10.33 -11.25 -12.18
C GLU A 3 9.02 -10.56 -12.54
N ALA A 4 7.92 -11.03 -11.96
CA ALA A 4 6.60 -10.47 -12.22
C ALA A 4 6.43 -9.13 -11.52
N LYS A 5 6.81 -8.06 -12.18
CA LYS A 5 6.68 -6.71 -11.63
C LYS A 5 5.68 -5.88 -12.44
N SER A 6 4.60 -5.48 -11.80
CA SER A 6 3.55 -4.72 -12.48
C SER A 6 2.44 -4.33 -11.50
N CYS A 7 2.79 -4.15 -10.23
CA CYS A 7 1.82 -3.79 -9.21
C CYS A 7 1.49 -2.30 -9.27
N LYS A 8 0.21 -1.98 -9.38
CA LYS A 8 -0.23 -0.60 -9.48
C LYS A 8 0.06 0.16 -8.19
N THR A 9 1.21 0.83 -8.15
CA THR A 9 1.64 1.56 -6.97
C THR A 9 0.63 2.65 -6.60
N PRO A 10 0.22 2.71 -5.32
CA PRO A 10 -0.78 3.66 -4.84
C PRO A 10 -0.19 5.05 -4.61
N PRO A 11 -0.96 6.11 -4.94
CA PRO A 11 -0.55 7.49 -4.65
C PRO A 11 -0.55 7.79 -3.16
N ASP A 12 0.37 8.65 -2.73
CA ASP A 12 0.53 8.95 -1.31
C ASP A 12 -0.80 9.34 -0.67
N PRO A 13 -1.37 8.44 0.16
CA PRO A 13 -2.66 8.67 0.81
C PRO A 13 -2.57 9.74 1.89
N VAL A 14 -3.11 10.92 1.60
CA VAL A 14 -3.10 12.05 2.53
C VAL A 14 -1.74 12.19 3.23
N ASN A 15 -1.70 12.95 4.32
CA ASN A 15 -0.46 13.18 5.05
C ASN A 15 0.29 11.88 5.30
N GLY A 16 -0.46 10.80 5.48
CA GLY A 16 0.15 9.50 5.71
C GLY A 16 1.01 9.05 4.55
N MET A 17 2.29 8.80 4.82
CA MET A 17 3.23 8.39 3.78
C MET A 17 3.29 6.86 3.69
N VAL A 18 3.28 6.35 2.46
CA VAL A 18 3.37 4.91 2.23
C VAL A 18 4.82 4.44 2.28
N HIS A 19 5.05 3.28 2.87
CA HIS A 19 6.40 2.75 3.05
C HIS A 19 6.69 1.64 2.03
N VAL A 20 7.20 2.02 0.88
CA VAL A 20 7.60 1.05 -0.14
C VAL A 20 8.90 0.35 0.25
N ILE A 21 8.84 -0.98 0.34
CA ILE A 21 9.99 -1.76 0.80
C ILE A 21 11.21 -1.52 -0.08
N THR A 22 11.28 -2.22 -1.21
CA THR A 22 12.41 -2.13 -2.11
C THR A 22 12.05 -2.65 -3.50
N ASP A 23 11.05 -3.53 -3.56
CA ASP A 23 10.65 -4.17 -4.80
C ASP A 23 9.15 -4.36 -4.86
N ILE A 24 8.53 -3.84 -5.91
CA ILE A 24 7.09 -3.82 -6.02
C ILE A 24 6.59 -4.88 -7.00
N GLN A 25 7.06 -6.10 -6.83
CA GLN A 25 6.57 -7.23 -7.61
C GLN A 25 5.41 -7.91 -6.90
N VAL A 26 4.70 -8.77 -7.62
CA VAL A 26 3.59 -9.51 -7.05
C VAL A 26 4.07 -10.46 -5.95
N GLY A 27 3.33 -10.46 -4.85
CA GLY A 27 3.73 -11.26 -3.69
C GLY A 27 4.40 -10.42 -2.62
N SER A 28 4.58 -9.13 -2.90
CA SER A 28 5.19 -8.22 -1.95
C SER A 28 4.17 -7.73 -0.93
N ARG A 29 4.65 -7.19 0.18
CA ARG A 29 3.78 -6.72 1.25
C ARG A 29 4.34 -5.44 1.88
N ILE A 30 3.98 -4.30 1.30
CA ILE A 30 4.40 -3.02 1.84
C ILE A 30 3.51 -2.60 3.02
N THR A 31 3.89 -1.53 3.71
CA THR A 31 3.18 -1.07 4.89
C THR A 31 2.83 0.41 4.79
N TYR A 32 1.67 0.77 5.30
CA TYR A 32 1.21 2.16 5.25
C TYR A 32 1.22 2.78 6.64
N SER A 33 1.64 4.04 6.73
CA SER A 33 1.74 4.74 8.01
C SER A 33 1.46 6.22 7.84
N CYS A 34 1.41 6.93 8.97
CA CYS A 34 1.17 8.38 8.95
C CYS A 34 2.47 9.14 9.11
N THR A 35 2.47 10.38 8.63
CA THR A 35 3.67 11.22 8.68
C THR A 35 3.96 11.70 10.10
N THR A 36 3.07 11.37 11.02
CA THR A 36 3.23 11.77 12.42
C THR A 36 3.09 10.57 13.35
N GLY A 37 2.17 9.67 13.01
CA GLY A 37 1.94 8.50 13.85
C GLY A 37 0.47 8.28 14.14
N HIS A 38 -0.39 8.86 13.30
CA HIS A 38 -1.83 8.75 13.48
C HIS A 38 -2.31 7.35 13.10
N ARG A 39 -3.63 7.16 13.10
CA ARG A 39 -4.23 5.85 12.85
C ARG A 39 -4.57 5.67 11.38
N LEU A 40 -4.48 4.43 10.91
CA LEU A 40 -4.83 4.12 9.52
C LEU A 40 -6.27 3.62 9.44
N ILE A 41 -7.12 4.38 8.77
CA ILE A 41 -8.51 3.99 8.57
C ILE A 41 -8.62 3.04 7.39
N GLY A 42 -8.45 1.74 7.66
CA GLY A 42 -8.46 0.76 6.60
C GLY A 42 -7.57 -0.43 6.91
N HIS A 43 -6.45 -0.53 6.20
CA HIS A 43 -5.50 -1.62 6.42
C HIS A 43 -4.07 -1.13 6.22
N SER A 44 -3.27 -1.21 7.29
CA SER A 44 -1.89 -0.75 7.24
C SER A 44 -0.98 -1.82 6.64
N SER A 45 -1.51 -2.56 5.67
CA SER A 45 -0.72 -3.57 4.97
C SER A 45 -1.33 -3.87 3.60
N ALA A 46 -0.52 -4.41 2.71
CA ALA A 46 -0.95 -4.65 1.34
C ALA A 46 -0.47 -6.01 0.84
N GLU A 47 -1.08 -6.47 -0.26
CA GLU A 47 -0.66 -7.70 -0.91
C GLU A 47 -1.01 -7.67 -2.40
N CYS A 48 0.01 -7.47 -3.22
CA CYS A 48 -0.19 -7.33 -4.67
C CYS A 48 -0.89 -8.56 -5.24
N ILE A 49 -2.20 -8.44 -5.43
CA ILE A 49 -3.00 -9.55 -5.93
C ILE A 49 -3.76 -9.17 -7.20
N LEU A 50 -3.80 -10.10 -8.15
CA LEU A 50 -4.51 -9.87 -9.41
C LEU A 50 -5.97 -10.28 -9.28
N SER A 51 -6.81 -9.73 -10.16
CA SER A 51 -8.24 -10.06 -10.16
C SER A 51 -8.83 -9.88 -11.55
N GLY A 52 -7.97 -9.81 -12.56
CA GLY A 52 -8.42 -9.64 -13.92
C GLY A 52 -8.41 -8.19 -14.35
N ASN A 53 -8.47 -7.28 -13.39
CA ASN A 53 -8.46 -5.85 -13.67
C ASN A 53 -7.16 -5.22 -13.20
N THR A 54 -6.05 -5.66 -13.77
CA THR A 54 -4.73 -5.15 -13.41
C THR A 54 -4.38 -5.47 -11.95
N ALA A 55 -3.17 -5.95 -11.73
CA ALA A 55 -2.71 -6.30 -10.39
C ALA A 55 -2.70 -5.08 -9.48
N HIS A 56 -3.55 -5.11 -8.45
CA HIS A 56 -3.63 -4.00 -7.50
C HIS A 56 -3.49 -4.50 -6.07
N TRP A 57 -3.04 -3.62 -5.18
CA TRP A 57 -2.86 -3.98 -3.78
C TRP A 57 -4.21 -4.18 -3.09
N SER A 58 -4.28 -5.15 -2.19
CA SER A 58 -5.53 -5.53 -1.56
C SER A 58 -5.98 -4.50 -0.52
N THR A 59 -5.22 -3.42 -0.41
CA THR A 59 -5.53 -2.37 0.56
C THR A 59 -6.91 -1.77 0.30
N LYS A 60 -7.66 -1.56 1.39
CA LYS A 60 -8.86 -0.74 1.33
C LYS A 60 -8.51 0.73 1.50
N PRO A 61 -9.37 1.64 0.99
CA PRO A 61 -9.11 3.08 1.02
C PRO A 61 -8.55 3.55 2.36
N PRO A 62 -7.23 3.77 2.44
CA PRO A 62 -6.55 4.14 3.68
C PRO A 62 -6.67 5.62 4.00
N ILE A 63 -6.74 5.94 5.30
CA ILE A 63 -6.83 7.32 5.74
C ILE A 63 -5.93 7.55 6.96
N CYS A 64 -5.68 8.82 7.26
CA CYS A 64 -4.85 9.17 8.41
C CYS A 64 -5.60 10.12 9.34
N GLN A 65 -5.84 9.67 10.57
CA GLN A 65 -6.64 10.43 11.53
C GLN A 65 -5.90 10.59 12.85
N ARG A 66 -5.69 11.83 13.26
CA ARG A 66 -4.97 12.13 14.50
C ARG A 66 -5.65 11.46 15.69
N ILE A 67 -4.92 10.54 16.33
CA ILE A 67 -5.44 9.83 17.48
C ILE A 67 -5.40 10.69 18.74
N PRO A 68 -6.49 10.65 19.54
CA PRO A 68 -6.58 11.44 20.78
C PRO A 68 -5.66 10.90 21.87
N GLU A 1 -0.45 -7.59 -23.60
CA GLU A 1 -0.72 -8.15 -22.26
C GLU A 1 -0.75 -9.67 -22.30
N ALA A 2 0.33 -10.31 -21.83
CA ALA A 2 0.41 -11.76 -21.82
C ALA A 2 0.65 -12.28 -20.40
N GLU A 3 1.08 -11.39 -19.51
CA GLU A 3 1.35 -11.76 -18.14
C GLU A 3 1.25 -10.55 -17.21
N ALA A 4 0.16 -10.48 -16.44
CA ALA A 4 -0.04 -9.40 -15.49
C ALA A 4 0.64 -9.70 -14.17
N LYS A 5 1.55 -8.82 -13.76
CA LYS A 5 2.32 -9.02 -12.53
C LYS A 5 3.00 -7.74 -12.09
N SER A 6 3.50 -7.71 -10.86
CA SER A 6 4.23 -6.57 -10.32
C SER A 6 3.32 -5.34 -10.21
N CYS A 7 2.98 -4.99 -8.97
CA CYS A 7 2.17 -3.81 -8.71
C CYS A 7 2.94 -2.54 -9.07
N LYS A 8 2.26 -1.40 -8.99
CA LYS A 8 2.85 -0.12 -9.41
C LYS A 8 2.80 0.91 -8.28
N THR A 9 3.02 0.44 -7.06
CA THR A 9 3.12 1.31 -5.89
C THR A 9 1.83 2.08 -5.64
N PRO A 10 1.38 2.15 -4.38
CA PRO A 10 0.19 2.90 -4.00
C PRO A 10 0.45 4.41 -3.88
N PRO A 11 -0.44 5.24 -4.45
CA PRO A 11 -0.33 6.70 -4.37
C PRO A 11 -0.20 7.18 -2.92
N ASP A 12 0.64 8.20 -2.72
CA ASP A 12 0.90 8.72 -1.38
C ASP A 12 -0.40 9.15 -0.69
N PRO A 13 -0.85 8.38 0.31
CA PRO A 13 -2.11 8.63 1.02
C PRO A 13 -1.96 9.69 2.09
N VAL A 14 -2.75 10.77 1.96
CA VAL A 14 -2.82 11.83 2.96
C VAL A 14 -1.42 12.23 3.45
N ASN A 15 -1.36 12.96 4.56
CA ASN A 15 -0.10 13.39 5.14
C ASN A 15 0.90 12.23 5.22
N GLY A 16 0.38 11.04 5.49
CA GLY A 16 1.24 9.86 5.60
C GLY A 16 1.92 9.52 4.29
N MET A 17 2.85 8.57 4.34
CA MET A 17 3.58 8.14 3.15
C MET A 17 3.85 6.65 3.18
N VAL A 18 3.80 6.01 2.02
CA VAL A 18 4.03 4.57 1.92
C VAL A 18 5.51 4.27 1.73
N HIS A 19 6.01 3.29 2.48
CA HIS A 19 7.41 2.93 2.43
C HIS A 19 7.67 1.79 1.45
N VAL A 20 8.45 2.05 0.42
CA VAL A 20 8.85 1.03 -0.54
C VAL A 20 10.15 0.35 -0.11
N ILE A 21 10.06 -0.94 0.22
CA ILE A 21 11.21 -1.70 0.68
C ILE A 21 12.31 -1.73 -0.37
N THR A 22 12.07 -2.47 -1.45
CA THR A 22 13.05 -2.62 -2.52
C THR A 22 12.37 -2.67 -3.89
N ASP A 23 11.43 -3.59 -4.04
CA ASP A 23 10.72 -3.77 -5.29
C ASP A 23 9.21 -3.75 -5.06
N ILE A 24 8.46 -4.21 -6.06
CA ILE A 24 7.01 -4.16 -6.00
C ILE A 24 6.40 -5.32 -6.80
N GLN A 25 7.08 -6.46 -6.79
CA GLN A 25 6.58 -7.64 -7.48
C GLN A 25 5.83 -8.56 -6.53
N VAL A 26 5.45 -9.74 -7.03
CA VAL A 26 4.75 -10.72 -6.20
C VAL A 26 5.60 -11.14 -5.00
N GLY A 27 4.95 -11.30 -3.86
CA GLY A 27 5.66 -11.70 -2.66
C GLY A 27 6.12 -10.52 -1.83
N SER A 28 6.11 -9.33 -2.42
CA SER A 28 6.50 -8.11 -1.73
C SER A 28 5.38 -7.60 -0.83
N ARG A 29 5.73 -7.23 0.39
CA ARG A 29 4.75 -6.76 1.36
C ARG A 29 5.24 -5.49 2.06
N ILE A 30 4.97 -4.35 1.46
CA ILE A 30 5.34 -3.07 2.05
C ILE A 30 4.30 -2.62 3.07
N THR A 31 4.63 -1.59 3.84
CA THR A 31 3.77 -1.13 4.92
C THR A 31 3.49 0.37 4.83
N TYR A 32 2.27 0.76 5.17
CA TYR A 32 1.90 2.17 5.16
C TYR A 32 2.17 2.81 6.53
N SER A 33 2.55 4.08 6.51
CA SER A 33 2.80 4.81 7.74
C SER A 33 2.32 6.26 7.61
N CYS A 34 2.37 6.98 8.72
CA CYS A 34 1.94 8.38 8.74
C CYS A 34 3.11 9.29 9.08
N THR A 35 2.94 10.58 8.80
CA THR A 35 4.04 11.54 8.93
C THR A 35 4.37 11.82 10.39
N THR A 36 3.55 11.28 11.29
CA THR A 36 3.75 11.47 12.73
C THR A 36 3.61 10.15 13.48
N GLY A 37 2.72 9.30 12.99
CA GLY A 37 2.46 8.04 13.66
C GLY A 37 0.98 7.84 13.93
N HIS A 38 0.14 8.66 13.31
CA HIS A 38 -1.30 8.58 13.49
C HIS A 38 -1.83 7.23 13.03
N ARG A 39 -2.90 6.77 13.69
CA ARG A 39 -3.45 5.45 13.42
C ARG A 39 -3.96 5.34 11.99
N LEU A 40 -3.83 4.15 11.41
CA LEU A 40 -4.23 3.92 10.02
C LEU A 40 -5.70 3.55 9.93
N ILE A 41 -6.47 4.35 9.19
CA ILE A 41 -7.84 3.99 8.86
C ILE A 41 -7.86 2.90 7.79
N GLY A 42 -7.67 1.66 8.21
CA GLY A 42 -7.52 0.57 7.27
C GLY A 42 -6.98 -0.68 7.91
N HIS A 43 -5.71 -0.97 7.67
CA HIS A 43 -5.07 -2.16 8.20
C HIS A 43 -3.70 -1.85 8.79
N SER A 44 -2.66 -1.95 7.96
CA SER A 44 -1.30 -1.72 8.40
C SER A 44 -0.31 -1.98 7.26
N SER A 45 -0.62 -2.98 6.44
CA SER A 45 0.29 -3.40 5.38
C SER A 45 -0.47 -4.00 4.21
N ALA A 46 0.15 -4.00 3.03
CA ALA A 46 -0.51 -4.45 1.81
C ALA A 46 0.23 -5.65 1.20
N GLU A 47 -0.46 -6.34 0.30
CA GLU A 47 0.15 -7.46 -0.44
C GLU A 47 -0.20 -7.38 -1.91
N CYS A 48 0.82 -7.35 -2.76
CA CYS A 48 0.61 -7.22 -4.20
C CYS A 48 -0.21 -8.38 -4.75
N ILE A 49 -1.46 -8.10 -5.08
CA ILE A 49 -2.36 -9.12 -5.60
C ILE A 49 -2.98 -8.69 -6.93
N LEU A 50 -3.19 -9.66 -7.82
CA LEU A 50 -3.84 -9.39 -9.10
C LEU A 50 -5.35 -9.28 -8.93
N SER A 51 -5.92 -8.18 -9.40
CA SER A 51 -7.36 -7.96 -9.31
C SER A 51 -7.98 -7.83 -10.71
N GLY A 52 -7.27 -8.34 -11.70
CA GLY A 52 -7.76 -8.26 -13.07
C GLY A 52 -6.63 -8.20 -14.09
N ASN A 53 -6.49 -7.05 -14.74
CA ASN A 53 -5.42 -6.87 -15.72
C ASN A 53 -4.22 -6.16 -15.08
N THR A 54 -4.35 -5.83 -13.81
CA THR A 54 -3.28 -5.15 -13.08
C THR A 54 -3.31 -5.50 -11.60
N ALA A 55 -2.14 -5.75 -11.03
CA ALA A 55 -2.03 -6.08 -9.62
C ALA A 55 -2.07 -4.83 -8.75
N HIS A 56 -3.00 -4.82 -7.78
CA HIS A 56 -3.11 -3.72 -6.84
C HIS A 56 -2.87 -4.19 -5.41
N TRP A 57 -2.70 -3.24 -4.50
CA TRP A 57 -2.44 -3.56 -3.10
C TRP A 57 -3.75 -3.77 -2.33
N SER A 58 -3.76 -4.77 -1.46
CA SER A 58 -4.98 -5.18 -0.79
C SER A 58 -5.22 -4.38 0.50
N THR A 59 -5.02 -3.07 0.42
CA THR A 59 -5.29 -2.19 1.55
C THR A 59 -6.39 -1.18 1.21
N LYS A 60 -7.36 -1.05 2.11
CA LYS A 60 -8.36 0.01 2.02
C LYS A 60 -7.68 1.38 2.08
N PRO A 61 -8.35 2.43 1.57
CA PRO A 61 -7.81 3.79 1.56
C PRO A 61 -7.25 4.22 2.91
N PRO A 62 -5.91 4.22 3.06
CA PRO A 62 -5.26 4.52 4.34
C PRO A 62 -5.22 6.01 4.64
N ILE A 63 -5.46 6.37 5.90
CA ILE A 63 -5.50 7.77 6.31
C ILE A 63 -4.87 7.95 7.69
N CYS A 64 -4.61 9.20 8.06
CA CYS A 64 -4.08 9.51 9.38
C CYS A 64 -5.19 10.02 10.29
N GLN A 65 -5.66 9.16 11.20
CA GLN A 65 -6.78 9.50 12.07
C GLN A 65 -6.41 10.64 13.03
N ARG A 66 -5.11 10.84 13.21
CA ARG A 66 -4.60 11.85 14.13
C ARG A 66 -4.99 11.52 15.57
N ILE A 67 -3.99 11.22 16.39
CA ILE A 67 -4.23 10.88 17.79
C ILE A 67 -3.93 12.06 18.70
N PRO A 68 -4.96 12.57 19.41
CA PRO A 68 -4.80 13.70 20.34
C PRO A 68 -3.97 13.34 21.56
N GLU A 1 12.77 -15.91 -16.20
CA GLU A 1 12.32 -15.25 -14.94
C GLU A 1 10.88 -14.77 -15.07
N ALA A 2 10.65 -13.83 -15.97
CA ALA A 2 9.31 -13.29 -16.21
C ALA A 2 8.77 -12.59 -14.96
N GLU A 3 8.72 -11.26 -15.01
CA GLU A 3 8.22 -10.48 -13.88
C GLU A 3 6.74 -10.75 -13.64
N ALA A 4 6.11 -11.43 -14.60
CA ALA A 4 4.69 -11.78 -14.49
C ALA A 4 3.81 -10.52 -14.46
N LYS A 5 3.67 -9.93 -13.28
CA LYS A 5 2.83 -8.76 -13.11
C LYS A 5 3.36 -7.87 -11.99
N SER A 6 3.07 -6.57 -12.10
CA SER A 6 3.52 -5.61 -11.09
C SER A 6 2.39 -4.64 -10.74
N CYS A 7 2.15 -4.45 -9.45
CA CYS A 7 1.10 -3.56 -8.98
C CYS A 7 1.52 -2.09 -9.12
N LYS A 8 0.56 -1.23 -9.41
CA LYS A 8 0.81 0.19 -9.55
C LYS A 8 -0.32 1.01 -8.92
N THR A 9 -0.08 1.49 -7.71
CA THR A 9 -1.13 2.11 -6.91
C THR A 9 -0.57 3.04 -5.83
N PRO A 10 0.31 2.52 -4.95
CA PRO A 10 0.73 3.23 -3.73
C PRO A 10 1.18 4.66 -4.00
N PRO A 11 0.33 5.65 -3.65
CA PRO A 11 0.66 7.06 -3.77
C PRO A 11 1.36 7.60 -2.52
N ASP A 12 1.40 8.92 -2.39
CA ASP A 12 1.89 9.57 -1.19
C ASP A 12 0.74 9.94 -0.26
N PRO A 13 0.52 9.15 0.81
CA PRO A 13 -0.63 9.35 1.71
C PRO A 13 -0.62 10.72 2.36
N VAL A 14 -1.80 11.33 2.45
CA VAL A 14 -1.94 12.64 3.06
C VAL A 14 -1.45 12.62 4.51
N ASN A 15 -0.64 13.61 4.87
CA ASN A 15 -0.08 13.68 6.21
C ASN A 15 0.63 12.37 6.58
N GLY A 16 1.63 12.01 5.78
CA GLY A 16 2.35 10.77 6.02
C GLY A 16 3.25 10.39 4.85
N MET A 17 3.56 9.10 4.76
CA MET A 17 4.43 8.60 3.69
C MET A 17 4.32 7.10 3.55
N VAL A 18 4.37 6.61 2.31
CA VAL A 18 4.33 5.19 2.03
C VAL A 18 5.73 4.58 2.07
N HIS A 19 5.83 3.33 2.52
CA HIS A 19 7.11 2.67 2.67
C HIS A 19 7.28 1.56 1.65
N VAL A 20 8.06 1.83 0.60
CA VAL A 20 8.40 0.82 -0.38
C VAL A 20 9.56 -0.03 0.11
N ILE A 21 9.27 -1.30 0.42
CA ILE A 21 10.29 -2.20 0.97
C ILE A 21 11.45 -2.38 -0.01
N THR A 22 11.13 -2.82 -1.23
CA THR A 22 12.15 -3.05 -2.24
C THR A 22 11.54 -2.99 -3.64
N ASP A 23 10.30 -3.44 -3.76
CA ASP A 23 9.60 -3.45 -5.04
C ASP A 23 8.10 -3.26 -4.83
N ILE A 24 7.34 -3.47 -5.89
CA ILE A 24 5.89 -3.31 -5.83
C ILE A 24 5.19 -4.31 -6.74
N GLN A 25 5.73 -5.53 -6.79
CA GLN A 25 5.17 -6.59 -7.62
C GLN A 25 4.50 -7.66 -6.76
N VAL A 26 4.03 -8.72 -7.40
CA VAL A 26 3.38 -9.82 -6.70
C VAL A 26 4.33 -10.46 -5.71
N GLY A 27 3.82 -10.77 -4.51
CA GLY A 27 4.64 -11.35 -3.48
C GLY A 27 5.33 -10.32 -2.62
N SER A 28 5.25 -9.05 -3.04
CA SER A 28 5.87 -7.96 -2.30
C SER A 28 4.85 -7.30 -1.38
N ARG A 29 5.23 -7.08 -0.13
CA ARG A 29 4.34 -6.49 0.87
C ARG A 29 4.94 -5.21 1.44
N ILE A 30 4.39 -4.07 1.02
CA ILE A 30 4.81 -2.78 1.56
C ILE A 30 3.98 -2.41 2.78
N THR A 31 4.31 -1.28 3.40
CA THR A 31 3.62 -0.82 4.59
C THR A 31 3.30 0.67 4.53
N TYR A 32 2.05 1.02 4.83
CA TYR A 32 1.64 2.42 4.86
C TYR A 32 1.69 2.96 6.29
N SER A 33 1.89 4.27 6.42
CA SER A 33 1.98 4.91 7.73
C SER A 33 1.53 6.37 7.65
N CYS A 34 0.89 6.83 8.72
CA CYS A 34 0.48 8.23 8.81
C CYS A 34 1.33 8.97 9.84
N THR A 35 1.22 10.29 9.85
CA THR A 35 2.00 11.12 10.77
C THR A 35 1.73 10.75 12.22
N THR A 36 2.65 11.09 13.10
CA THR A 36 2.53 10.79 14.52
C THR A 36 1.31 11.49 15.12
N GLY A 37 0.54 10.76 15.93
CA GLY A 37 -0.67 11.31 16.50
C GLY A 37 -1.90 10.95 15.71
N HIS A 38 -1.73 10.08 14.72
CA HIS A 38 -2.83 9.64 13.88
C HIS A 38 -2.92 8.11 13.83
N ARG A 39 -3.98 7.59 13.24
CA ARG A 39 -4.17 6.15 13.10
C ARG A 39 -4.65 5.80 11.71
N LEU A 40 -3.93 4.91 11.04
CA LEU A 40 -4.26 4.52 9.67
C LEU A 40 -5.57 3.75 9.62
N ILE A 41 -6.51 4.24 8.82
CA ILE A 41 -7.77 3.54 8.62
C ILE A 41 -7.61 2.43 7.58
N GLY A 42 -7.04 1.31 8.03
CA GLY A 42 -6.76 0.21 7.12
C GLY A 42 -6.13 -0.98 7.82
N HIS A 43 -4.99 -1.43 7.32
CA HIS A 43 -4.31 -2.60 7.86
C HIS A 43 -2.82 -2.34 8.04
N SER A 44 -2.40 -1.12 7.76
CA SER A 44 -0.99 -0.74 7.88
C SER A 44 -0.11 -1.63 7.00
N SER A 45 -0.72 -2.24 5.99
CA SER A 45 0.00 -3.13 5.09
C SER A 45 -0.72 -3.28 3.76
N ALA A 46 -0.19 -4.13 2.88
CA ALA A 46 -0.80 -4.37 1.58
C ALA A 46 -0.14 -5.54 0.87
N GLU A 47 -0.92 -6.25 0.07
CA GLU A 47 -0.41 -7.40 -0.67
C GLU A 47 -0.76 -7.31 -2.16
N CYS A 48 0.28 -7.29 -3.00
CA CYS A 48 0.09 -7.19 -4.44
C CYS A 48 -0.48 -8.48 -5.01
N ILE A 49 -1.79 -8.47 -5.28
CA ILE A 49 -2.47 -9.66 -5.78
C ILE A 49 -3.25 -9.36 -7.07
N LEU A 50 -3.44 -10.37 -7.89
CA LEU A 50 -4.24 -10.25 -9.11
C LEU A 50 -5.69 -10.67 -8.85
N SER A 51 -6.59 -10.24 -9.73
CA SER A 51 -8.01 -10.57 -9.61
C SER A 51 -8.66 -10.69 -10.97
N GLY A 52 -8.11 -9.98 -11.95
CA GLY A 52 -8.67 -10.02 -13.30
C GLY A 52 -7.64 -9.70 -14.37
N ASN A 53 -7.45 -8.42 -14.64
CA ASN A 53 -6.49 -7.98 -15.66
C ASN A 53 -5.58 -6.89 -15.12
N THR A 54 -5.91 -6.39 -13.94
CA THR A 54 -5.11 -5.34 -13.32
C THR A 54 -4.81 -5.66 -11.86
N ALA A 55 -3.53 -5.84 -11.55
CA ALA A 55 -3.11 -6.15 -10.19
C ALA A 55 -3.40 -4.99 -9.24
N HIS A 56 -4.02 -5.30 -8.12
CA HIS A 56 -4.32 -4.28 -7.11
C HIS A 56 -4.08 -4.84 -5.71
N TRP A 57 -3.63 -3.96 -4.81
CA TRP A 57 -3.34 -4.36 -3.43
C TRP A 57 -4.62 -4.73 -2.69
N SER A 58 -4.54 -5.74 -1.84
CA SER A 58 -5.71 -6.29 -1.19
C SER A 58 -6.24 -5.36 -0.10
N THR A 59 -5.48 -4.31 0.18
CA THR A 59 -5.85 -3.36 1.24
C THR A 59 -6.34 -2.05 0.65
N LYS A 60 -7.22 -1.37 1.37
CA LYS A 60 -7.77 -0.09 0.94
C LYS A 60 -6.71 1.02 1.04
N PRO A 61 -6.85 2.08 0.24
CA PRO A 61 -5.94 3.23 0.28
C PRO A 61 -5.76 3.77 1.70
N PRO A 62 -4.55 4.28 2.02
CA PRO A 62 -4.23 4.77 3.36
C PRO A 62 -4.92 6.09 3.68
N ILE A 63 -5.43 6.20 4.90
CA ILE A 63 -6.12 7.41 5.34
C ILE A 63 -5.68 7.78 6.76
N CYS A 64 -5.97 9.03 7.15
CA CYS A 64 -5.64 9.50 8.48
C CYS A 64 -6.88 10.04 9.18
N GLN A 65 -7.17 9.51 10.37
CA GLN A 65 -8.40 9.85 11.09
C GLN A 65 -8.19 11.04 12.02
N ARG A 66 -6.94 11.25 12.44
CA ARG A 66 -6.61 12.34 13.34
C ARG A 66 -7.46 12.28 14.62
N ILE A 67 -6.99 11.54 15.60
CA ILE A 67 -7.69 11.40 16.86
C ILE A 67 -7.68 12.71 17.66
N PRO A 68 -8.77 13.00 18.39
CA PRO A 68 -8.87 14.23 19.19
C PRO A 68 -7.94 14.21 20.39
N GLU A 1 7.46 -6.60 -23.46
CA GLU A 1 6.31 -6.97 -24.34
C GLU A 1 5.11 -7.39 -23.51
N ALA A 2 5.37 -8.03 -22.37
CA ALA A 2 4.30 -8.48 -21.49
C ALA A 2 4.24 -7.64 -20.23
N GLU A 3 3.15 -7.77 -19.49
CA GLU A 3 2.96 -7.02 -18.25
C GLU A 3 2.14 -7.82 -17.25
N ALA A 4 2.73 -8.11 -16.09
CA ALA A 4 2.04 -8.86 -15.05
C ALA A 4 2.68 -8.62 -13.69
N LYS A 5 3.39 -7.50 -13.56
CA LYS A 5 4.06 -7.15 -12.32
C LYS A 5 4.12 -5.64 -12.14
N SER A 6 4.95 -5.19 -11.19
CA SER A 6 5.14 -3.77 -10.94
C SER A 6 3.82 -3.12 -10.53
N CYS A 7 3.37 -3.43 -9.33
CA CYS A 7 2.13 -2.86 -8.79
C CYS A 7 2.22 -1.34 -8.72
N LYS A 8 1.07 -0.69 -8.64
CA LYS A 8 1.01 0.76 -8.52
C LYS A 8 1.00 1.18 -7.06
N THR A 9 2.10 1.78 -6.61
CA THR A 9 2.23 2.19 -5.22
C THR A 9 1.05 3.05 -4.79
N PRO A 10 0.49 2.78 -3.59
CA PRO A 10 -0.70 3.48 -3.09
C PRO A 10 -0.44 4.96 -2.87
N PRO A 11 -1.33 5.83 -3.40
CA PRO A 11 -1.19 7.29 -3.25
C PRO A 11 -1.30 7.72 -1.78
N ASP A 12 -0.32 8.49 -1.33
CA ASP A 12 -0.27 8.93 0.07
C ASP A 12 -1.30 10.03 0.32
N PRO A 13 -2.34 9.72 1.13
CA PRO A 13 -3.36 10.72 1.50
C PRO A 13 -2.79 11.85 2.35
N VAL A 14 -3.67 12.57 3.02
CA VAL A 14 -3.26 13.64 3.91
C VAL A 14 -2.23 13.16 4.92
N ASN A 15 -1.11 13.87 5.03
CA ASN A 15 -0.03 13.49 5.93
C ASN A 15 0.27 12.00 5.82
N GLY A 16 0.39 11.51 4.59
CA GLY A 16 0.63 10.09 4.38
C GLY A 16 2.10 9.77 4.25
N MET A 17 2.44 8.50 4.47
CA MET A 17 3.83 8.05 4.38
C MET A 17 3.90 6.52 4.27
N VAL A 18 4.06 6.04 3.04
CA VAL A 18 4.18 4.61 2.80
C VAL A 18 5.65 4.18 2.72
N HIS A 19 5.92 2.94 3.10
CA HIS A 19 7.29 2.43 3.12
C HIS A 19 7.38 1.10 2.38
N VAL A 20 8.46 0.94 1.60
CA VAL A 20 8.70 -0.31 0.90
C VAL A 20 9.57 -1.26 1.74
N ILE A 21 9.08 -2.48 1.90
CA ILE A 21 9.77 -3.47 2.73
C ILE A 21 10.73 -4.32 1.91
N THR A 22 10.30 -4.68 0.70
CA THR A 22 11.12 -5.51 -0.18
C THR A 22 11.05 -5.02 -1.62
N ASP A 23 9.87 -5.15 -2.22
CA ASP A 23 9.68 -4.77 -3.61
C ASP A 23 8.25 -4.27 -3.85
N ILE A 24 7.89 -4.10 -5.12
CA ILE A 24 6.55 -3.66 -5.48
C ILE A 24 5.89 -4.65 -6.43
N GLN A 25 6.64 -5.67 -6.83
CA GLN A 25 6.13 -6.71 -7.71
C GLN A 25 5.18 -7.64 -6.97
N VAL A 26 4.78 -8.73 -7.61
CA VAL A 26 3.88 -9.70 -7.00
C VAL A 26 4.53 -10.37 -5.80
N GLY A 27 3.77 -10.55 -4.74
CA GLY A 27 4.29 -11.17 -3.54
C GLY A 27 4.98 -10.16 -2.63
N SER A 28 4.87 -8.89 -2.98
CA SER A 28 5.49 -7.83 -2.18
C SER A 28 4.57 -7.39 -1.04
N ARG A 29 5.16 -7.05 0.09
CA ARG A 29 4.39 -6.64 1.27
C ARG A 29 4.96 -5.37 1.87
N ILE A 30 4.45 -4.22 1.42
CA ILE A 30 4.85 -2.94 1.98
C ILE A 30 4.08 -2.64 3.27
N THR A 31 4.39 -1.50 3.88
CA THR A 31 3.76 -1.12 5.14
C THR A 31 3.34 0.34 5.13
N TYR A 32 2.08 0.59 5.48
CA TYR A 32 1.57 1.95 5.60
C TYR A 32 1.54 2.40 7.06
N SER A 33 1.92 3.64 7.30
CA SER A 33 2.04 4.15 8.68
C SER A 33 1.69 5.63 8.76
N CYS A 34 1.56 6.27 7.59
CA CYS A 34 1.29 7.71 7.54
C CYS A 34 2.37 8.49 8.29
N THR A 35 2.09 9.77 8.53
CA THR A 35 3.02 10.63 9.25
C THR A 35 3.17 10.16 10.70
N THR A 36 4.25 10.61 11.35
CA THR A 36 4.52 10.24 12.73
C THR A 36 3.54 10.90 13.69
N GLY A 37 2.63 10.11 14.24
CA GLY A 37 1.64 10.64 15.16
C GLY A 37 0.23 10.43 14.68
N HIS A 38 0.09 9.68 13.59
CA HIS A 38 -1.23 9.40 13.01
C HIS A 38 -1.46 7.89 12.89
N ARG A 39 -2.65 7.45 13.29
CA ARG A 39 -2.98 6.03 13.25
C ARG A 39 -3.66 5.67 11.94
N LEU A 40 -3.12 4.67 11.25
CA LEU A 40 -3.67 4.21 9.99
C LEU A 40 -4.99 3.46 10.21
N ILE A 41 -6.00 3.79 9.41
CA ILE A 41 -7.28 3.08 9.48
C ILE A 41 -7.34 1.98 8.43
N GLY A 42 -6.39 1.05 8.50
CA GLY A 42 -6.33 -0.03 7.53
C GLY A 42 -5.69 -1.28 8.10
N HIS A 43 -4.62 -1.74 7.46
CA HIS A 43 -3.95 -2.96 7.87
C HIS A 43 -2.46 -2.73 8.10
N SER A 44 -2.03 -1.48 7.89
CA SER A 44 -0.63 -1.11 8.06
C SER A 44 0.28 -1.94 7.16
N SER A 45 -0.26 -2.35 6.01
CA SER A 45 0.46 -3.21 5.08
C SER A 45 -0.33 -3.40 3.79
N ALA A 46 0.20 -4.21 2.88
CA ALA A 46 -0.46 -4.50 1.62
C ALA A 46 0.17 -5.70 0.92
N GLU A 47 -0.50 -6.21 -0.09
CA GLU A 47 -0.01 -7.38 -0.82
C GLU A 47 -0.43 -7.33 -2.29
N CYS A 48 0.51 -7.61 -3.18
CA CYS A 48 0.23 -7.61 -4.61
C CYS A 48 -0.50 -8.89 -5.02
N ILE A 49 -1.81 -8.77 -5.18
CA ILE A 49 -2.62 -9.90 -5.63
C ILE A 49 -3.19 -9.66 -7.03
N LEU A 50 -3.75 -10.71 -7.61
CA LEU A 50 -4.38 -10.62 -8.93
C LEU A 50 -5.81 -11.13 -8.89
N SER A 51 -6.74 -10.35 -9.44
CA SER A 51 -8.14 -10.74 -9.48
C SER A 51 -8.83 -10.16 -10.72
N GLY A 52 -8.03 -9.64 -11.64
CA GLY A 52 -8.57 -9.05 -12.85
C GLY A 52 -7.58 -9.07 -13.99
N ASN A 53 -6.84 -7.97 -14.15
CA ASN A 53 -5.85 -7.85 -15.22
C ASN A 53 -4.65 -7.04 -14.76
N THR A 54 -4.76 -6.43 -13.58
CA THR A 54 -3.69 -5.61 -13.04
C THR A 54 -3.45 -5.94 -11.57
N ALA A 55 -2.18 -6.13 -11.21
CA ALA A 55 -1.81 -6.45 -9.84
C ALA A 55 -2.05 -5.25 -8.92
N HIS A 56 -2.99 -5.40 -8.00
CA HIS A 56 -3.30 -4.35 -7.04
C HIS A 56 -2.98 -4.82 -5.62
N TRP A 57 -3.26 -3.96 -4.64
CA TRP A 57 -3.01 -4.29 -3.25
C TRP A 57 -4.27 -4.80 -2.57
N SER A 58 -4.13 -5.86 -1.78
CA SER A 58 -5.29 -6.54 -1.17
C SER A 58 -5.90 -5.68 -0.06
N THR A 59 -5.22 -4.59 0.29
CA THR A 59 -5.68 -3.73 1.36
C THR A 59 -6.37 -2.48 0.82
N LYS A 60 -7.54 -2.18 1.39
CA LYS A 60 -8.31 -1.01 1.00
C LYS A 60 -7.49 0.27 1.18
N PRO A 61 -7.88 1.36 0.47
CA PRO A 61 -7.17 2.64 0.55
C PRO A 61 -6.97 3.11 1.99
N PRO A 62 -5.71 3.15 2.47
CA PRO A 62 -5.39 3.49 3.86
C PRO A 62 -5.70 4.95 4.17
N ILE A 63 -5.82 5.25 5.46
CA ILE A 63 -6.14 6.61 5.91
C ILE A 63 -5.16 7.06 6.99
N CYS A 64 -5.10 8.36 7.22
CA CYS A 64 -4.22 8.93 8.23
C CYS A 64 -5.01 9.65 9.31
N GLN A 65 -5.44 8.91 10.33
CA GLN A 65 -6.22 9.48 11.41
C GLN A 65 -5.32 10.18 12.42
N ARG A 66 -5.78 11.34 12.91
CA ARG A 66 -5.06 12.06 13.95
C ARG A 66 -5.71 11.82 15.32
N ILE A 67 -5.38 10.69 15.93
CA ILE A 67 -5.97 10.30 17.20
C ILE A 67 -5.74 11.37 18.27
N PRO A 68 -6.64 11.45 19.27
CA PRO A 68 -6.53 12.44 20.34
C PRO A 68 -5.37 12.13 21.28
N GLU A 1 3.10 -3.93 -19.66
CA GLU A 1 4.50 -3.51 -19.90
C GLU A 1 5.47 -4.56 -19.38
N ALA A 2 6.07 -5.31 -20.30
CA ALA A 2 7.01 -6.38 -19.95
C ALA A 2 6.35 -7.39 -19.01
N GLU A 3 5.63 -8.35 -19.60
CA GLU A 3 4.96 -9.40 -18.83
C GLU A 3 3.94 -8.79 -17.87
N ALA A 4 3.23 -9.66 -17.14
CA ALA A 4 2.23 -9.22 -16.19
C ALA A 4 2.68 -9.49 -14.75
N LYS A 5 3.40 -8.52 -14.18
CA LYS A 5 3.93 -8.67 -12.83
C LYS A 5 4.24 -7.31 -12.23
N SER A 6 4.55 -7.29 -10.93
CA SER A 6 4.88 -6.05 -10.22
C SER A 6 3.66 -5.13 -10.14
N CYS A 7 3.21 -4.86 -8.92
CA CYS A 7 2.03 -4.04 -8.70
C CYS A 7 2.34 -2.55 -8.91
N LYS A 8 1.30 -1.74 -8.99
CA LYS A 8 1.46 -0.30 -9.03
C LYS A 8 1.79 0.25 -7.64
N THR A 9 1.71 1.57 -7.48
CA THR A 9 1.98 2.19 -6.19
C THR A 9 0.83 3.11 -5.78
N PRO A 10 0.33 2.96 -4.54
CA PRO A 10 -0.80 3.75 -4.04
C PRO A 10 -0.42 5.20 -3.79
N PRO A 11 -1.41 6.11 -3.84
CA PRO A 11 -1.18 7.55 -3.60
C PRO A 11 -0.74 7.83 -2.18
N ASP A 12 0.19 8.76 -2.03
CA ASP A 12 0.73 9.11 -0.72
C ASP A 12 -0.37 9.58 0.23
N PRO A 13 -0.61 8.82 1.32
CA PRO A 13 -1.63 9.18 2.32
C PRO A 13 -1.39 10.55 2.93
N VAL A 14 -2.45 11.16 3.43
CA VAL A 14 -2.35 12.48 4.07
C VAL A 14 -1.42 12.44 5.27
N ASN A 15 -0.46 13.37 5.31
CA ASN A 15 0.51 13.42 6.39
C ASN A 15 1.19 12.07 6.60
N GLY A 16 1.34 11.32 5.50
CA GLY A 16 1.92 9.99 5.59
C GLY A 16 2.74 9.63 4.37
N MET A 17 3.52 8.57 4.49
CA MET A 17 4.34 8.10 3.37
C MET A 17 4.41 6.58 3.33
N VAL A 18 4.14 6.01 2.17
CA VAL A 18 4.17 4.56 2.00
C VAL A 18 5.60 4.07 1.77
N HIS A 19 5.90 2.90 2.33
CA HIS A 19 7.25 2.35 2.25
C HIS A 19 7.32 1.24 1.21
N VAL A 20 7.56 1.63 -0.05
CA VAL A 20 7.74 0.68 -1.13
C VAL A 20 9.01 -0.15 -0.91
N ILE A 21 8.84 -1.48 -0.86
CA ILE A 21 9.95 -2.37 -0.56
C ILE A 21 11.11 -2.15 -1.53
N THR A 22 11.01 -2.76 -2.71
CA THR A 22 12.05 -2.64 -3.72
C THR A 22 11.45 -2.69 -5.12
N ASP A 23 10.73 -3.77 -5.42
CA ASP A 23 10.12 -3.96 -6.73
C ASP A 23 8.67 -4.39 -6.59
N ILE A 24 8.25 -4.60 -5.33
CA ILE A 24 6.85 -4.87 -5.01
C ILE A 24 6.20 -5.80 -6.04
N GLN A 25 6.89 -6.90 -6.33
CA GLN A 25 6.35 -7.92 -7.23
C GLN A 25 5.19 -8.66 -6.58
N VAL A 26 4.77 -9.75 -7.21
CA VAL A 26 3.69 -10.57 -6.67
C VAL A 26 4.11 -11.23 -5.37
N GLY A 27 3.26 -11.11 -4.35
CA GLY A 27 3.57 -11.69 -3.05
C GLY A 27 4.26 -10.70 -2.14
N SER A 28 4.72 -9.58 -2.70
CA SER A 28 5.40 -8.56 -1.93
C SER A 28 4.46 -7.90 -0.93
N ARG A 29 5.01 -7.32 0.12
CA ARG A 29 4.22 -6.69 1.17
C ARG A 29 4.85 -5.39 1.64
N ILE A 30 4.15 -4.28 1.41
CA ILE A 30 4.60 -2.98 1.89
C ILE A 30 3.82 -2.55 3.13
N THR A 31 4.20 -1.41 3.70
CA THR A 31 3.57 -0.93 4.93
C THR A 31 3.25 0.55 4.84
N TYR A 32 2.09 0.94 5.38
CA TYR A 32 1.69 2.34 5.40
C TYR A 32 1.89 2.93 6.79
N SER A 33 2.24 4.21 6.84
CA SER A 33 2.51 4.88 8.11
C SER A 33 2.27 6.39 8.00
N CYS A 34 1.59 6.94 9.01
CA CYS A 34 1.41 8.39 9.09
C CYS A 34 2.58 9.03 9.84
N THR A 35 2.58 10.36 9.91
CA THR A 35 3.66 11.10 10.54
C THR A 35 3.82 10.68 12.00
N THR A 36 3.05 11.31 12.87
CA THR A 36 3.06 10.98 14.29
C THR A 36 2.26 9.71 14.55
N GLY A 37 2.38 9.17 15.76
CA GLY A 37 1.63 7.98 16.12
C GLY A 37 0.14 8.15 15.89
N HIS A 38 -0.34 7.67 14.74
CA HIS A 38 -1.73 7.82 14.36
C HIS A 38 -2.30 6.50 13.83
N ARG A 39 -3.62 6.40 13.83
CA ARG A 39 -4.29 5.16 13.44
C ARG A 39 -4.62 5.17 11.95
N LEU A 40 -4.44 4.02 11.30
CA LEU A 40 -4.73 3.90 9.87
C LEU A 40 -6.17 3.45 9.64
N ILE A 41 -6.88 4.17 8.79
CA ILE A 41 -8.23 3.78 8.40
C ILE A 41 -8.21 2.73 7.31
N GLY A 42 -8.10 1.47 7.71
CA GLY A 42 -7.96 0.38 6.76
C GLY A 42 -7.09 -0.74 7.28
N HIS A 43 -5.89 -0.87 6.73
CA HIS A 43 -4.93 -1.88 7.17
C HIS A 43 -3.50 -1.46 6.87
N SER A 44 -2.64 -1.51 7.87
CA SER A 44 -1.26 -1.07 7.73
C SER A 44 -0.40 -2.13 7.06
N SER A 45 -0.96 -2.76 6.03
CA SER A 45 -0.23 -3.78 5.27
C SER A 45 -1.05 -4.26 4.08
N ALA A 46 -0.38 -4.69 3.02
CA ALA A 46 -1.05 -5.17 1.83
C ALA A 46 -0.24 -6.29 1.16
N GLU A 47 -0.86 -6.97 0.20
CA GLU A 47 -0.22 -8.05 -0.52
C GLU A 47 -0.61 -8.04 -2.00
N CYS A 48 0.37 -8.21 -2.87
CA CYS A 48 0.13 -8.22 -4.31
C CYS A 48 -0.73 -9.42 -4.72
N ILE A 49 -2.00 -9.15 -4.98
CA ILE A 49 -2.91 -10.21 -5.43
C ILE A 49 -3.52 -9.86 -6.79
N LEU A 50 -3.37 -10.79 -7.74
CA LEU A 50 -3.91 -10.59 -9.08
C LEU A 50 -5.39 -10.97 -9.13
N SER A 51 -6.20 -10.07 -9.70
CA SER A 51 -7.63 -10.31 -9.83
C SER A 51 -7.98 -10.78 -11.24
N GLY A 52 -6.96 -11.21 -11.98
CA GLY A 52 -7.16 -11.67 -13.34
C GLY A 52 -6.07 -11.23 -14.29
N ASN A 53 -6.35 -10.19 -15.06
CA ASN A 53 -5.37 -9.65 -16.00
C ASN A 53 -4.63 -8.46 -15.41
N THR A 54 -5.04 -8.06 -14.21
CA THR A 54 -4.41 -6.93 -13.53
C THR A 54 -4.02 -7.31 -12.10
N ALA A 55 -3.03 -6.60 -11.56
CA ALA A 55 -2.56 -6.85 -10.20
C ALA A 55 -2.60 -5.58 -9.36
N HIS A 56 -3.14 -5.69 -8.15
CA HIS A 56 -3.25 -4.56 -7.26
C HIS A 56 -3.07 -4.99 -5.80
N TRP A 57 -3.22 -4.04 -4.88
CA TRP A 57 -3.04 -4.31 -3.46
C TRP A 57 -4.36 -4.67 -2.80
N SER A 58 -4.28 -5.44 -1.71
CA SER A 58 -5.47 -5.91 -1.02
C SER A 58 -5.85 -4.96 0.12
N THR A 59 -5.60 -3.66 -0.07
CA THR A 59 -5.93 -2.67 0.94
C THR A 59 -6.64 -1.48 0.32
N LYS A 60 -7.63 -0.95 1.04
CA LYS A 60 -8.35 0.24 0.60
C LYS A 60 -7.50 1.49 0.83
N PRO A 61 -7.82 2.59 0.12
CA PRO A 61 -7.08 3.86 0.23
C PRO A 61 -6.90 4.28 1.70
N PRO A 62 -5.67 4.17 2.21
CA PRO A 62 -5.38 4.43 3.63
C PRO A 62 -5.45 5.91 3.99
N ILE A 63 -5.90 6.18 5.21
CA ILE A 63 -5.98 7.55 5.70
C ILE A 63 -5.35 7.68 7.09
N CYS A 64 -5.08 8.90 7.51
CA CYS A 64 -4.50 9.16 8.82
C CYS A 64 -5.54 9.70 9.80
N GLN A 65 -5.73 9.00 10.91
CA GLN A 65 -6.78 9.35 11.86
C GLN A 65 -6.34 10.51 12.75
N ARG A 66 -5.13 10.41 13.27
CA ARG A 66 -4.58 11.42 14.17
C ARG A 66 -5.37 11.49 15.48
N ILE A 67 -4.71 11.09 16.57
CA ILE A 67 -5.34 11.09 17.87
C ILE A 67 -4.80 12.23 18.75
N PRO A 68 -5.60 13.28 18.97
CA PRO A 68 -5.19 14.43 19.78
C PRO A 68 -5.02 14.07 21.25
N GLU A 1 6.26 -9.75 -23.56
CA GLU A 1 6.06 -11.13 -23.03
C GLU A 1 4.73 -11.22 -22.27
N ALA A 2 4.51 -10.27 -21.37
CA ALA A 2 3.28 -10.25 -20.58
C ALA A 2 2.91 -8.83 -20.18
N GLU A 3 1.72 -8.67 -19.61
CA GLU A 3 1.23 -7.37 -19.19
C GLU A 3 0.64 -7.42 -17.79
N ALA A 4 0.98 -8.48 -17.05
CA ALA A 4 0.49 -8.65 -15.69
C ALA A 4 1.57 -8.30 -14.67
N LYS A 5 1.31 -8.65 -13.40
CA LYS A 5 2.27 -8.41 -12.33
C LYS A 5 2.51 -6.92 -12.12
N SER A 6 3.14 -6.58 -11.00
CA SER A 6 3.45 -5.18 -10.68
C SER A 6 2.17 -4.36 -10.52
N CYS A 7 1.72 -4.24 -9.26
CA CYS A 7 0.55 -3.43 -8.96
C CYS A 7 0.87 -1.94 -9.03
N LYS A 8 -0.16 -1.11 -8.97
CA LYS A 8 0.00 0.33 -9.04
C LYS A 8 0.45 0.90 -7.69
N THR A 9 1.70 1.36 -7.63
CA THR A 9 2.25 1.91 -6.41
C THR A 9 1.44 3.10 -5.92
N PRO A 10 1.15 3.17 -4.61
CA PRO A 10 0.40 4.27 -4.01
C PRO A 10 1.07 5.63 -4.24
N PRO A 11 0.44 6.51 -5.04
CA PRO A 11 0.98 7.83 -5.34
C PRO A 11 0.86 8.79 -4.16
N ASP A 12 1.67 8.56 -3.12
CA ASP A 12 1.63 9.38 -1.92
C ASP A 12 0.21 9.50 -1.37
N PRO A 13 -0.17 8.60 -0.45
CA PRO A 13 -1.49 8.64 0.20
C PRO A 13 -1.69 9.92 1.02
N VAL A 14 -2.54 9.83 2.04
CA VAL A 14 -2.76 10.95 2.95
C VAL A 14 -1.45 11.42 3.57
N ASN A 15 -1.53 12.34 4.53
CA ASN A 15 -0.35 12.92 5.16
C ASN A 15 0.70 11.85 5.46
N GLY A 16 0.23 10.65 5.77
CA GLY A 16 1.14 9.54 6.03
C GLY A 16 1.83 9.07 4.76
N MET A 17 3.13 9.30 4.69
CA MET A 17 3.92 8.90 3.52
C MET A 17 4.00 7.38 3.42
N VAL A 18 4.04 6.89 2.18
CA VAL A 18 4.12 5.45 1.94
C VAL A 18 5.57 5.01 1.73
N HIS A 19 5.87 3.78 2.11
CA HIS A 19 7.23 3.26 2.01
C HIS A 19 7.26 1.95 1.23
N VAL A 20 8.39 1.69 0.58
CA VAL A 20 8.59 0.46 -0.16
C VAL A 20 9.64 -0.42 0.52
N ILE A 21 9.22 -1.58 1.00
CA ILE A 21 10.10 -2.48 1.73
C ILE A 21 11.22 -3.02 0.83
N THR A 22 10.83 -3.56 -0.33
CA THR A 22 11.79 -4.11 -1.27
C THR A 22 11.43 -3.78 -2.71
N ASP A 23 10.30 -4.31 -3.17
CA ASP A 23 9.87 -4.11 -4.55
C ASP A 23 8.35 -4.02 -4.63
N ILE A 24 7.83 -3.98 -5.86
CA ILE A 24 6.40 -3.89 -6.07
C ILE A 24 5.91 -5.03 -6.95
N GLN A 25 6.02 -6.25 -6.43
CA GLN A 25 5.64 -7.44 -7.17
C GLN A 25 4.59 -8.24 -6.41
N VAL A 26 3.93 -9.17 -7.11
CA VAL A 26 2.93 -10.03 -6.49
C VAL A 26 3.58 -10.91 -5.42
N GLY A 27 3.11 -10.78 -4.18
CA GLY A 27 3.67 -11.53 -3.09
C GLY A 27 4.52 -10.67 -2.16
N SER A 28 4.81 -9.45 -2.61
CA SER A 28 5.60 -8.52 -1.80
C SER A 28 4.68 -7.62 -0.98
N ARG A 29 5.12 -7.30 0.24
CA ARG A 29 4.31 -6.50 1.16
C ARG A 29 5.04 -5.21 1.52
N ILE A 30 4.41 -4.08 1.24
CA ILE A 30 4.93 -2.78 1.64
C ILE A 30 4.34 -2.33 2.97
N THR A 31 4.81 -1.20 3.48
CA THR A 31 4.34 -0.69 4.76
C THR A 31 4.03 0.80 4.69
N TYR A 32 2.88 1.19 5.22
CA TYR A 32 2.49 2.59 5.28
C TYR A 32 2.84 3.19 6.64
N SER A 33 3.08 4.49 6.66
CA SER A 33 3.46 5.18 7.89
C SER A 33 2.94 6.61 7.92
N CYS A 34 2.34 7.01 9.03
CA CYS A 34 1.82 8.36 9.17
C CYS A 34 2.92 9.32 9.63
N THR A 35 2.60 10.61 9.65
CA THR A 35 3.57 11.64 9.99
C THR A 35 4.08 11.47 11.41
N THR A 36 3.26 11.87 12.37
CA THR A 36 3.63 11.79 13.78
C THR A 36 2.67 10.91 14.57
N GLY A 37 2.80 9.60 14.38
CA GLY A 37 1.99 8.65 15.13
C GLY A 37 0.51 8.88 14.97
N HIS A 38 -0.08 8.30 13.92
CA HIS A 38 -1.51 8.40 13.70
C HIS A 38 -2.12 7.01 13.51
N ARG A 39 -3.26 6.77 14.15
CA ARG A 39 -3.92 5.48 14.07
C ARG A 39 -4.53 5.26 12.69
N LEU A 40 -3.99 4.28 11.96
CA LEU A 40 -4.49 3.96 10.63
C LEU A 40 -5.90 3.39 10.69
N ILE A 41 -6.79 3.92 9.86
CA ILE A 41 -8.16 3.43 9.78
C ILE A 41 -8.26 2.31 8.74
N GLY A 42 -7.20 1.52 8.65
CA GLY A 42 -7.16 0.44 7.69
C GLY A 42 -6.11 -0.60 8.03
N HIS A 43 -5.05 -0.65 7.23
CA HIS A 43 -3.97 -1.61 7.47
C HIS A 43 -2.61 -0.94 7.25
N SER A 44 -1.64 -1.30 8.10
CA SER A 44 -0.30 -0.76 7.99
C SER A 44 0.55 -1.57 7.02
N SER A 45 -0.10 -2.18 6.05
CA SER A 45 0.60 -2.99 5.04
C SER A 45 -0.33 -3.36 3.89
N ALA A 46 0.24 -3.90 2.83
CA ALA A 46 -0.53 -4.32 1.66
C ALA A 46 0.27 -5.26 0.78
N GLU A 47 -0.43 -6.08 0.01
CA GLU A 47 0.21 -7.05 -0.88
C GLU A 47 -0.39 -6.99 -2.29
N CYS A 48 0.49 -6.96 -3.29
CA CYS A 48 0.05 -6.93 -4.68
C CYS A 48 -0.71 -8.21 -5.04
N ILE A 49 -2.04 -8.14 -4.98
CA ILE A 49 -2.87 -9.31 -5.22
C ILE A 49 -3.44 -9.31 -6.64
N LEU A 50 -4.24 -10.32 -6.94
CA LEU A 50 -4.79 -10.51 -8.29
C LEU A 50 -3.68 -10.53 -9.33
N SER A 51 -4.09 -10.52 -10.60
CA SER A 51 -3.17 -10.74 -11.71
C SER A 51 -3.86 -10.49 -13.05
N GLY A 52 -3.13 -10.70 -14.14
CA GLY A 52 -3.70 -10.58 -15.46
C GLY A 52 -4.19 -9.17 -15.76
N ASN A 53 -5.45 -9.06 -16.16
CA ASN A 53 -6.04 -7.77 -16.51
C ASN A 53 -6.31 -6.94 -15.26
N THR A 54 -6.10 -7.54 -14.09
CA THR A 54 -6.32 -6.85 -12.82
C THR A 54 -5.06 -6.91 -11.95
N ALA A 55 -5.00 -6.04 -10.96
CA ALA A 55 -3.78 -5.86 -10.17
C ALA A 55 -3.93 -4.67 -9.21
N HIS A 56 -3.85 -4.97 -7.92
CA HIS A 56 -4.07 -3.95 -6.90
C HIS A 56 -3.61 -4.44 -5.53
N TRP A 57 -3.61 -3.54 -4.55
CA TRP A 57 -3.22 -3.90 -3.19
C TRP A 57 -4.46 -4.30 -2.37
N SER A 58 -4.28 -5.25 -1.47
CA SER A 58 -5.40 -5.82 -0.72
C SER A 58 -6.22 -4.74 -0.05
N THR A 59 -5.65 -4.10 0.97
CA THR A 59 -6.36 -3.09 1.75
C THR A 59 -6.33 -1.74 1.05
N LYS A 60 -7.46 -1.04 1.08
CA LYS A 60 -7.56 0.28 0.46
C LYS A 60 -6.53 1.24 1.04
N PRO A 61 -6.15 2.28 0.28
CA PRO A 61 -5.18 3.28 0.72
C PRO A 61 -5.46 3.78 2.15
N PRO A 62 -4.63 3.36 3.12
CA PRO A 62 -4.83 3.71 4.53
C PRO A 62 -4.85 5.22 4.76
N ILE A 63 -5.48 5.64 5.85
CA ILE A 63 -5.55 7.05 6.20
C ILE A 63 -5.08 7.27 7.64
N CYS A 64 -4.76 8.51 7.98
CA CYS A 64 -4.24 8.84 9.30
C CYS A 64 -5.30 9.59 10.11
N GLN A 65 -5.85 8.91 11.10
CA GLN A 65 -6.90 9.49 11.94
C GLN A 65 -6.34 10.61 12.82
N ARG A 66 -5.04 10.54 13.08
CA ARG A 66 -4.37 11.53 13.93
C ARG A 66 -4.90 11.47 15.36
N ILE A 67 -4.04 11.09 16.30
CA ILE A 67 -4.43 10.99 17.70
C ILE A 67 -4.09 12.26 18.47
N PRO A 68 -2.84 12.76 18.39
CA PRO A 68 -2.41 13.97 19.09
C PRO A 68 -3.29 15.17 18.75
N GLU A 1 1.22 -1.38 -21.64
CA GLU A 1 1.66 -2.09 -22.87
C GLU A 1 2.99 -2.81 -22.65
N ALA A 2 3.81 -2.25 -21.76
CA ALA A 2 5.11 -2.82 -21.47
C ALA A 2 5.26 -3.12 -19.98
N GLU A 3 4.22 -3.70 -19.39
CA GLU A 3 4.23 -4.04 -17.98
C GLU A 3 3.66 -5.43 -17.74
N ALA A 4 4.35 -6.22 -16.92
CA ALA A 4 3.91 -7.57 -16.61
C ALA A 4 4.15 -7.92 -15.15
N LYS A 5 3.07 -8.23 -14.43
CA LYS A 5 3.15 -8.57 -13.02
C LYS A 5 3.84 -7.47 -12.23
N SER A 6 3.13 -6.35 -12.04
CA SER A 6 3.67 -5.22 -11.30
C SER A 6 2.54 -4.33 -10.78
N CYS A 7 2.32 -4.37 -9.47
CA CYS A 7 1.30 -3.52 -8.84
C CYS A 7 1.84 -2.11 -8.61
N LYS A 8 0.95 -1.14 -8.60
CA LYS A 8 1.33 0.26 -8.48
C LYS A 8 0.12 1.13 -8.15
N THR A 9 -0.27 1.12 -6.88
CA THR A 9 -1.52 1.72 -6.46
C THR A 9 -1.30 2.95 -5.58
N PRO A 10 -0.55 2.81 -4.47
CA PRO A 10 -0.41 3.88 -3.46
C PRO A 10 0.21 5.15 -4.03
N PRO A 11 -0.62 6.20 -4.21
CA PRO A 11 -0.16 7.49 -4.71
C PRO A 11 0.28 8.42 -3.57
N ASP A 12 1.22 7.95 -2.75
CA ASP A 12 1.61 8.67 -1.55
C ASP A 12 0.41 8.95 -0.66
N PRO A 13 0.14 8.08 0.33
CA PRO A 13 -1.04 8.19 1.19
C PRO A 13 -1.21 9.59 1.77
N VAL A 14 -2.46 10.01 1.91
CA VAL A 14 -2.77 11.31 2.48
C VAL A 14 -2.18 11.45 3.88
N ASN A 15 -1.46 12.54 4.10
CA ASN A 15 -0.77 12.77 5.36
C ASN A 15 0.10 11.57 5.73
N GLY A 16 1.27 11.48 5.10
CA GLY A 16 2.17 10.37 5.36
C GLY A 16 2.85 9.87 4.10
N MET A 17 3.33 8.63 4.14
CA MET A 17 4.02 8.04 3.00
C MET A 17 4.13 6.53 3.15
N VAL A 18 4.11 5.83 2.02
CA VAL A 18 4.26 4.38 2.02
C VAL A 18 5.71 3.97 1.78
N HIS A 19 6.13 2.88 2.40
CA HIS A 19 7.51 2.40 2.27
C HIS A 19 7.55 1.02 1.64
N VAL A 20 8.28 0.91 0.53
CA VAL A 20 8.42 -0.37 -0.15
C VAL A 20 9.62 -1.16 0.37
N ILE A 21 9.45 -2.46 0.52
CA ILE A 21 10.53 -3.31 1.03
C ILE A 21 11.77 -3.21 0.16
N THR A 22 11.71 -3.80 -1.02
CA THR A 22 12.82 -3.74 -1.97
C THR A 22 12.31 -3.57 -3.40
N ASP A 23 11.24 -4.28 -3.73
CA ASP A 23 10.61 -4.16 -5.04
C ASP A 23 9.10 -4.18 -4.91
N ILE A 24 8.40 -4.00 -6.03
CA ILE A 24 6.94 -3.99 -6.04
C ILE A 24 6.41 -5.02 -7.03
N GLN A 25 6.61 -6.29 -6.72
CA GLN A 25 6.09 -7.38 -7.54
C GLN A 25 5.23 -8.33 -6.71
N VAL A 26 4.74 -9.39 -7.34
CA VAL A 26 3.94 -10.39 -6.65
C VAL A 26 4.73 -11.02 -5.49
N GLY A 27 4.04 -11.25 -4.38
CA GLY A 27 4.68 -11.87 -3.23
C GLY A 27 5.27 -10.83 -2.28
N SER A 28 5.44 -9.61 -2.77
CA SER A 28 6.00 -8.54 -1.96
C SER A 28 4.98 -8.06 -0.93
N ARG A 29 5.49 -7.55 0.20
CA ARG A 29 4.62 -7.07 1.28
C ARG A 29 5.15 -5.77 1.86
N ILE A 30 4.74 -4.65 1.29
CA ILE A 30 5.16 -3.34 1.78
C ILE A 30 4.38 -2.96 3.03
N THR A 31 4.79 -1.86 3.67
CA THR A 31 4.17 -1.42 4.90
C THR A 31 3.86 0.07 4.87
N TYR A 32 2.70 0.43 5.41
CA TYR A 32 2.28 1.84 5.49
C TYR A 32 2.50 2.39 6.89
N SER A 33 2.91 3.66 6.97
CA SER A 33 3.26 4.27 8.24
C SER A 33 2.38 5.46 8.55
N CYS A 34 2.02 6.22 7.52
CA CYS A 34 1.27 7.47 7.70
C CYS A 34 2.07 8.48 8.53
N THR A 35 1.65 9.74 8.47
CA THR A 35 2.33 10.79 9.22
C THR A 35 2.34 10.48 10.72
N THR A 36 3.42 10.85 11.39
CA THR A 36 3.60 10.55 12.80
C THR A 36 2.44 11.08 13.63
N GLY A 37 1.98 10.27 14.57
CA GLY A 37 0.85 10.66 15.41
C GLY A 37 -0.48 10.26 14.81
N HIS A 38 -0.43 9.36 13.82
CA HIS A 38 -1.65 8.91 13.14
C HIS A 38 -1.63 7.40 12.93
N ARG A 39 -2.61 6.72 13.53
CA ARG A 39 -2.76 5.28 13.34
C ARG A 39 -3.74 4.98 12.22
N LEU A 40 -3.23 4.39 11.15
CA LEU A 40 -4.04 4.11 9.96
C LEU A 40 -5.25 3.24 10.33
N ILE A 41 -6.30 3.36 9.52
CA ILE A 41 -7.53 2.62 9.77
C ILE A 41 -7.97 1.84 8.54
N GLY A 42 -7.51 0.60 8.42
CA GLY A 42 -7.91 -0.24 7.32
C GLY A 42 -6.77 -1.04 6.73
N HIS A 43 -5.65 -0.36 6.50
CA HIS A 43 -4.53 -0.95 5.80
C HIS A 43 -3.86 -2.05 6.62
N SER A 44 -3.06 -1.65 7.60
CA SER A 44 -2.26 -2.59 8.39
C SER A 44 -1.48 -3.51 7.47
N SER A 45 -0.70 -2.90 6.57
CA SER A 45 0.10 -3.65 5.61
C SER A 45 -0.79 -4.37 4.59
N ALA A 46 -0.21 -4.71 3.45
CA ALA A 46 -0.97 -5.30 2.36
C ALA A 46 -0.17 -6.36 1.63
N GLU A 47 -0.76 -6.96 0.61
CA GLU A 47 -0.09 -7.97 -0.19
C GLU A 47 -0.43 -7.80 -1.67
N CYS A 48 0.60 -7.62 -2.49
CA CYS A 48 0.41 -7.42 -3.93
C CYS A 48 -0.29 -8.63 -4.56
N ILE A 49 -1.59 -8.50 -4.76
CA ILE A 49 -2.39 -9.59 -5.32
C ILE A 49 -3.10 -9.16 -6.59
N LEU A 50 -3.01 -10.00 -7.63
CA LEU A 50 -3.66 -9.72 -8.90
C LEU A 50 -5.12 -10.16 -8.87
N SER A 51 -5.98 -9.38 -9.52
CA SER A 51 -7.40 -9.70 -9.58
C SER A 51 -7.98 -9.41 -10.97
N GLY A 52 -7.10 -9.40 -11.96
CA GLY A 52 -7.54 -9.13 -13.31
C GLY A 52 -6.39 -8.73 -14.23
N ASN A 53 -6.51 -7.56 -14.85
CA ASN A 53 -5.48 -7.07 -15.75
C ASN A 53 -4.49 -6.18 -15.00
N THR A 54 -4.78 -5.92 -13.73
CA THR A 54 -3.93 -5.09 -12.90
C THR A 54 -3.85 -5.63 -11.47
N ALA A 55 -2.67 -5.54 -10.88
CA ALA A 55 -2.47 -6.03 -9.51
C ALA A 55 -2.78 -4.95 -8.48
N HIS A 56 -3.57 -5.30 -7.48
CA HIS A 56 -3.96 -4.36 -6.44
C HIS A 56 -3.60 -4.90 -5.06
N TRP A 57 -3.51 -4.00 -4.08
CA TRP A 57 -3.12 -4.37 -2.73
C TRP A 57 -4.36 -4.75 -1.91
N SER A 58 -4.16 -5.56 -0.88
CA SER A 58 -5.26 -6.07 -0.08
C SER A 58 -5.69 -5.06 0.98
N THR A 59 -5.67 -3.78 0.62
CA THR A 59 -6.05 -2.72 1.55
C THR A 59 -6.89 -1.65 0.85
N LYS A 60 -8.04 -1.33 1.43
CA LYS A 60 -8.90 -0.26 0.94
C LYS A 60 -8.16 1.08 0.97
N PRO A 61 -8.70 2.11 0.28
CA PRO A 61 -8.11 3.45 0.27
C PRO A 61 -7.57 3.87 1.63
N PRO A 62 -6.35 4.45 1.65
CA PRO A 62 -5.63 4.73 2.91
C PRO A 62 -6.41 5.67 3.83
N ILE A 63 -6.32 5.40 5.13
CA ILE A 63 -6.89 6.29 6.14
C ILE A 63 -5.91 6.49 7.29
N CYS A 64 -6.15 7.51 8.11
CA CYS A 64 -5.30 7.79 9.25
C CYS A 64 -6.12 8.37 10.40
N GLN A 65 -5.88 7.85 11.61
CA GLN A 65 -6.65 8.26 12.77
C GLN A 65 -5.76 9.00 13.77
N ARG A 66 -6.13 10.23 14.09
CA ARG A 66 -5.37 11.04 15.03
C ARG A 66 -5.34 10.37 16.40
N ILE A 67 -4.13 10.21 16.94
CA ILE A 67 -3.96 9.57 18.25
C ILE A 67 -4.05 10.59 19.38
N PRO A 68 -5.11 10.51 20.21
CA PRO A 68 -5.30 11.43 21.33
C PRO A 68 -4.27 11.23 22.44
N GLU A 1 12.36 -11.74 -8.98
CA GLU A 1 13.22 -12.79 -9.57
C GLU A 1 13.82 -12.32 -10.90
N ALA A 2 12.95 -12.02 -11.86
CA ALA A 2 13.38 -11.56 -13.18
C ALA A 2 12.42 -10.53 -13.74
N GLU A 3 11.19 -10.95 -13.99
CA GLU A 3 10.17 -10.06 -14.54
C GLU A 3 8.77 -10.57 -14.21
N ALA A 4 8.19 -10.01 -13.14
CA ALA A 4 6.85 -10.40 -12.72
C ALA A 4 6.15 -9.25 -11.99
N LYS A 5 6.58 -8.03 -12.28
CA LYS A 5 6.01 -6.85 -11.64
C LYS A 5 4.99 -6.18 -12.55
N SER A 6 3.86 -5.77 -11.97
CA SER A 6 2.80 -5.13 -12.74
C SER A 6 1.72 -4.58 -11.81
N CYS A 7 2.11 -4.25 -10.57
CA CYS A 7 1.18 -3.75 -9.58
C CYS A 7 1.16 -2.22 -9.57
N LYS A 8 -0.04 -1.65 -9.56
CA LYS A 8 -0.18 -0.20 -9.53
C LYS A 8 -0.10 0.33 -8.09
N THR A 9 1.07 0.83 -7.72
CA THR A 9 1.31 1.29 -6.36
C THR A 9 0.31 2.37 -5.94
N PRO A 10 -0.02 2.43 -4.64
CA PRO A 10 -0.96 3.41 -4.10
C PRO A 10 -0.34 4.80 -3.99
N PRO A 11 -1.15 5.86 -4.26
CA PRO A 11 -0.69 7.24 -4.14
C PRO A 11 -0.57 7.68 -2.68
N ASP A 12 0.42 8.53 -2.40
CA ASP A 12 0.66 9.01 -1.04
C ASP A 12 -0.46 9.96 -0.60
N PRO A 13 -1.19 9.60 0.47
CA PRO A 13 -2.28 10.44 1.00
C PRO A 13 -1.76 11.63 1.80
N VAL A 14 -2.66 12.27 2.53
CA VAL A 14 -2.31 13.43 3.34
C VAL A 14 -1.47 13.04 4.56
N ASN A 15 -0.42 13.80 4.82
CA ASN A 15 0.43 13.56 5.99
C ASN A 15 0.94 12.13 6.01
N GLY A 16 0.94 11.48 4.85
CA GLY A 16 1.29 10.08 4.78
C GLY A 16 2.21 9.76 3.62
N MET A 17 2.94 8.66 3.73
CA MET A 17 3.83 8.21 2.67
C MET A 17 4.06 6.70 2.74
N VAL A 18 3.85 6.01 1.62
CA VAL A 18 3.98 4.57 1.58
C VAL A 18 5.44 4.13 1.68
N HIS A 19 5.65 2.82 1.75
CA HIS A 19 6.99 2.27 1.88
C HIS A 19 7.09 0.92 1.16
N VAL A 20 7.51 0.96 -0.10
CA VAL A 20 7.67 -0.25 -0.88
C VAL A 20 8.88 -1.06 -0.42
N ILE A 21 8.70 -2.37 -0.28
CA ILE A 21 9.78 -3.24 0.19
C ILE A 21 11.06 -3.02 -0.60
N THR A 22 11.06 -3.46 -1.85
CA THR A 22 12.21 -3.28 -2.73
C THR A 22 11.76 -3.09 -4.17
N ASP A 23 10.67 -3.77 -4.54
CA ASP A 23 10.12 -3.65 -5.88
C ASP A 23 8.59 -3.66 -5.83
N ILE A 24 7.96 -3.58 -7.00
CA ILE A 24 6.51 -3.59 -7.08
C ILE A 24 6.02 -4.76 -7.92
N GLN A 25 6.29 -5.98 -7.43
CA GLN A 25 5.90 -7.19 -8.14
C GLN A 25 4.92 -8.02 -7.33
N VAL A 26 4.07 -8.77 -8.03
CA VAL A 26 3.08 -9.62 -7.37
C VAL A 26 3.76 -10.63 -6.44
N GLY A 27 3.31 -10.68 -5.20
CA GLY A 27 3.91 -11.57 -4.22
C GLY A 27 4.55 -10.82 -3.07
N SER A 28 4.86 -9.55 -3.29
CA SER A 28 5.47 -8.71 -2.26
C SER A 28 4.42 -8.18 -1.31
N ARG A 29 4.87 -7.40 -0.32
CA ARG A 29 3.96 -6.83 0.67
C ARG A 29 4.46 -5.46 1.14
N ILE A 30 4.08 -4.41 0.41
CA ILE A 30 4.41 -3.05 0.79
C ILE A 30 3.62 -2.63 2.03
N THR A 31 3.95 -1.45 2.56
CA THR A 31 3.30 -0.96 3.77
C THR A 31 2.68 0.41 3.54
N TYR A 32 1.93 0.88 4.53
CA TYR A 32 1.20 2.13 4.42
C TYR A 32 1.26 2.92 5.72
N SER A 33 2.24 3.80 5.84
CA SER A 33 2.48 4.52 7.08
C SER A 33 2.21 6.01 6.93
N CYS A 34 1.43 6.56 7.86
CA CYS A 34 1.21 8.01 7.91
C CYS A 34 2.27 8.69 8.75
N THR A 35 2.06 9.96 9.04
CA THR A 35 2.97 10.71 9.91
C THR A 35 2.84 10.28 11.36
N THR A 36 3.93 10.38 12.10
CA THR A 36 3.96 9.93 13.49
C THR A 36 2.93 10.66 14.33
N GLY A 37 1.86 9.96 14.69
CA GLY A 37 0.81 10.57 15.49
C GLY A 37 -0.56 10.44 14.85
N HIS A 38 -0.63 9.71 13.75
CA HIS A 38 -1.87 9.52 13.03
C HIS A 38 -2.09 8.05 12.67
N ARG A 39 -3.04 7.42 13.34
CA ARG A 39 -3.32 6.00 13.12
C ARG A 39 -4.14 5.80 11.85
N LEU A 40 -3.89 4.69 11.18
CA LEU A 40 -4.57 4.37 9.93
C LEU A 40 -5.96 3.82 10.18
N ILE A 41 -6.92 4.21 9.35
CA ILE A 41 -8.25 3.61 9.37
C ILE A 41 -8.43 2.67 8.18
N GLY A 42 -7.63 1.61 8.14
CA GLY A 42 -7.67 0.69 7.02
C GLY A 42 -6.96 -0.62 7.32
N HIS A 43 -5.90 -0.91 6.56
CA HIS A 43 -5.23 -2.19 6.65
C HIS A 43 -3.84 -2.05 7.25
N SER A 44 -3.31 -0.82 7.21
CA SER A 44 -1.94 -0.56 7.68
C SER A 44 -0.93 -1.39 6.90
N SER A 45 -1.33 -1.87 5.73
CA SER A 45 -0.49 -2.73 4.91
C SER A 45 -1.14 -2.99 3.56
N ALA A 46 -0.45 -3.73 2.69
CA ALA A 46 -0.99 -4.05 1.37
C ALA A 46 -0.35 -5.30 0.80
N GLU A 47 -1.09 -6.01 -0.06
CA GLU A 47 -0.58 -7.19 -0.74
C GLU A 47 -1.17 -7.29 -2.14
N CYS A 48 -0.31 -7.19 -3.15
CA CYS A 48 -0.75 -7.17 -4.54
C CYS A 48 -1.42 -8.49 -4.93
N ILE A 49 -2.74 -8.46 -5.03
CA ILE A 49 -3.51 -9.64 -5.41
C ILE A 49 -3.90 -9.59 -6.88
N LEU A 50 -4.75 -10.52 -7.30
CA LEU A 50 -5.17 -10.63 -8.69
C LEU A 50 -3.96 -10.80 -9.62
N SER A 51 -4.22 -10.77 -10.92
CA SER A 51 -3.20 -11.12 -11.90
C SER A 51 -3.67 -10.76 -13.32
N GLY A 52 -2.78 -10.95 -14.29
CA GLY A 52 -3.12 -10.67 -15.67
C GLY A 52 -3.52 -9.23 -15.90
N ASN A 53 -4.71 -9.03 -16.47
CA ASN A 53 -5.22 -7.69 -16.72
C ASN A 53 -5.54 -6.97 -15.41
N THR A 54 -5.74 -7.75 -14.36
CA THR A 54 -6.02 -7.20 -13.04
C THR A 54 -4.77 -7.21 -12.16
N ALA A 55 -4.74 -6.29 -11.21
CA ALA A 55 -3.58 -6.14 -10.33
C ALA A 55 -3.82 -5.02 -9.33
N HIS A 56 -4.17 -5.39 -8.10
CA HIS A 56 -4.63 -4.43 -7.11
C HIS A 56 -4.04 -4.73 -5.74
N TRP A 57 -4.19 -3.79 -4.81
CA TRP A 57 -3.75 -3.99 -3.44
C TRP A 57 -4.95 -4.21 -2.52
N SER A 58 -4.87 -5.26 -1.71
CA SER A 58 -6.03 -5.71 -0.93
C SER A 58 -6.51 -4.63 0.03
N THR A 59 -5.68 -3.63 0.26
CA THR A 59 -6.00 -2.57 1.22
C THR A 59 -6.84 -1.47 0.55
N LYS A 60 -7.81 -0.95 1.31
CA LYS A 60 -8.58 0.21 0.88
C LYS A 60 -7.85 1.50 1.24
N PRO A 61 -8.05 2.58 0.46
CA PRO A 61 -7.42 3.87 0.72
C PRO A 61 -7.68 4.38 2.13
N PRO A 62 -6.67 4.27 3.02
CA PRO A 62 -6.83 4.59 4.44
C PRO A 62 -6.71 6.09 4.71
N ILE A 63 -6.88 6.46 5.97
CA ILE A 63 -6.76 7.87 6.38
C ILE A 63 -5.75 8.02 7.50
N CYS A 64 -5.30 9.25 7.71
CA CYS A 64 -4.30 9.54 8.74
C CYS A 64 -4.90 10.40 9.85
N GLN A 65 -5.65 9.77 10.75
CA GLN A 65 -6.31 10.48 11.83
C GLN A 65 -5.49 10.41 13.11
N ARG A 66 -5.38 11.54 13.81
CA ARG A 66 -4.62 11.60 15.04
C ARG A 66 -5.21 10.66 16.09
N ILE A 67 -4.34 9.88 16.73
CA ILE A 67 -4.77 8.92 17.73
C ILE A 67 -5.42 9.63 18.93
N PRO A 68 -6.65 9.22 19.29
CA PRO A 68 -7.38 9.82 20.43
C PRO A 68 -6.75 9.45 21.76
N GLU A 1 8.71 -12.91 -14.93
CA GLU A 1 8.18 -13.51 -16.19
C GLU A 1 7.76 -12.42 -17.16
N ALA A 2 8.56 -12.21 -18.20
CA ALA A 2 8.28 -11.21 -19.22
C ALA A 2 8.25 -9.79 -18.62
N GLU A 3 7.11 -9.42 -18.06
CA GLU A 3 6.94 -8.09 -17.47
C GLU A 3 7.04 -8.16 -15.95
N ALA A 4 7.93 -7.34 -15.39
CA ALA A 4 8.09 -7.28 -13.94
C ALA A 4 7.17 -6.24 -13.31
N LYS A 5 6.72 -6.53 -12.10
CA LYS A 5 5.79 -5.64 -11.39
C LYS A 5 4.45 -5.56 -12.11
N SER A 6 3.37 -5.55 -11.34
CA SER A 6 2.03 -5.51 -11.91
C SER A 6 1.09 -4.64 -11.07
N CYS A 7 1.49 -4.39 -9.83
CA CYS A 7 0.68 -3.57 -8.92
C CYS A 7 1.17 -2.13 -8.91
N LYS A 8 0.24 -1.21 -9.16
CA LYS A 8 0.57 0.22 -9.17
C LYS A 8 0.76 0.74 -7.74
N THR A 9 1.88 1.42 -7.52
CA THR A 9 2.20 1.96 -6.20
C THR A 9 1.05 2.83 -5.68
N PRO A 10 0.69 2.65 -4.39
CA PRO A 10 -0.45 3.36 -3.80
C PRO A 10 -0.22 4.86 -3.69
N PRO A 11 -1.23 5.67 -4.04
CA PRO A 11 -1.13 7.13 -3.95
C PRO A 11 -1.11 7.61 -2.50
N ASP A 12 -0.06 8.36 -2.15
CA ASP A 12 0.12 8.84 -0.78
C ASP A 12 -1.02 9.77 -0.37
N PRO A 13 -1.89 9.33 0.56
CA PRO A 13 -3.00 10.13 1.06
C PRO A 13 -2.53 11.35 1.86
N VAL A 14 -3.46 12.00 2.54
CA VAL A 14 -3.13 13.15 3.38
C VAL A 14 -2.25 12.75 4.55
N ASN A 15 -1.12 13.43 4.70
CA ASN A 15 -0.20 13.16 5.80
C ASN A 15 0.13 11.66 5.88
N GLY A 16 0.48 11.08 4.75
CA GLY A 16 0.78 9.65 4.70
C GLY A 16 1.86 9.31 3.70
N MET A 17 2.42 8.12 3.83
CA MET A 17 3.48 7.67 2.94
C MET A 17 3.68 6.16 3.02
N VAL A 18 3.92 5.53 1.88
CA VAL A 18 4.17 4.09 1.84
C VAL A 18 5.66 3.79 1.85
N HIS A 19 6.03 2.67 2.46
CA HIS A 19 7.44 2.34 2.66
C HIS A 19 8.06 1.78 1.39
N VAL A 20 7.36 0.83 0.75
CA VAL A 20 7.89 0.16 -0.43
C VAL A 20 9.26 -0.44 -0.15
N ILE A 21 9.27 -1.74 0.15
CA ILE A 21 10.50 -2.44 0.54
C ILE A 21 11.56 -2.34 -0.56
N THR A 22 11.30 -3.00 -1.68
CA THR A 22 12.27 -3.03 -2.78
C THR A 22 11.58 -3.34 -4.11
N ASP A 23 11.06 -4.55 -4.25
CA ASP A 23 10.45 -4.98 -5.49
C ASP A 23 8.93 -4.92 -5.42
N ILE A 24 8.33 -4.33 -6.44
CA ILE A 24 6.88 -4.22 -6.51
C ILE A 24 6.27 -5.46 -7.17
N GLN A 25 7.13 -6.41 -7.52
CA GLN A 25 6.70 -7.66 -8.13
C GLN A 25 5.68 -8.38 -7.24
N VAL A 26 4.74 -9.09 -7.87
CA VAL A 26 3.72 -9.82 -7.14
C VAL A 26 4.35 -10.87 -6.22
N GLY A 27 3.86 -10.92 -4.99
CA GLY A 27 4.41 -11.84 -4.01
C GLY A 27 5.04 -11.13 -2.83
N SER A 28 5.20 -9.82 -2.96
CA SER A 28 5.79 -9.01 -1.89
C SER A 28 4.72 -8.47 -0.96
N ARG A 29 5.14 -7.95 0.19
CA ARG A 29 4.22 -7.42 1.17
C ARG A 29 4.77 -6.13 1.80
N ILE A 30 4.44 -4.99 1.21
CA ILE A 30 4.86 -3.71 1.75
C ILE A 30 3.99 -3.29 2.93
N THR A 31 4.41 -2.25 3.63
CA THR A 31 3.67 -1.77 4.78
C THR A 31 3.19 -0.33 4.57
N TYR A 32 2.11 0.03 5.25
CA TYR A 32 1.47 1.33 5.04
C TYR A 32 1.26 2.03 6.38
N SER A 33 1.52 3.34 6.41
CA SER A 33 1.39 4.11 7.64
C SER A 33 1.27 5.60 7.34
N CYS A 34 0.61 6.33 8.25
CA CYS A 34 0.48 7.77 8.12
C CYS A 34 1.57 8.48 8.90
N THR A 35 1.44 9.79 9.05
CA THR A 35 2.41 10.59 9.78
C THR A 35 2.49 10.17 11.24
N THR A 36 3.41 10.79 11.98
CA THR A 36 3.61 10.48 13.39
C THR A 36 2.36 10.83 14.20
N GLY A 37 1.74 9.81 14.80
CA GLY A 37 0.55 10.03 15.59
C GLY A 37 -0.73 9.92 14.77
N HIS A 38 -0.64 9.20 13.66
CA HIS A 38 -1.80 9.01 12.79
C HIS A 38 -1.89 7.57 12.31
N ARG A 39 -2.97 6.89 12.70
CA ARG A 39 -3.17 5.49 12.33
C ARG A 39 -4.34 5.34 11.36
N LEU A 40 -4.13 4.54 10.32
CA LEU A 40 -5.16 4.32 9.31
C LEU A 40 -6.30 3.48 9.88
N ILE A 41 -7.51 3.72 9.36
CA ILE A 41 -8.66 2.89 9.70
C ILE A 41 -8.87 1.82 8.64
N GLY A 42 -7.84 1.03 8.38
CA GLY A 42 -7.91 0.03 7.33
C GLY A 42 -6.96 -1.13 7.58
N HIS A 43 -6.03 -1.34 6.64
CA HIS A 43 -5.16 -2.50 6.67
C HIS A 43 -3.75 -2.11 7.07
N SER A 44 -3.33 -0.90 6.68
CA SER A 44 -1.97 -0.43 6.91
C SER A 44 -0.95 -1.47 6.46
N SER A 45 -1.32 -2.26 5.46
CA SER A 45 -0.47 -3.33 4.95
C SER A 45 -0.96 -3.81 3.60
N ALA A 46 -0.11 -3.68 2.58
CA ALA A 46 -0.50 -3.98 1.21
C ALA A 46 0.19 -5.25 0.70
N GLU A 47 -0.50 -5.98 -0.17
CA GLU A 47 0.06 -7.17 -0.78
C GLU A 47 -0.35 -7.28 -2.25
N CYS A 48 0.63 -7.31 -3.13
CA CYS A 48 0.37 -7.33 -4.57
C CYS A 48 -0.41 -8.59 -4.96
N ILE A 49 -1.64 -8.41 -5.41
CA ILE A 49 -2.51 -9.53 -5.75
C ILE A 49 -3.26 -9.28 -7.06
N LEU A 50 -3.63 -10.35 -7.74
CA LEU A 50 -4.43 -10.25 -8.95
C LEU A 50 -5.91 -10.43 -8.65
N SER A 51 -6.74 -9.58 -9.25
CA SER A 51 -8.18 -9.64 -9.04
C SER A 51 -8.90 -10.00 -10.32
N GLY A 52 -8.46 -9.41 -11.44
CA GLY A 52 -9.09 -9.67 -12.71
C GLY A 52 -8.11 -9.54 -13.88
N ASN A 53 -7.72 -8.31 -14.18
CA ASN A 53 -6.80 -8.05 -15.27
C ASN A 53 -5.79 -6.97 -14.90
N THR A 54 -5.87 -6.50 -13.66
CA THR A 54 -4.97 -5.46 -13.18
C THR A 54 -4.63 -5.68 -11.71
N ALA A 55 -3.42 -6.15 -11.45
CA ALA A 55 -2.96 -6.39 -10.08
C ALA A 55 -2.97 -5.11 -9.27
N HIS A 56 -3.43 -5.20 -8.02
CA HIS A 56 -3.46 -4.05 -7.13
C HIS A 56 -3.23 -4.49 -5.68
N TRP A 57 -3.11 -3.51 -4.79
CA TRP A 57 -2.87 -3.79 -3.38
C TRP A 57 -4.18 -4.01 -2.63
N SER A 58 -4.16 -4.91 -1.65
CA SER A 58 -5.35 -5.23 -0.88
C SER A 58 -5.81 -4.04 -0.05
N THR A 59 -5.02 -2.97 -0.07
CA THR A 59 -5.34 -1.77 0.72
C THR A 59 -6.26 -0.84 -0.05
N LYS A 60 -7.53 -0.83 0.33
CA LYS A 60 -8.48 0.15 -0.18
C LYS A 60 -8.07 1.56 0.20
N PRO A 61 -8.57 2.59 -0.51
CA PRO A 61 -8.23 3.98 -0.24
C PRO A 61 -8.33 4.33 1.25
N PRO A 62 -7.18 4.41 1.93
CA PRO A 62 -7.13 4.56 3.38
C PRO A 62 -7.23 6.02 3.82
N ILE A 63 -7.42 6.23 5.12
CA ILE A 63 -7.45 7.57 5.69
C ILE A 63 -6.51 7.68 6.88
N CYS A 64 -6.19 8.90 7.27
CA CYS A 64 -5.29 9.14 8.39
C CYS A 64 -6.01 9.85 9.54
N GLN A 65 -6.06 9.19 10.69
CA GLN A 65 -6.76 9.73 11.84
C GLN A 65 -5.81 9.86 13.04
N ARG A 66 -5.52 11.11 13.41
CA ARG A 66 -4.68 11.38 14.57
C ARG A 66 -5.23 10.71 15.82
N ILE A 67 -4.35 10.05 16.58
CA ILE A 67 -4.77 9.27 17.73
C ILE A 67 -4.84 10.12 19.00
N PRO A 68 -3.78 10.89 19.31
CA PRO A 68 -3.77 11.75 20.51
C PRO A 68 -4.72 12.93 20.39
N GLU A 1 5.71 -14.54 -21.23
CA GLU A 1 5.77 -13.80 -19.96
C GLU A 1 4.47 -13.04 -19.70
N ALA A 2 3.90 -13.25 -18.52
CA ALA A 2 2.64 -12.60 -18.15
C ALA A 2 2.89 -11.17 -17.69
N GLU A 3 2.02 -10.27 -18.14
CA GLU A 3 2.15 -8.85 -17.79
C GLU A 3 1.39 -8.54 -16.50
N ALA A 4 2.08 -8.66 -15.37
CA ALA A 4 1.48 -8.39 -14.07
C ALA A 4 2.53 -7.99 -13.05
N LYS A 5 3.78 -7.96 -13.48
CA LYS A 5 4.89 -7.58 -12.60
C LYS A 5 4.88 -6.08 -12.33
N SER A 6 5.56 -5.67 -11.27
CA SER A 6 5.63 -4.25 -10.89
C SER A 6 4.24 -3.72 -10.55
N CYS A 7 3.94 -3.66 -9.25
CA CYS A 7 2.63 -3.21 -8.79
C CYS A 7 2.62 -1.69 -8.62
N LYS A 8 1.43 -1.10 -8.69
CA LYS A 8 1.27 0.34 -8.57
C LYS A 8 -0.19 0.71 -8.35
N THR A 9 -0.50 1.18 -7.15
CA THR A 9 -1.90 1.42 -6.77
C THR A 9 -2.00 2.37 -5.56
N PRO A 10 -1.35 2.04 -4.44
CA PRO A 10 -1.56 2.74 -3.17
C PRO A 10 -1.19 4.23 -3.26
N PRO A 11 -2.14 5.12 -2.95
CA PRO A 11 -1.88 6.56 -2.87
C PRO A 11 -0.85 6.90 -1.79
N ASP A 12 -0.50 8.17 -1.69
CA ASP A 12 0.48 8.61 -0.70
C ASP A 12 -0.19 9.38 0.44
N PRO A 13 -0.42 8.72 1.58
CA PRO A 13 -0.99 9.35 2.78
C PRO A 13 -0.27 10.64 3.15
N VAL A 14 -1.02 11.61 3.66
CA VAL A 14 -0.47 12.91 4.02
C VAL A 14 0.46 12.79 5.24
N ASN A 15 1.56 13.53 5.21
CA ASN A 15 2.51 13.55 6.30
C ASN A 15 3.03 12.15 6.59
N GLY A 16 3.63 11.52 5.59
CA GLY A 16 4.21 10.20 5.78
C GLY A 16 4.51 9.49 4.47
N MET A 17 5.49 8.59 4.49
CA MET A 17 5.83 7.81 3.31
C MET A 17 4.92 6.59 3.19
N VAL A 18 4.83 6.05 1.98
CA VAL A 18 3.94 4.92 1.72
C VAL A 18 4.60 3.90 0.79
N HIS A 19 4.27 2.62 1.01
CA HIS A 19 4.76 1.52 0.17
C HIS A 19 6.23 1.68 -0.20
N VAL A 20 6.65 0.92 -1.21
CA VAL A 20 8.07 0.79 -1.55
C VAL A 20 8.91 0.60 -0.29
N ILE A 21 9.03 -0.66 0.14
CA ILE A 21 9.94 -1.01 1.22
C ILE A 21 11.27 -1.51 0.66
N THR A 22 11.19 -2.33 -0.38
CA THR A 22 12.37 -2.82 -1.08
C THR A 22 12.03 -3.20 -2.53
N ASP A 23 10.91 -3.89 -2.69
CA ASP A 23 10.41 -4.26 -4.01
C ASP A 23 8.90 -4.44 -3.98
N ILE A 24 8.21 -3.68 -4.82
CA ILE A 24 6.76 -3.65 -4.81
C ILE A 24 6.18 -4.43 -6.00
N GLN A 25 6.80 -5.58 -6.29
CA GLN A 25 6.28 -6.46 -7.33
C GLN A 25 5.30 -7.47 -6.73
N VAL A 26 4.84 -8.40 -7.55
CA VAL A 26 3.88 -9.41 -7.11
C VAL A 26 4.47 -10.28 -6.01
N GLY A 27 3.65 -10.61 -5.01
CA GLY A 27 4.10 -11.45 -3.92
C GLY A 27 4.80 -10.67 -2.82
N SER A 28 4.81 -9.35 -2.96
CA SER A 28 5.45 -8.49 -1.97
C SER A 28 4.45 -8.04 -0.90
N ARG A 29 4.96 -7.42 0.15
CA ARG A 29 4.11 -6.95 1.25
C ARG A 29 4.68 -5.68 1.87
N ILE A 30 4.17 -4.53 1.43
CA ILE A 30 4.60 -3.25 1.98
C ILE A 30 3.74 -2.85 3.17
N THR A 31 3.90 -1.60 3.60
CA THR A 31 3.25 -1.13 4.82
C THR A 31 2.95 0.37 4.75
N TYR A 32 1.92 0.80 5.45
CA TYR A 32 1.58 2.22 5.54
C TYR A 32 2.05 2.80 6.87
N SER A 33 2.98 3.75 6.80
CA SER A 33 3.59 4.31 8.00
C SER A 33 2.81 5.52 8.50
N CYS A 34 2.88 6.62 7.75
CA CYS A 34 2.27 7.88 8.17
C CYS A 34 2.92 8.40 9.45
N THR A 35 2.82 9.70 9.67
CA THR A 35 3.43 10.33 10.84
C THR A 35 2.83 9.80 12.13
N THR A 36 3.69 9.61 13.14
CA THR A 36 3.27 9.03 14.41
C THR A 36 2.11 9.82 15.01
N GLY A 37 1.07 9.09 15.42
CA GLY A 37 -0.12 9.72 15.97
C GLY A 37 -1.33 9.55 15.08
N HIS A 38 -1.11 9.59 13.77
CA HIS A 38 -2.19 9.42 12.80
C HIS A 38 -2.57 7.95 12.66
N ARG A 39 -3.70 7.58 13.25
CA ARG A 39 -4.17 6.20 13.22
C ARG A 39 -4.77 5.87 11.86
N LEU A 40 -4.27 4.81 11.24
CA LEU A 40 -4.75 4.38 9.93
C LEU A 40 -6.13 3.76 10.04
N ILE A 41 -7.02 4.15 9.12
CA ILE A 41 -8.33 3.50 9.02
C ILE A 41 -8.32 2.48 7.88
N GLY A 42 -7.63 1.37 8.10
CA GLY A 42 -7.51 0.35 7.08
C GLY A 42 -6.90 -0.93 7.60
N HIS A 43 -5.66 -1.21 7.18
CA HIS A 43 -4.97 -2.44 7.57
C HIS A 43 -3.49 -2.15 7.84
N SER A 44 -3.03 -0.98 7.41
CA SER A 44 -1.64 -0.58 7.61
C SER A 44 -0.70 -1.53 6.86
N SER A 45 -1.25 -2.26 5.89
CA SER A 45 -0.46 -3.19 5.09
C SER A 45 -1.28 -3.73 3.93
N ALA A 46 -0.60 -4.35 2.96
CA ALA A 46 -1.27 -4.89 1.78
C ALA A 46 -0.42 -5.96 1.10
N GLU A 47 -1.05 -6.75 0.25
CA GLU A 47 -0.35 -7.78 -0.50
C GLU A 47 -0.80 -7.77 -1.96
N CYS A 48 0.15 -7.53 -2.87
CA CYS A 48 -0.17 -7.38 -4.28
C CYS A 48 -0.50 -8.73 -4.92
N ILE A 49 -1.79 -8.99 -5.09
CA ILE A 49 -2.24 -10.24 -5.70
C ILE A 49 -2.97 -9.98 -7.01
N LEU A 50 -2.86 -10.93 -7.94
CA LEU A 50 -3.51 -10.80 -9.24
C LEU A 50 -5.03 -10.94 -9.11
N SER A 51 -5.73 -9.81 -9.11
CA SER A 51 -7.18 -9.83 -8.99
C SER A 51 -7.82 -10.29 -10.30
N GLY A 52 -7.06 -10.22 -11.39
CA GLY A 52 -7.57 -10.65 -12.68
C GLY A 52 -6.56 -10.44 -13.80
N ASN A 53 -6.71 -9.34 -14.53
CA ASN A 53 -5.80 -9.03 -15.63
C ASN A 53 -4.79 -7.97 -15.20
N THR A 54 -4.81 -7.63 -13.92
CA THR A 54 -3.90 -6.61 -13.39
C THR A 54 -3.62 -6.86 -11.91
N ALA A 55 -2.39 -6.56 -11.49
CA ALA A 55 -1.98 -6.78 -10.11
C ALA A 55 -2.51 -5.68 -9.20
N HIS A 56 -3.41 -6.04 -8.29
CA HIS A 56 -3.97 -5.09 -7.34
C HIS A 56 -3.86 -5.62 -5.91
N TRP A 57 -3.58 -4.72 -4.98
CA TRP A 57 -3.39 -5.10 -3.58
C TRP A 57 -4.70 -5.59 -2.97
N SER A 58 -4.59 -6.47 -1.98
CA SER A 58 -5.76 -7.05 -1.34
C SER A 58 -6.52 -6.00 -0.54
N THR A 59 -5.87 -5.44 0.48
CA THR A 59 -6.52 -4.48 1.38
C THR A 59 -6.93 -3.22 0.64
N LYS A 60 -7.55 -2.29 1.37
CA LYS A 60 -8.00 -1.04 0.80
C LYS A 60 -7.15 0.12 1.31
N PRO A 61 -6.88 1.13 0.45
CA PRO A 61 -6.02 2.27 0.80
C PRO A 61 -6.47 2.96 2.09
N PRO A 62 -5.69 2.81 3.17
CA PRO A 62 -6.01 3.45 4.46
C PRO A 62 -5.76 4.95 4.45
N ILE A 63 -6.05 5.61 5.57
CA ILE A 63 -5.89 7.05 5.67
C ILE A 63 -5.43 7.47 7.05
N CYS A 64 -4.88 8.67 7.13
CA CYS A 64 -4.33 9.18 8.39
C CYS A 64 -5.37 10.04 9.11
N GLN A 65 -5.96 9.48 10.16
CA GLN A 65 -7.03 10.15 10.88
C GLN A 65 -6.52 11.41 11.57
N ARG A 66 -5.32 11.32 12.16
CA ARG A 66 -4.75 12.43 12.92
C ARG A 66 -5.62 12.77 14.12
N ILE A 67 -5.08 12.53 15.32
CA ILE A 67 -5.82 12.79 16.56
C ILE A 67 -5.49 14.17 17.11
N PRO A 68 -6.43 14.79 17.85
CA PRO A 68 -6.23 16.11 18.45
C PRO A 68 -5.18 16.10 19.54
N GLU A 1 0.34 -15.37 -8.04
CA GLU A 1 0.74 -16.35 -9.08
C GLU A 1 1.92 -15.83 -9.90
N ALA A 2 3.07 -16.48 -9.75
CA ALA A 2 4.28 -16.10 -10.48
C ALA A 2 4.72 -14.69 -10.11
N GLU A 3 5.87 -14.28 -10.62
CA GLU A 3 6.41 -12.96 -10.33
C GLU A 3 6.53 -12.13 -11.62
N ALA A 4 5.45 -11.44 -11.96
CA ALA A 4 5.42 -10.62 -13.17
C ALA A 4 4.36 -9.52 -13.07
N LYS A 5 4.18 -8.77 -14.15
CA LYS A 5 3.20 -7.69 -14.21
C LYS A 5 3.57 -6.58 -13.23
N SER A 6 3.13 -5.36 -13.54
CA SER A 6 3.46 -4.19 -12.73
C SER A 6 2.25 -3.72 -11.94
N CYS A 7 2.43 -3.55 -10.63
CA CYS A 7 1.36 -3.07 -9.76
C CYS A 7 1.43 -1.56 -9.58
N LYS A 8 0.29 -0.90 -9.68
CA LYS A 8 0.23 0.55 -9.55
C LYS A 8 0.75 0.99 -8.18
N THR A 9 1.90 1.65 -8.17
CA THR A 9 2.55 2.05 -6.93
C THR A 9 1.75 3.13 -6.22
N PRO A 10 1.74 3.12 -4.87
CA PRO A 10 0.95 4.05 -4.07
C PRO A 10 1.57 5.44 -4.00
N PRO A 11 0.74 6.50 -4.10
CA PRO A 11 1.20 7.88 -3.95
C PRO A 11 1.54 8.23 -2.50
N ASP A 12 2.40 9.23 -2.32
CA ASP A 12 2.83 9.63 -0.99
C ASP A 12 1.63 10.03 -0.12
N PRO A 13 1.33 9.23 0.91
CA PRO A 13 0.20 9.51 1.81
C PRO A 13 0.34 10.86 2.53
N VAL A 14 -0.80 11.43 2.90
CA VAL A 14 -0.79 12.70 3.63
C VAL A 14 -0.22 12.52 5.03
N ASN A 15 0.74 13.38 5.39
CA ASN A 15 1.43 13.27 6.67
C ASN A 15 2.01 11.88 6.86
N GLY A 16 2.33 11.21 5.76
CA GLY A 16 2.89 9.88 5.83
C GLY A 16 3.94 9.63 4.76
N MET A 17 4.39 8.38 4.66
CA MET A 17 5.40 8.02 3.68
C MET A 17 5.51 6.50 3.55
N VAL A 18 5.48 6.02 2.30
CA VAL A 18 5.63 4.59 2.03
C VAL A 18 7.11 4.21 1.96
N HIS A 19 7.41 3.00 2.45
CA HIS A 19 8.79 2.57 2.59
C HIS A 19 9.30 1.91 1.31
N VAL A 20 8.45 1.07 0.72
CA VAL A 20 8.83 0.31 -0.47
C VAL A 20 10.16 -0.43 -0.22
N ILE A 21 10.06 -1.64 0.31
CA ILE A 21 11.24 -2.39 0.73
C ILE A 21 12.09 -2.80 -0.49
N THR A 22 11.58 -3.75 -1.26
CA THR A 22 12.33 -4.29 -2.39
C THR A 22 11.75 -3.81 -3.71
N ASP A 23 10.47 -4.10 -3.94
CA ASP A 23 9.82 -3.77 -5.19
C ASP A 23 8.37 -3.36 -4.95
N ILE A 24 7.60 -3.26 -6.03
CA ILE A 24 6.21 -2.83 -5.93
C ILE A 24 5.34 -3.56 -6.95
N GLN A 25 5.73 -4.80 -7.26
CA GLN A 25 4.94 -5.64 -8.16
C GLN A 25 4.41 -6.87 -7.41
N VAL A 26 3.92 -7.84 -8.18
CA VAL A 26 3.41 -9.07 -7.59
C VAL A 26 4.49 -9.81 -6.81
N GLY A 27 4.16 -10.20 -5.58
CA GLY A 27 5.10 -10.94 -4.76
C GLY A 27 5.94 -10.03 -3.88
N SER A 28 5.83 -8.72 -4.10
CA SER A 28 6.58 -7.75 -3.31
C SER A 28 5.69 -7.04 -2.31
N ARG A 29 6.07 -7.11 -1.03
CA ARG A 29 5.29 -6.50 0.03
C ARG A 29 5.95 -5.22 0.54
N ILE A 30 5.20 -4.12 0.53
CA ILE A 30 5.68 -2.86 1.07
C ILE A 30 4.93 -2.49 2.34
N THR A 31 5.37 -1.43 3.01
CA THR A 31 4.77 -1.01 4.27
C THR A 31 4.47 0.48 4.27
N TYR A 32 3.35 0.85 4.89
CA TYR A 32 2.95 2.24 4.99
C TYR A 32 3.09 2.74 6.43
N SER A 33 3.37 4.04 6.59
CA SER A 33 3.50 4.62 7.92
C SER A 33 3.11 6.10 7.90
N CYS A 34 2.26 6.49 8.84
CA CYS A 34 1.85 7.89 8.96
C CYS A 34 2.41 8.51 10.23
N THR A 35 2.24 9.82 10.37
CA THR A 35 2.71 10.54 11.54
C THR A 35 2.09 9.98 12.82
N THR A 36 2.83 10.08 13.91
CA THR A 36 2.37 9.54 15.19
C THR A 36 1.12 10.25 15.69
N GLY A 37 0.18 9.49 16.23
CA GLY A 37 -1.07 10.07 16.70
C GLY A 37 -2.13 10.05 15.62
N HIS A 38 -1.94 9.23 14.60
CA HIS A 38 -2.86 9.16 13.48
C HIS A 38 -3.23 7.71 13.17
N ARG A 39 -4.51 7.48 12.86
CA ARG A 39 -5.01 6.14 12.62
C ARG A 39 -4.91 5.76 11.15
N LEU A 40 -4.00 4.83 10.84
CA LEU A 40 -3.84 4.35 9.47
C LEU A 40 -5.08 3.58 9.02
N ILE A 41 -5.60 3.93 7.85
CA ILE A 41 -6.71 3.19 7.26
C ILE A 41 -6.21 2.19 6.22
N GLY A 42 -6.60 0.93 6.39
CA GLY A 42 -6.06 -0.12 5.56
C GLY A 42 -5.60 -1.32 6.37
N HIS A 43 -4.28 -1.45 6.53
CA HIS A 43 -3.72 -2.54 7.31
C HIS A 43 -2.25 -2.27 7.63
N SER A 44 -1.84 -1.02 7.50
CA SER A 44 -0.45 -0.63 7.77
C SER A 44 0.52 -1.45 6.91
N SER A 45 -0.02 -2.10 5.87
CA SER A 45 0.80 -2.91 4.98
C SER A 45 -0.03 -3.38 3.79
N ALA A 46 0.66 -3.77 2.71
CA ALA A 46 -0.02 -4.17 1.48
C ALA A 46 0.77 -5.23 0.73
N GLU A 47 0.04 -6.13 0.07
CA GLU A 47 0.66 -7.07 -0.86
C GLU A 47 -0.17 -7.16 -2.14
N CYS A 48 0.44 -6.84 -3.27
CA CYS A 48 -0.28 -6.76 -4.54
C CYS A 48 -1.03 -8.07 -4.82
N ILE A 49 -2.32 -8.08 -4.51
CA ILE A 49 -3.13 -9.28 -4.61
C ILE A 49 -3.75 -9.44 -6.00
N LEU A 50 -4.66 -10.40 -6.12
CA LEU A 50 -5.22 -10.77 -7.41
C LEU A 50 -4.14 -11.29 -8.36
N SER A 51 -3.44 -10.37 -9.00
CA SER A 51 -2.35 -10.75 -9.92
C SER A 51 -2.85 -11.69 -11.01
N GLY A 52 -4.15 -11.59 -11.31
CA GLY A 52 -4.72 -12.40 -12.38
C GLY A 52 -5.37 -11.56 -13.45
N ASN A 53 -6.69 -11.40 -13.37
CA ASN A 53 -7.41 -10.50 -14.25
C ASN A 53 -7.25 -9.05 -13.79
N THR A 54 -6.63 -8.88 -12.63
CA THR A 54 -6.36 -7.56 -12.09
C THR A 54 -5.14 -7.58 -11.17
N ALA A 55 -4.87 -6.46 -10.50
CA ALA A 55 -3.67 -6.33 -9.69
C ALA A 55 -3.65 -4.99 -8.96
N HIS A 56 -3.66 -5.04 -7.64
CA HIS A 56 -3.60 -3.83 -6.83
C HIS A 56 -3.22 -4.16 -5.39
N TRP A 57 -3.03 -3.13 -4.57
CA TRP A 57 -2.61 -3.30 -3.19
C TRP A 57 -3.82 -3.42 -2.26
N SER A 58 -3.63 -4.12 -1.15
CA SER A 58 -4.74 -4.46 -0.26
C SER A 58 -5.07 -3.28 0.66
N THR A 59 -4.29 -2.22 0.58
CA THR A 59 -4.53 -1.03 1.38
C THR A 59 -5.64 -0.17 0.78
N LYS A 60 -6.34 0.57 1.63
CA LYS A 60 -7.44 1.41 1.19
C LYS A 60 -6.96 2.83 0.88
N PRO A 61 -7.50 3.45 -0.18
CA PRO A 61 -7.19 4.84 -0.52
C PRO A 61 -7.26 5.80 0.67
N PRO A 62 -8.32 5.70 1.52
CA PRO A 62 -8.46 6.57 2.69
C PRO A 62 -7.17 6.72 3.47
N ILE A 63 -6.50 5.60 3.73
CA ILE A 63 -5.22 5.59 4.43
C ILE A 63 -5.25 6.50 5.67
N CYS A 64 -4.08 6.87 6.15
CA CYS A 64 -3.96 7.70 7.36
C CYS A 64 -5.09 8.71 7.45
N GLN A 65 -5.81 8.68 8.57
CA GLN A 65 -7.04 9.45 8.71
C GLN A 65 -6.77 10.82 9.32
N ARG A 66 -5.82 10.88 10.23
CA ARG A 66 -5.47 12.13 10.92
C ARG A 66 -6.65 12.64 11.75
N ILE A 67 -6.48 12.65 13.06
CA ILE A 67 -7.50 13.13 13.97
C ILE A 67 -7.19 14.54 14.45
N PRO A 68 -8.22 15.38 14.65
CA PRO A 68 -8.05 16.75 15.12
C PRO A 68 -7.31 16.82 16.46
#